data_3LA9
# 
_entry.id   3LA9 
# 
_audit_conform.dict_name       mmcif_pdbx.dic 
_audit_conform.dict_version    5.387 
_audit_conform.dict_location   http://mmcif.pdb.org/dictionaries/ascii/mmcif_pdbx.dic 
# 
loop_
_database_2.database_id 
_database_2.database_code 
_database_2.pdbx_database_accession 
_database_2.pdbx_DOI 
PDB   3LA9         pdb_00003la9 10.2210/pdb3la9/pdb 
RCSB  RCSB057029   ?            ?                   
WWPDB D_1000057029 ?            ?                   
# 
loop_
_pdbx_audit_revision_history.ordinal 
_pdbx_audit_revision_history.data_content_type 
_pdbx_audit_revision_history.major_revision 
_pdbx_audit_revision_history.minor_revision 
_pdbx_audit_revision_history.revision_date 
1 'Structure model' 1 0 2010-05-12 
2 'Structure model' 1 1 2011-07-13 
3 'Structure model' 1 2 2017-09-27 
4 'Structure model' 1 3 2024-02-21 
# 
_pdbx_audit_revision_details.ordinal             1 
_pdbx_audit_revision_details.revision_ordinal    1 
_pdbx_audit_revision_details.data_content_type   'Structure model' 
_pdbx_audit_revision_details.provider            repository 
_pdbx_audit_revision_details.type                'Initial release' 
_pdbx_audit_revision_details.description         ? 
_pdbx_audit_revision_details.details             ? 
# 
loop_
_pdbx_audit_revision_group.ordinal 
_pdbx_audit_revision_group.revision_ordinal 
_pdbx_audit_revision_group.data_content_type 
_pdbx_audit_revision_group.group 
1 2 'Structure model' 'Version format compliance' 
2 3 'Structure model' 'Data collection'           
3 4 'Structure model' 'Data collection'           
4 4 'Structure model' 'Database references'       
5 4 'Structure model' 'Derived calculations'      
# 
loop_
_pdbx_audit_revision_category.ordinal 
_pdbx_audit_revision_category.revision_ordinal 
_pdbx_audit_revision_category.data_content_type 
_pdbx_audit_revision_category.category 
1 3 'Structure model' pdbx_diffrn_reflns_shell 
2 4 'Structure model' chem_comp_atom           
3 4 'Structure model' chem_comp_bond           
4 4 'Structure model' database_2               
5 4 'Structure model' struct_ref_seq_dif       
6 4 'Structure model' struct_site              
# 
loop_
_pdbx_audit_revision_item.ordinal 
_pdbx_audit_revision_item.revision_ordinal 
_pdbx_audit_revision_item.data_content_type 
_pdbx_audit_revision_item.item 
1 3 'Structure model' '_pdbx_diffrn_reflns_shell.percent_possible_obs' 
2 4 'Structure model' '_database_2.pdbx_DOI'                           
3 4 'Structure model' '_database_2.pdbx_database_accession'            
4 4 'Structure model' '_struct_ref_seq_dif.details'                    
5 4 'Structure model' '_struct_site.pdbx_auth_asym_id'                 
6 4 'Structure model' '_struct_site.pdbx_auth_comp_id'                 
7 4 'Structure model' '_struct_site.pdbx_auth_seq_id'                  
# 
_pdbx_database_status.entry_id                        3LA9 
_pdbx_database_status.deposit_site                    RCSB 
_pdbx_database_status.process_site                    RCSB 
_pdbx_database_status.recvd_initial_deposition_date   2010-01-06 
_pdbx_database_status.status_code                     REL 
_pdbx_database_status.status_code_sf                  REL 
_pdbx_database_status.status_code_mr                  ? 
_pdbx_database_status.SG_entry                        Y 
_pdbx_database_status.status_code_cs                  ? 
_pdbx_database_status.pdb_format_compatible           Y 
_pdbx_database_status.methods_development_category    ? 
_pdbx_database_status.status_code_nmr_data            ? 
# 
loop_
_pdbx_database_related.db_name 
_pdbx_database_related.details 
_pdbx_database_related.db_id 
_pdbx_database_related.content_type 
PDB      'High Resolution Native' 3LAA          unspecified 
TargetDB .                        BupsA.01663.a unspecified 
# 
_audit_author.name           'Seattle Structural Genomics Center for Infectious Disease (SSGCID)' 
_audit_author.pdbx_ordinal   1 
# 
_citation.id                        primary 
_citation.title                     'Structure of a Burkholderia pseudomallei trimeric autotransporter adhesin head.' 
_citation.journal_abbrev            'Plos One' 
_citation.journal_volume            5 
_citation.page_first                12803 
_citation.page_last                 12811 
_citation.year                      2010 
_citation.journal_id_ASTM           ? 
_citation.country                   US 
_citation.journal_id_ISSN           1932-6203 
_citation.journal_id_CSD            ? 
_citation.book_publisher            ? 
_citation.pdbx_database_id_PubMed   20862217 
_citation.pdbx_database_id_DOI      10.1371/journal.pone.0012803 
# 
loop_
_citation_author.citation_id 
_citation_author.name 
_citation_author.ordinal 
_citation_author.identifier_ORCID 
primary 'Edwards, T.E.'     1  ? 
primary 'Phan, I.'          2  ? 
primary 'Abendroth, J.'     3  ? 
primary 'Dieterich, S.H.'   4  ? 
primary 'Masoudi, A.'       5  ? 
primary 'Guo, W.'           6  ? 
primary 'Hewitt, S.N.'      7  ? 
primary 'Kelley, A.'        8  ? 
primary 'Leibly, D.'        9  ? 
primary 'Brittnacher, M.J.' 10 ? 
primary 'Staker, B.L.'      11 ? 
primary 'Miller, S.I.'      12 ? 
primary 'Van Voorhis, W.C.' 13 ? 
primary 'Myler, P.J.'       14 ? 
primary 'Stewart, L.J.'     15 ? 
# 
loop_
_entity.id 
_entity.type 
_entity.src_method 
_entity.pdbx_description 
_entity.formula_weight 
_entity.pdbx_number_of_molecules 
_entity.pdbx_ec 
_entity.pdbx_mutation 
_entity.pdbx_fragment 
_entity.details 
1 polymer     man 'Haemagglutinin family protein' 19368.803 1   ? ? ? ? 
2 non-polymer syn 'IODIDE ION'                    126.904   9   ? ? ? ? 
3 water       nat water                           18.015    165 ? ? ? ? 
# 
_entity_poly.entity_id                      1 
_entity_poly.type                           'polypeptide(L)' 
_entity_poly.nstd_linkage                   no 
_entity_poly.nstd_monomer                   no 
_entity_poly.pdbx_seq_one_letter_code       
;MAHHHHHHMGTLEAQTQGPGSMGSLSTSISSITTNTTNLGNSTAAALGGGATYDPATGAISAPSYTTYNANGTTATNTSV
GAAIDNINANGIKYFHANSTDPDSVATGTNSVAIGPNAVANVDYSVAIGSGATTSAAVPVASASVGGLTFGGFAGSAPIG
VFSVGAPGAERQITNVAAGRISAASTDAVNGSQLYATNSN
;
_entity_poly.pdbx_seq_one_letter_code_can   
;MAHHHHHHMGTLEAQTQGPGSMGSLSTSISSITTNTTNLGNSTAAALGGGATYDPATGAISAPSYTTYNANGTTATNTSV
GAAIDNINANGIKYFHANSTDPDSVATGTNSVAIGPNAVANVDYSVAIGSGATTSAAVPVASASVGGLTFGGFAGSAPIG
VFSVGAPGAERQITNVAAGRISAASTDAVNGSQLYATNSN
;
_entity_poly.pdbx_strand_id                 A 
_entity_poly.pdbx_target_identifier         BupsA.01663.a 
# 
loop_
_pdbx_entity_nonpoly.entity_id 
_pdbx_entity_nonpoly.name 
_pdbx_entity_nonpoly.comp_id 
2 'IODIDE ION' IOD 
3 water        HOH 
# 
loop_
_entity_poly_seq.entity_id 
_entity_poly_seq.num 
_entity_poly_seq.mon_id 
_entity_poly_seq.hetero 
1 1   MET n 
1 2   ALA n 
1 3   HIS n 
1 4   HIS n 
1 5   HIS n 
1 6   HIS n 
1 7   HIS n 
1 8   HIS n 
1 9   MET n 
1 10  GLY n 
1 11  THR n 
1 12  LEU n 
1 13  GLU n 
1 14  ALA n 
1 15  GLN n 
1 16  THR n 
1 17  GLN n 
1 18  GLY n 
1 19  PRO n 
1 20  GLY n 
1 21  SER n 
1 22  MET n 
1 23  GLY n 
1 24  SER n 
1 25  LEU n 
1 26  SER n 
1 27  THR n 
1 28  SER n 
1 29  ILE n 
1 30  SER n 
1 31  SER n 
1 32  ILE n 
1 33  THR n 
1 34  THR n 
1 35  ASN n 
1 36  THR n 
1 37  THR n 
1 38  ASN n 
1 39  LEU n 
1 40  GLY n 
1 41  ASN n 
1 42  SER n 
1 43  THR n 
1 44  ALA n 
1 45  ALA n 
1 46  ALA n 
1 47  LEU n 
1 48  GLY n 
1 49  GLY n 
1 50  GLY n 
1 51  ALA n 
1 52  THR n 
1 53  TYR n 
1 54  ASP n 
1 55  PRO n 
1 56  ALA n 
1 57  THR n 
1 58  GLY n 
1 59  ALA n 
1 60  ILE n 
1 61  SER n 
1 62  ALA n 
1 63  PRO n 
1 64  SER n 
1 65  TYR n 
1 66  THR n 
1 67  THR n 
1 68  TYR n 
1 69  ASN n 
1 70  ALA n 
1 71  ASN n 
1 72  GLY n 
1 73  THR n 
1 74  THR n 
1 75  ALA n 
1 76  THR n 
1 77  ASN n 
1 78  THR n 
1 79  SER n 
1 80  VAL n 
1 81  GLY n 
1 82  ALA n 
1 83  ALA n 
1 84  ILE n 
1 85  ASP n 
1 86  ASN n 
1 87  ILE n 
1 88  ASN n 
1 89  ALA n 
1 90  ASN n 
1 91  GLY n 
1 92  ILE n 
1 93  LYS n 
1 94  TYR n 
1 95  PHE n 
1 96  HIS n 
1 97  ALA n 
1 98  ASN n 
1 99  SER n 
1 100 THR n 
1 101 ASP n 
1 102 PRO n 
1 103 ASP n 
1 104 SER n 
1 105 VAL n 
1 106 ALA n 
1 107 THR n 
1 108 GLY n 
1 109 THR n 
1 110 ASN n 
1 111 SER n 
1 112 VAL n 
1 113 ALA n 
1 114 ILE n 
1 115 GLY n 
1 116 PRO n 
1 117 ASN n 
1 118 ALA n 
1 119 VAL n 
1 120 ALA n 
1 121 ASN n 
1 122 VAL n 
1 123 ASP n 
1 124 TYR n 
1 125 SER n 
1 126 VAL n 
1 127 ALA n 
1 128 ILE n 
1 129 GLY n 
1 130 SER n 
1 131 GLY n 
1 132 ALA n 
1 133 THR n 
1 134 THR n 
1 135 SER n 
1 136 ALA n 
1 137 ALA n 
1 138 VAL n 
1 139 PRO n 
1 140 VAL n 
1 141 ALA n 
1 142 SER n 
1 143 ALA n 
1 144 SER n 
1 145 VAL n 
1 146 GLY n 
1 147 GLY n 
1 148 LEU n 
1 149 THR n 
1 150 PHE n 
1 151 GLY n 
1 152 GLY n 
1 153 PHE n 
1 154 ALA n 
1 155 GLY n 
1 156 SER n 
1 157 ALA n 
1 158 PRO n 
1 159 ILE n 
1 160 GLY n 
1 161 VAL n 
1 162 PHE n 
1 163 SER n 
1 164 VAL n 
1 165 GLY n 
1 166 ALA n 
1 167 PRO n 
1 168 GLY n 
1 169 ALA n 
1 170 GLU n 
1 171 ARG n 
1 172 GLN n 
1 173 ILE n 
1 174 THR n 
1 175 ASN n 
1 176 VAL n 
1 177 ALA n 
1 178 ALA n 
1 179 GLY n 
1 180 ARG n 
1 181 ILE n 
1 182 SER n 
1 183 ALA n 
1 184 ALA n 
1 185 SER n 
1 186 THR n 
1 187 ASP n 
1 188 ALA n 
1 189 VAL n 
1 190 ASN n 
1 191 GLY n 
1 192 SER n 
1 193 GLN n 
1 194 LEU n 
1 195 TYR n 
1 196 ALA n 
1 197 THR n 
1 198 ASN n 
1 199 SER n 
1 200 ASN n 
# 
_entity_src_gen.entity_id                          1 
_entity_src_gen.pdbx_src_id                        1 
_entity_src_gen.pdbx_alt_source_flag               sample 
_entity_src_gen.pdbx_seq_type                      ? 
_entity_src_gen.pdbx_beg_seq_num                   ? 
_entity_src_gen.pdbx_end_seq_num                   ? 
_entity_src_gen.gene_src_common_name               ? 
_entity_src_gen.gene_src_genus                     ? 
_entity_src_gen.pdbx_gene_src_gene                 'BURPS1710b_A0459, xadA' 
_entity_src_gen.gene_src_species                   ? 
_entity_src_gen.gene_src_strain                    1710b 
_entity_src_gen.gene_src_tissue                    ? 
_entity_src_gen.gene_src_tissue_fraction           ? 
_entity_src_gen.gene_src_details                   ? 
_entity_src_gen.pdbx_gene_src_fragment             ? 
_entity_src_gen.pdbx_gene_src_scientific_name      'Burkholderia pseudomallei' 
_entity_src_gen.pdbx_gene_src_ncbi_taxonomy_id     320372 
_entity_src_gen.pdbx_gene_src_variant              ? 
_entity_src_gen.pdbx_gene_src_cell_line            ? 
_entity_src_gen.pdbx_gene_src_atcc                 ? 
_entity_src_gen.pdbx_gene_src_organ                ? 
_entity_src_gen.pdbx_gene_src_organelle            ? 
_entity_src_gen.pdbx_gene_src_cell                 ? 
_entity_src_gen.pdbx_gene_src_cellular_location    ? 
_entity_src_gen.host_org_common_name               ? 
_entity_src_gen.pdbx_host_org_scientific_name      'Escherichia coli' 
_entity_src_gen.pdbx_host_org_ncbi_taxonomy_id     562 
_entity_src_gen.host_org_genus                     ? 
_entity_src_gen.pdbx_host_org_gene                 ? 
_entity_src_gen.pdbx_host_org_organ                ? 
_entity_src_gen.host_org_species                   ? 
_entity_src_gen.pdbx_host_org_tissue               ? 
_entity_src_gen.pdbx_host_org_tissue_fraction      ? 
_entity_src_gen.pdbx_host_org_strain               ? 
_entity_src_gen.pdbx_host_org_variant              ? 
_entity_src_gen.pdbx_host_org_cell_line            ? 
_entity_src_gen.pdbx_host_org_atcc                 ? 
_entity_src_gen.pdbx_host_org_culture_collection   ? 
_entity_src_gen.pdbx_host_org_cell                 ? 
_entity_src_gen.pdbx_host_org_organelle            ? 
_entity_src_gen.pdbx_host_org_cellular_location    ? 
_entity_src_gen.pdbx_host_org_vector_type          AVA0421 
_entity_src_gen.pdbx_host_org_vector               ? 
_entity_src_gen.host_org_details                   ? 
_entity_src_gen.expression_system_id               ? 
_entity_src_gen.plasmid_name                       ? 
_entity_src_gen.plasmid_details                    ? 
_entity_src_gen.pdbx_description                   ? 
# 
loop_
_chem_comp.id 
_chem_comp.type 
_chem_comp.mon_nstd_flag 
_chem_comp.name 
_chem_comp.pdbx_synonyms 
_chem_comp.formula 
_chem_comp.formula_weight 
ALA 'L-peptide linking' y ALANINE         ? 'C3 H7 N O2'     89.093  
ARG 'L-peptide linking' y ARGININE        ? 'C6 H15 N4 O2 1' 175.209 
ASN 'L-peptide linking' y ASPARAGINE      ? 'C4 H8 N2 O3'    132.118 
ASP 'L-peptide linking' y 'ASPARTIC ACID' ? 'C4 H7 N O4'     133.103 
GLN 'L-peptide linking' y GLUTAMINE       ? 'C5 H10 N2 O3'   146.144 
GLU 'L-peptide linking' y 'GLUTAMIC ACID' ? 'C5 H9 N O4'     147.129 
GLY 'peptide linking'   y GLYCINE         ? 'C2 H5 N O2'     75.067  
HIS 'L-peptide linking' y HISTIDINE       ? 'C6 H10 N3 O2 1' 156.162 
HOH non-polymer         . WATER           ? 'H2 O'           18.015  
ILE 'L-peptide linking' y ISOLEUCINE      ? 'C6 H13 N O2'    131.173 
IOD non-polymer         . 'IODIDE ION'    ? 'I -1'           126.904 
LEU 'L-peptide linking' y LEUCINE         ? 'C6 H13 N O2'    131.173 
LYS 'L-peptide linking' y LYSINE          ? 'C6 H15 N2 O2 1' 147.195 
MET 'L-peptide linking' y METHIONINE      ? 'C5 H11 N O2 S'  149.211 
PHE 'L-peptide linking' y PHENYLALANINE   ? 'C9 H11 N O2'    165.189 
PRO 'L-peptide linking' y PROLINE         ? 'C5 H9 N O2'     115.130 
SER 'L-peptide linking' y SERINE          ? 'C3 H7 N O3'     105.093 
THR 'L-peptide linking' y THREONINE       ? 'C4 H9 N O3'     119.119 
TYR 'L-peptide linking' y TYROSINE        ? 'C9 H11 N O3'    181.189 
VAL 'L-peptide linking' y VALINE          ? 'C5 H11 N O2'    117.146 
# 
loop_
_pdbx_poly_seq_scheme.asym_id 
_pdbx_poly_seq_scheme.entity_id 
_pdbx_poly_seq_scheme.seq_id 
_pdbx_poly_seq_scheme.mon_id 
_pdbx_poly_seq_scheme.ndb_seq_num 
_pdbx_poly_seq_scheme.pdb_seq_num 
_pdbx_poly_seq_scheme.auth_seq_num 
_pdbx_poly_seq_scheme.pdb_mon_id 
_pdbx_poly_seq_scheme.auth_mon_id 
_pdbx_poly_seq_scheme.pdb_strand_id 
_pdbx_poly_seq_scheme.pdb_ins_code 
_pdbx_poly_seq_scheme.hetero 
A 1 1   MET 1   -20 ?   ?   ?   A . n 
A 1 2   ALA 2   -19 ?   ?   ?   A . n 
A 1 3   HIS 3   -18 ?   ?   ?   A . n 
A 1 4   HIS 4   -17 ?   ?   ?   A . n 
A 1 5   HIS 5   -16 ?   ?   ?   A . n 
A 1 6   HIS 6   -15 ?   ?   ?   A . n 
A 1 7   HIS 7   -14 ?   ?   ?   A . n 
A 1 8   HIS 8   -13 ?   ?   ?   A . n 
A 1 9   MET 9   -12 ?   ?   ?   A . n 
A 1 10  GLY 10  -11 ?   ?   ?   A . n 
A 1 11  THR 11  -10 ?   ?   ?   A . n 
A 1 12  LEU 12  -9  ?   ?   ?   A . n 
A 1 13  GLU 13  -8  ?   ?   ?   A . n 
A 1 14  ALA 14  -7  ?   ?   ?   A . n 
A 1 15  GLN 15  -6  ?   ?   ?   A . n 
A 1 16  THR 16  -5  ?   ?   ?   A . n 
A 1 17  GLN 17  -4  ?   ?   ?   A . n 
A 1 18  GLY 18  -3  ?   ?   ?   A . n 
A 1 19  PRO 19  -2  ?   ?   ?   A . n 
A 1 20  GLY 20  -1  ?   ?   ?   A . n 
A 1 21  SER 21  0   ?   ?   ?   A . n 
A 1 22  MET 22  1   ?   ?   ?   A . n 
A 1 23  GLY 23  2   ?   ?   ?   A . n 
A 1 24  SER 24  3   ?   ?   ?   A . n 
A 1 25  LEU 25  4   ?   ?   ?   A . n 
A 1 26  SER 26  5   5   SER SER A . n 
A 1 27  THR 27  6   6   THR THR A . n 
A 1 28  SER 28  7   7   SER SER A . n 
A 1 29  ILE 29  8   8   ILE ILE A . n 
A 1 30  SER 30  9   9   SER SER A . n 
A 1 31  SER 31  10  10  SER SER A . n 
A 1 32  ILE 32  11  11  ILE ILE A . n 
A 1 33  THR 33  12  12  THR THR A . n 
A 1 34  THR 34  13  13  THR THR A . n 
A 1 35  ASN 35  14  14  ASN ASN A . n 
A 1 36  THR 36  15  15  THR THR A . n 
A 1 37  THR 37  16  16  THR THR A . n 
A 1 38  ASN 38  17  17  ASN ASN A . n 
A 1 39  LEU 39  18  18  LEU LEU A . n 
A 1 40  GLY 40  19  19  GLY GLY A . n 
A 1 41  ASN 41  20  20  ASN ASN A . n 
A 1 42  SER 42  21  21  SER SER A . n 
A 1 43  THR 43  22  22  THR THR A . n 
A 1 44  ALA 44  23  23  ALA ALA A . n 
A 1 45  ALA 45  24  24  ALA ALA A . n 
A 1 46  ALA 46  25  25  ALA ALA A . n 
A 1 47  LEU 47  26  26  LEU LEU A . n 
A 1 48  GLY 48  27  27  GLY GLY A . n 
A 1 49  GLY 49  28  28  GLY GLY A . n 
A 1 50  GLY 50  29  29  GLY GLY A . n 
A 1 51  ALA 51  30  30  ALA ALA A . n 
A 1 52  THR 52  31  31  THR THR A . n 
A 1 53  TYR 53  32  32  TYR TYR A . n 
A 1 54  ASP 54  33  33  ASP ASP A . n 
A 1 55  PRO 55  34  34  PRO PRO A . n 
A 1 56  ALA 56  35  35  ALA ALA A . n 
A 1 57  THR 57  36  36  THR THR A . n 
A 1 58  GLY 58  37  37  GLY GLY A . n 
A 1 59  ALA 59  38  38  ALA ALA A . n 
A 1 60  ILE 60  39  39  ILE ILE A . n 
A 1 61  SER 61  40  40  SER SER A . n 
A 1 62  ALA 62  41  41  ALA ALA A . n 
A 1 63  PRO 63  42  42  PRO PRO A . n 
A 1 64  SER 64  43  43  SER SER A . n 
A 1 65  TYR 65  44  44  TYR TYR A . n 
A 1 66  THR 66  45  45  THR THR A . n 
A 1 67  THR 67  46  46  THR THR A . n 
A 1 68  TYR 68  47  47  TYR TYR A . n 
A 1 69  ASN 69  48  48  ASN ASN A . n 
A 1 70  ALA 70  49  49  ALA ALA A . n 
A 1 71  ASN 71  50  50  ASN ASN A . n 
A 1 72  GLY 72  51  51  GLY GLY A . n 
A 1 73  THR 73  52  52  THR THR A . n 
A 1 74  THR 74  53  53  THR THR A . n 
A 1 75  ALA 75  54  54  ALA ALA A . n 
A 1 76  THR 76  55  55  THR THR A . n 
A 1 77  ASN 77  56  56  ASN ASN A . n 
A 1 78  THR 78  57  57  THR THR A . n 
A 1 79  SER 79  58  58  SER SER A . n 
A 1 80  VAL 80  59  59  VAL VAL A . n 
A 1 81  GLY 81  60  60  GLY GLY A . n 
A 1 82  ALA 82  61  61  ALA ALA A . n 
A 1 83  ALA 83  62  62  ALA ALA A . n 
A 1 84  ILE 84  63  63  ILE ILE A . n 
A 1 85  ASP 85  64  64  ASP ASP A . n 
A 1 86  ASN 86  65  65  ASN ASN A . n 
A 1 87  ILE 87  66  66  ILE ILE A . n 
A 1 88  ASN 88  67  67  ASN ASN A . n 
A 1 89  ALA 89  68  68  ALA ALA A . n 
A 1 90  ASN 90  69  69  ASN ASN A . n 
A 1 91  GLY 91  70  70  GLY GLY A . n 
A 1 92  ILE 92  71  71  ILE ILE A . n 
A 1 93  LYS 93  72  72  LYS LYS A . n 
A 1 94  TYR 94  73  73  TYR TYR A . n 
A 1 95  PHE 95  74  74  PHE PHE A . n 
A 1 96  HIS 96  75  75  HIS HIS A . n 
A 1 97  ALA 97  76  76  ALA ALA A . n 
A 1 98  ASN 98  77  77  ASN ASN A . n 
A 1 99  SER 99  78  78  SER SER A . n 
A 1 100 THR 100 79  79  THR THR A . n 
A 1 101 ASP 101 80  80  ASP ASP A . n 
A 1 102 PRO 102 81  81  PRO PRO A . n 
A 1 103 ASP 103 82  82  ASP ASP A . n 
A 1 104 SER 104 83  83  SER SER A . n 
A 1 105 VAL 105 84  84  VAL VAL A . n 
A 1 106 ALA 106 85  85  ALA ALA A . n 
A 1 107 THR 107 86  86  THR THR A . n 
A 1 108 GLY 108 87  87  GLY GLY A . n 
A 1 109 THR 109 88  88  THR THR A . n 
A 1 110 ASN 110 89  89  ASN ASN A . n 
A 1 111 SER 111 90  90  SER SER A . n 
A 1 112 VAL 112 91  91  VAL VAL A . n 
A 1 113 ALA 113 92  92  ALA ALA A . n 
A 1 114 ILE 114 93  93  ILE ILE A . n 
A 1 115 GLY 115 94  94  GLY GLY A . n 
A 1 116 PRO 116 95  95  PRO PRO A . n 
A 1 117 ASN 117 96  96  ASN ASN A . n 
A 1 118 ALA 118 97  97  ALA ALA A . n 
A 1 119 VAL 119 98  98  VAL VAL A . n 
A 1 120 ALA 120 99  99  ALA ALA A . n 
A 1 121 ASN 121 100 100 ASN ASN A . n 
A 1 122 VAL 122 101 101 VAL VAL A . n 
A 1 123 ASP 123 102 102 ASP ASP A . n 
A 1 124 TYR 124 103 103 TYR TYR A . n 
A 1 125 SER 125 104 104 SER SER A . n 
A 1 126 VAL 126 105 105 VAL VAL A . n 
A 1 127 ALA 127 106 106 ALA ALA A . n 
A 1 128 ILE 128 107 107 ILE ILE A . n 
A 1 129 GLY 129 108 108 GLY GLY A . n 
A 1 130 SER 130 109 109 SER SER A . n 
A 1 131 GLY 131 110 110 GLY GLY A . n 
A 1 132 ALA 132 111 111 ALA ALA A . n 
A 1 133 THR 133 112 112 THR THR A . n 
A 1 134 THR 134 113 113 THR THR A . n 
A 1 135 SER 135 114 114 SER SER A . n 
A 1 136 ALA 136 115 115 ALA ALA A . n 
A 1 137 ALA 137 116 116 ALA ALA A . n 
A 1 138 VAL 138 117 117 VAL VAL A . n 
A 1 139 PRO 139 118 118 PRO PRO A . n 
A 1 140 VAL 140 119 119 VAL VAL A . n 
A 1 141 ALA 141 120 120 ALA ALA A . n 
A 1 142 SER 142 121 121 SER SER A . n 
A 1 143 ALA 143 122 122 ALA ALA A . n 
A 1 144 SER 144 123 ?   ?   ?   A . n 
A 1 145 VAL 145 124 ?   ?   ?   A . n 
A 1 146 GLY 146 125 ?   ?   ?   A . n 
A 1 147 GLY 147 126 ?   ?   ?   A . n 
A 1 148 LEU 148 127 ?   ?   ?   A . n 
A 1 149 THR 149 128 ?   ?   ?   A . n 
A 1 150 PHE 150 129 129 PHE PHE A . n 
A 1 151 GLY 151 130 130 GLY GLY A . n 
A 1 152 GLY 152 131 131 GLY GLY A . n 
A 1 153 PHE 153 132 132 PHE PHE A . n 
A 1 154 ALA 154 133 133 ALA ALA A . n 
A 1 155 GLY 155 134 134 GLY GLY A . n 
A 1 156 SER 156 135 135 SER SER A . n 
A 1 157 ALA 157 136 136 ALA ALA A . n 
A 1 158 PRO 158 137 137 PRO PRO A . n 
A 1 159 ILE 159 138 138 ILE ILE A . n 
A 1 160 GLY 160 139 139 GLY GLY A . n 
A 1 161 VAL 161 140 140 VAL VAL A . n 
A 1 162 PHE 162 141 141 PHE PHE A . n 
A 1 163 SER 163 142 142 SER SER A . n 
A 1 164 VAL 164 143 143 VAL VAL A . n 
A 1 165 GLY 165 144 144 GLY GLY A . n 
A 1 166 ALA 166 145 145 ALA ALA A . n 
A 1 167 PRO 167 146 146 PRO PRO A . n 
A 1 168 GLY 168 147 147 GLY GLY A . n 
A 1 169 ALA 169 148 148 ALA ALA A . n 
A 1 170 GLU 170 149 149 GLU GLU A . n 
A 1 171 ARG 171 150 150 ARG ARG A . n 
A 1 172 GLN 172 151 151 GLN GLN A . n 
A 1 173 ILE 173 152 152 ILE ILE A . n 
A 1 174 THR 174 153 153 THR THR A . n 
A 1 175 ASN 175 154 154 ASN ASN A . n 
A 1 176 VAL 176 155 155 VAL VAL A . n 
A 1 177 ALA 177 156 156 ALA ALA A . n 
A 1 178 ALA 178 157 157 ALA ALA A . n 
A 1 179 GLY 179 158 158 GLY GLY A . n 
A 1 180 ARG 180 159 159 ARG ARG A . n 
A 1 181 ILE 181 160 160 ILE ILE A . n 
A 1 182 SER 182 161 161 SER SER A . n 
A 1 183 ALA 183 162 162 ALA ALA A . n 
A 1 184 ALA 184 163 163 ALA ALA A . n 
A 1 185 SER 185 164 164 SER SER A . n 
A 1 186 THR 186 165 165 THR THR A . n 
A 1 187 ASP 187 166 166 ASP ASP A . n 
A 1 188 ALA 188 167 167 ALA ALA A . n 
A 1 189 VAL 189 168 168 VAL VAL A . n 
A 1 190 ASN 190 169 169 ASN ASN A . n 
A 1 191 GLY 191 170 170 GLY GLY A . n 
A 1 192 SER 192 171 171 SER SER A . n 
A 1 193 GLN 193 172 172 GLN GLN A . n 
A 1 194 LEU 194 173 173 LEU LEU A . n 
A 1 195 TYR 195 174 174 TYR TYR A . n 
A 1 196 ALA 196 175 175 ALA ALA A . n 
A 1 197 THR 197 176 176 THR THR A . n 
A 1 198 ASN 198 177 177 ASN ASN A . n 
A 1 199 SER 199 178 ?   ?   ?   A . n 
A 1 200 ASN 200 179 ?   ?   ?   A . n 
# 
loop_
_pdbx_nonpoly_scheme.asym_id 
_pdbx_nonpoly_scheme.entity_id 
_pdbx_nonpoly_scheme.mon_id 
_pdbx_nonpoly_scheme.ndb_seq_num 
_pdbx_nonpoly_scheme.pdb_seq_num 
_pdbx_nonpoly_scheme.auth_seq_num 
_pdbx_nonpoly_scheme.pdb_mon_id 
_pdbx_nonpoly_scheme.auth_mon_id 
_pdbx_nonpoly_scheme.pdb_strand_id 
_pdbx_nonpoly_scheme.pdb_ins_code 
B 2 IOD 1   180 180 IOD IOD A . 
C 2 IOD 1   181 181 IOD IOD A . 
D 2 IOD 1   182 182 IOD IOD A . 
E 2 IOD 1   183 183 IOD IOD A . 
F 2 IOD 1   184 184 IOD IOD A . 
G 2 IOD 1   185 185 IOD IOD A . 
H 2 IOD 1   186 186 IOD IOD A . 
I 2 IOD 1   187 187 IOD IOD A . 
J 2 IOD 1   188 188 IOD IOD A . 
K 3 HOH 1   189 1   HOH HOH A . 
K 3 HOH 2   190 2   HOH HOH A . 
K 3 HOH 3   191 3   HOH HOH A . 
K 3 HOH 4   192 4   HOH HOH A . 
K 3 HOH 5   193 5   HOH HOH A . 
K 3 HOH 6   194 6   HOH HOH A . 
K 3 HOH 7   195 7   HOH HOH A . 
K 3 HOH 8   196 8   HOH HOH A . 
K 3 HOH 9   197 9   HOH HOH A . 
K 3 HOH 10  198 10  HOH HOH A . 
K 3 HOH 11  199 11  HOH HOH A . 
K 3 HOH 12  200 12  HOH HOH A . 
K 3 HOH 13  201 13  HOH HOH A . 
K 3 HOH 14  202 14  HOH HOH A . 
K 3 HOH 15  203 15  HOH HOH A . 
K 3 HOH 16  204 16  HOH HOH A . 
K 3 HOH 17  205 17  HOH HOH A . 
K 3 HOH 18  206 18  HOH HOH A . 
K 3 HOH 19  207 19  HOH HOH A . 
K 3 HOH 20  208 20  HOH HOH A . 
K 3 HOH 21  209 21  HOH HOH A . 
K 3 HOH 22  210 22  HOH HOH A . 
K 3 HOH 23  211 23  HOH HOH A . 
K 3 HOH 24  212 24  HOH HOH A . 
K 3 HOH 25  213 25  HOH HOH A . 
K 3 HOH 26  214 26  HOH HOH A . 
K 3 HOH 27  215 27  HOH HOH A . 
K 3 HOH 28  216 28  HOH HOH A . 
K 3 HOH 29  217 29  HOH HOH A . 
K 3 HOH 30  218 30  HOH HOH A . 
K 3 HOH 31  219 31  HOH HOH A . 
K 3 HOH 32  220 32  HOH HOH A . 
K 3 HOH 33  221 33  HOH HOH A . 
K 3 HOH 34  222 34  HOH HOH A . 
K 3 HOH 35  223 35  HOH HOH A . 
K 3 HOH 36  224 36  HOH HOH A . 
K 3 HOH 37  225 37  HOH HOH A . 
K 3 HOH 38  226 38  HOH HOH A . 
K 3 HOH 39  227 39  HOH HOH A . 
K 3 HOH 40  228 40  HOH HOH A . 
K 3 HOH 41  229 41  HOH HOH A . 
K 3 HOH 42  230 42  HOH HOH A . 
K 3 HOH 43  231 43  HOH HOH A . 
K 3 HOH 44  232 44  HOH HOH A . 
K 3 HOH 45  233 45  HOH HOH A . 
K 3 HOH 46  234 46  HOH HOH A . 
K 3 HOH 47  235 47  HOH HOH A . 
K 3 HOH 48  236 48  HOH HOH A . 
K 3 HOH 49  237 49  HOH HOH A . 
K 3 HOH 50  238 50  HOH HOH A . 
K 3 HOH 51  239 51  HOH HOH A . 
K 3 HOH 52  240 52  HOH HOH A . 
K 3 HOH 53  241 53  HOH HOH A . 
K 3 HOH 54  242 54  HOH HOH A . 
K 3 HOH 55  243 55  HOH HOH A . 
K 3 HOH 56  244 56  HOH HOH A . 
K 3 HOH 57  245 57  HOH HOH A . 
K 3 HOH 58  246 58  HOH HOH A . 
K 3 HOH 59  247 59  HOH HOH A . 
K 3 HOH 60  248 60  HOH HOH A . 
K 3 HOH 61  249 61  HOH HOH A . 
K 3 HOH 62  250 62  HOH HOH A . 
K 3 HOH 63  251 63  HOH HOH A . 
K 3 HOH 64  252 64  HOH HOH A . 
K 3 HOH 65  253 65  HOH HOH A . 
K 3 HOH 66  254 66  HOH HOH A . 
K 3 HOH 67  255 67  HOH HOH A . 
K 3 HOH 68  256 68  HOH HOH A . 
K 3 HOH 69  257 69  HOH HOH A . 
K 3 HOH 70  258 70  HOH HOH A . 
K 3 HOH 71  259 71  HOH HOH A . 
K 3 HOH 72  260 72  HOH HOH A . 
K 3 HOH 73  261 73  HOH HOH A . 
K 3 HOH 74  262 74  HOH HOH A . 
K 3 HOH 75  263 75  HOH HOH A . 
K 3 HOH 76  264 76  HOH HOH A . 
K 3 HOH 77  265 77  HOH HOH A . 
K 3 HOH 78  266 78  HOH HOH A . 
K 3 HOH 79  267 79  HOH HOH A . 
K 3 HOH 80  268 80  HOH HOH A . 
K 3 HOH 81  269 81  HOH HOH A . 
K 3 HOH 82  270 82  HOH HOH A . 
K 3 HOH 83  271 83  HOH HOH A . 
K 3 HOH 84  272 84  HOH HOH A . 
K 3 HOH 85  273 85  HOH HOH A . 
K 3 HOH 86  274 86  HOH HOH A . 
K 3 HOH 87  275 87  HOH HOH A . 
K 3 HOH 88  276 88  HOH HOH A . 
K 3 HOH 89  277 89  HOH HOH A . 
K 3 HOH 90  278 90  HOH HOH A . 
K 3 HOH 91  279 91  HOH HOH A . 
K 3 HOH 92  280 92  HOH HOH A . 
K 3 HOH 93  281 93  HOH HOH A . 
K 3 HOH 94  282 94  HOH HOH A . 
K 3 HOH 95  283 95  HOH HOH A . 
K 3 HOH 96  284 96  HOH HOH A . 
K 3 HOH 97  285 97  HOH HOH A . 
K 3 HOH 98  286 98  HOH HOH A . 
K 3 HOH 99  287 99  HOH HOH A . 
K 3 HOH 100 288 100 HOH HOH A . 
K 3 HOH 101 289 101 HOH HOH A . 
K 3 HOH 102 290 102 HOH HOH A . 
K 3 HOH 103 291 103 HOH HOH A . 
K 3 HOH 104 292 104 HOH HOH A . 
K 3 HOH 105 293 105 HOH HOH A . 
K 3 HOH 106 294 106 HOH HOH A . 
K 3 HOH 107 295 107 HOH HOH A . 
K 3 HOH 108 296 108 HOH HOH A . 
K 3 HOH 109 297 109 HOH HOH A . 
K 3 HOH 110 298 110 HOH HOH A . 
K 3 HOH 111 299 111 HOH HOH A . 
K 3 HOH 112 300 112 HOH HOH A . 
K 3 HOH 113 301 113 HOH HOH A . 
K 3 HOH 114 302 114 HOH HOH A . 
K 3 HOH 115 303 115 HOH HOH A . 
K 3 HOH 116 304 116 HOH HOH A . 
K 3 HOH 117 305 117 HOH HOH A . 
K 3 HOH 118 306 118 HOH HOH A . 
K 3 HOH 119 307 119 HOH HOH A . 
K 3 HOH 120 308 120 HOH HOH A . 
K 3 HOH 121 309 121 HOH HOH A . 
K 3 HOH 122 310 122 HOH HOH A . 
K 3 HOH 123 311 123 HOH HOH A . 
K 3 HOH 124 312 124 HOH HOH A . 
K 3 HOH 125 313 125 HOH HOH A . 
K 3 HOH 126 314 126 HOH HOH A . 
K 3 HOH 127 315 127 HOH HOH A . 
K 3 HOH 128 316 128 HOH HOH A . 
K 3 HOH 129 317 129 HOH HOH A . 
K 3 HOH 130 318 130 HOH HOH A . 
K 3 HOH 131 319 131 HOH HOH A . 
K 3 HOH 132 320 132 HOH HOH A . 
K 3 HOH 133 321 133 HOH HOH A . 
K 3 HOH 134 322 134 HOH HOH A . 
K 3 HOH 135 323 135 HOH HOH A . 
K 3 HOH 136 324 136 HOH HOH A . 
K 3 HOH 137 325 137 HOH HOH A . 
K 3 HOH 138 326 138 HOH HOH A . 
K 3 HOH 139 327 139 HOH HOH A . 
K 3 HOH 140 328 140 HOH HOH A . 
K 3 HOH 141 329 141 HOH HOH A . 
K 3 HOH 142 330 142 HOH HOH A . 
K 3 HOH 143 331 143 HOH HOH A . 
K 3 HOH 144 332 144 HOH HOH A . 
K 3 HOH 145 333 145 HOH HOH A . 
K 3 HOH 146 334 146 HOH HOH A . 
K 3 HOH 147 335 147 HOH HOH A . 
K 3 HOH 148 336 148 HOH HOH A . 
K 3 HOH 149 337 149 HOH HOH A . 
K 3 HOH 150 338 150 HOH HOH A . 
K 3 HOH 151 339 151 HOH HOH A . 
K 3 HOH 152 340 152 HOH HOH A . 
K 3 HOH 153 341 153 HOH HOH A . 
K 3 HOH 154 342 154 HOH HOH A . 
K 3 HOH 155 343 155 HOH HOH A . 
K 3 HOH 156 344 156 HOH HOH A . 
K 3 HOH 157 345 157 HOH HOH A . 
K 3 HOH 158 346 158 HOH HOH A . 
K 3 HOH 159 347 159 HOH HOH A . 
K 3 HOH 160 348 160 HOH HOH A . 
K 3 HOH 161 349 161 HOH HOH A . 
K 3 HOH 162 350 162 HOH HOH A . 
K 3 HOH 163 351 163 HOH HOH A . 
K 3 HOH 164 352 164 HOH HOH A . 
K 3 HOH 165 353 165 HOH HOH A . 
# 
loop_
_software.pdbx_ordinal 
_software.name 
_software.version 
_software.date 
_software.type 
_software.contact_author 
_software.contact_author_email 
_software.classification 
_software.location 
_software.language 
_software.citation_id 
1 XSCALE      .     ?               package 'Wolfgang Kabsch'    ?                           'data scaling'    
http://www.mpimf-heidelberg.mpg.de/~kabsch/xds/html_doc/xscale_program.html ?          ? 
2 PHASER      .     ?               program 'Randy J. Read'      cimr-phaser@lists.cam.ac.uk phasing           
http://www-structmed.cimr.cam.ac.uk/phaser/                                 ?          ? 
3 REFMAC      .     ?               program 'Garib N. Murshudov' garib@ysbl.york.ac.uk       refinement        
http://www.ccp4.ac.uk/dist/html/refmac5.html                                Fortran_77 ? 
4 PDB_EXTRACT 3.005 'June 11, 2008' package PDB                  help@deposit.rcsb.org       'data extraction' 
http://sw-tools.pdb.org/apps/PDB_EXTRACT/                                   C++        ? 
5 XDS         .     ?               ?       ?                    ?                           'data reduction'  ? ?          ? 
# 
_cell.length_a           50.780 
_cell.length_b           50.780 
_cell.length_c           135.660 
_cell.angle_alpha        90.000 
_cell.angle_beta         90.000 
_cell.angle_gamma        120.000 
_cell.entry_id           3LA9 
_cell.pdbx_unique_axis   ? 
_cell.Z_PDB              9 
_cell.length_a_esd       ? 
_cell.length_b_esd       ? 
_cell.length_c_esd       ? 
_cell.angle_alpha_esd    ? 
_cell.angle_beta_esd     ? 
_cell.angle_gamma_esd    ? 
# 
_symmetry.space_group_name_H-M             'H 3' 
_symmetry.entry_id                         3LA9 
_symmetry.Int_Tables_number                146 
_symmetry.pdbx_full_space_group_name_H-M   ? 
_symmetry.cell_setting                     ? 
_symmetry.space_group_name_Hall            ? 
# 
_exptl.crystals_number   1 
_exptl.entry_id          3LA9 
_exptl.method            'X-RAY DIFFRACTION' 
# 
_exptl_crystal.id                    1 
_exptl_crystal.density_Matthews      1.737879 
_exptl_crystal.density_meas          ? 
_exptl_crystal.density_percent_sol   29.224056 
_exptl_crystal.description           ? 
_exptl_crystal.F_000                 ? 
_exptl_crystal.preparation           ? 
# 
_exptl_crystal_grow.crystal_id      1 
_exptl_crystal_grow.method          'VAPOR DIFFUSION, SITTING DROP' 
_exptl_crystal_grow.pH              4.0 
_exptl_crystal_grow.temp            289 
_exptl_crystal_grow.temp_details    ? 
_exptl_crystal_grow.pdbx_details    
;Original hit: PACT B1, 0.1 M MIB buffer pH 4.0, 25% PEG 1500; soaked into 0.1 M MIB buffer pH 4.0, 1.0 M KI, 35% PEG 1500 for 1 hour; crystal tracking ID 203140b1, VAPOR DIFFUSION, SITTING DROP, temperature 289K
;
_exptl_crystal_grow.pdbx_pH_range   ? 
# 
_diffrn.id                     1 
_diffrn.ambient_temp           100 
_diffrn.ambient_temp_details   ? 
_diffrn.crystal_id             1 
# 
_diffrn_detector.diffrn_id              1 
_diffrn_detector.detector               CCD 
_diffrn_detector.type                   'RIGAKU SATURN 944+' 
_diffrn_detector.pdbx_collection_date   2009-11-13 
_diffrn_detector.details                ? 
# 
_diffrn_radiation.diffrn_id                        1 
_diffrn_radiation.wavelength_id                    1 
_diffrn_radiation.pdbx_diffrn_protocol             'SINGLE WAVELENGTH' 
_diffrn_radiation.monochromator                    ? 
_diffrn_radiation.pdbx_monochromatic_or_laue_m_l   M 
_diffrn_radiation.pdbx_scattering_type             x-ray 
# 
_diffrn_radiation_wavelength.id           1 
_diffrn_radiation_wavelength.wavelength   1.5418 
_diffrn_radiation_wavelength.wt           1.0 
# 
_diffrn_source.diffrn_id                   1 
_diffrn_source.source                      'ROTATING ANODE' 
_diffrn_source.type                        'RIGAKU MICROMAX-007 HF' 
_diffrn_source.pdbx_wavelength             ? 
_diffrn_source.pdbx_wavelength_list        1.5418 
_diffrn_source.pdbx_synchrotron_site       ? 
_diffrn_source.pdbx_synchrotron_beamline   ? 
# 
_reflns.entry_id                     3LA9 
_reflns.d_resolution_high            2.050 
_reflns.number_obs                   8173 
_reflns.pdbx_Rmerge_I_obs            0.025 
_reflns.pdbx_netI_over_sigmaI        53.750 
_reflns.percent_possible_obs         99.500 
_reflns.B_iso_Wilson_estimate        13.559 
_reflns.observed_criterion_sigma_I   -3.00 
_reflns.observed_criterion_sigma_F   ? 
_reflns.d_resolution_low             50 
_reflns.number_all                   ? 
_reflns.pdbx_Rsym_value              ? 
_reflns.pdbx_redundancy              5.43 
_reflns.R_free_details               ? 
_reflns.limit_h_max                  ? 
_reflns.limit_h_min                  ? 
_reflns.limit_k_max                  ? 
_reflns.limit_k_min                  ? 
_reflns.limit_l_max                  ? 
_reflns.limit_l_min                  ? 
_reflns.observed_criterion_F_max     ? 
_reflns.observed_criterion_F_min     ? 
_reflns.pdbx_chi_squared             ? 
_reflns.pdbx_scaling_rejects         ? 
_reflns.pdbx_diffrn_id               1 
_reflns.pdbx_ordinal                 1 
# 
_reflns_shell.d_res_high             2.05 
_reflns_shell.d_res_low              2.10 
_reflns_shell.number_measured_obs    4329 
_reflns_shell.number_measured_all    ? 
_reflns_shell.number_unique_obs      1196 
_reflns_shell.Rmerge_I_obs           0.039 
_reflns_shell.meanI_over_sigI_obs    31.0 
_reflns_shell.pdbx_Rsym_value        ? 
_reflns_shell.pdbx_chi_squared       ? 
_reflns_shell.pdbx_redundancy        3.62 
_reflns_shell.percent_possible_obs   ? 
_reflns_shell.number_unique_all      1196 
_reflns_shell.percent_possible_all   96.00 
_reflns_shell.pdbx_diffrn_id         ? 
_reflns_shell.pdbx_ordinal           1 
# 
_refine.entry_id                                 3LA9 
_refine.ls_d_res_high                            2.050 
_refine.ls_d_res_low                             45.220 
_refine.pdbx_ls_sigma_F                          0.00 
_refine.pdbx_data_cutoff_high_absF               ? 
_refine.pdbx_data_cutoff_low_absF                ? 
_refine.ls_percent_reflns_obs                    99.570 
_refine.ls_number_reflns_obs                     8173 
_refine.ls_number_reflns_all                     ? 
_refine.pdbx_ls_cross_valid_method               THROUGHOUT 
_refine.pdbx_R_Free_selection_details            RANDOM 
_refine.details                                  
'HYDROGENS HAVE BEEN ADDED IN THE RIDING POSITIONS U VALUES      : REFINED INDIVIDUALLY' 
_refine.ls_R_factor_all                          ? 
_refine.ls_R_factor_obs                          0.117 
_refine.ls_R_factor_R_work                       0.115 
_refine.ls_wR_factor_R_work                      0.117 
_refine.ls_R_factor_R_free                       0.154 
_refine.ls_wR_factor_R_free                      0.157 
_refine.ls_percent_reflns_R_free                 4.600 
_refine.ls_number_reflns_R_free                  377 
_refine.ls_R_factor_R_free_error                 ? 
_refine.B_iso_mean                               7.779 
_refine.solvent_model_param_bsol                 ? 
_refine.solvent_model_param_ksol                 ? 
_refine.pdbx_isotropic_thermal_model             ? 
_refine.aniso_B[1][1]                            0.730 
_refine.aniso_B[2][2]                            0.730 
_refine.aniso_B[3][3]                            -1.460 
_refine.aniso_B[1][2]                            0.000 
_refine.aniso_B[1][3]                            0.000 
_refine.aniso_B[2][3]                            0.000 
_refine.correlation_coeff_Fo_to_Fc               0.958 
_refine.correlation_coeff_Fo_to_Fc_free          0.919 
_refine.overall_SU_R_Cruickshank_DPI             0.036 
_refine.overall_SU_R_free                        0.028 
_refine.pdbx_overall_ESU_R                       0.036 
_refine.pdbx_overall_ESU_R_Free                  0.028 
_refine.overall_SU_ML                            0.094 
_refine.overall_SU_B                             3.362 
_refine.solvent_model_details                    MASK 
_refine.pdbx_solvent_vdw_probe_radii             1.400 
_refine.pdbx_solvent_ion_probe_radii             0.800 
_refine.pdbx_solvent_shrinkage_radii             0.800 
_refine.ls_number_parameters                     ? 
_refine.ls_number_restraints                     ? 
_refine.pdbx_starting_model                      ? 
_refine.pdbx_method_to_determine_struct          SAD 
_refine.pdbx_stereochemistry_target_values       'MAXIMUM LIKELIHOOD' 
_refine.pdbx_stereochem_target_val_spec_case     ? 
_refine.overall_FOM_work_R_set                   0.874 
_refine.B_iso_max                                55.35 
_refine.B_iso_min                                2.00 
_refine.occupancy_max                            1.00 
_refine.occupancy_min                            0.19 
_refine.pdbx_ls_sigma_I                          ? 
_refine.ls_redundancy_reflns_obs                 ? 
_refine.ls_R_factor_R_free_error_details         ? 
_refine.pdbx_data_cutoff_high_rms_absF           ? 
_refine.overall_FOM_free_R_set                   ? 
_refine.pdbx_overall_phase_error                 ? 
_refine.pdbx_refine_id                           'X-RAY DIFFRACTION' 
_refine.pdbx_diffrn_id                           1 
_refine.pdbx_TLS_residual_ADP_flag               ? 
_refine.pdbx_overall_SU_R_free_Cruickshank_DPI   ? 
_refine.pdbx_overall_SU_R_Blow_DPI               ? 
_refine.pdbx_overall_SU_R_free_Blow_DPI          ? 
# 
_refine_hist.pdbx_refine_id                   'X-RAY DIFFRACTION' 
_refine_hist.cycle_id                         LAST 
_refine_hist.pdbx_number_atoms_protein        1124 
_refine_hist.pdbx_number_atoms_nucleic_acid   0 
_refine_hist.pdbx_number_atoms_ligand         9 
_refine_hist.number_atoms_solvent             165 
_refine_hist.number_atoms_total               1298 
_refine_hist.d_res_high                       2.050 
_refine_hist.d_res_low                        45.220 
# 
loop_
_refine_ls_restr.type 
_refine_ls_restr.number 
_refine_ls_restr.dev_ideal 
_refine_ls_restr.dev_ideal_target 
_refine_ls_restr.weight 
_refine_ls_restr.pdbx_refine_id 
_refine_ls_restr.pdbx_restraint_function 
r_bond_refined_d       1153 0.010  0.022  ? 'X-RAY DIFFRACTION' ? 
r_angle_refined_deg    1587 1.142  1.923  ? 'X-RAY DIFFRACTION' ? 
r_dihedral_angle_1_deg 169  5.924  5.000  ? 'X-RAY DIFFRACTION' ? 
r_dihedral_angle_2_deg 38   38.471 26.053 ? 'X-RAY DIFFRACTION' ? 
r_dihedral_angle_3_deg 137  10.110 15.000 ? 'X-RAY DIFFRACTION' ? 
r_dihedral_angle_4_deg 2    29.368 15.000 ? 'X-RAY DIFFRACTION' ? 
r_chiral_restr         198  0.078  0.200  ? 'X-RAY DIFFRACTION' ? 
r_gen_planes_refined   888  0.005  0.021  ? 'X-RAY DIFFRACTION' ? 
r_mcbond_it            826  0.540  1.500  ? 'X-RAY DIFFRACTION' ? 
r_mcangle_it           1316 0.919  2.000  ? 'X-RAY DIFFRACTION' ? 
r_scbond_it            327  1.236  3.000  ? 'X-RAY DIFFRACTION' ? 
r_scangle_it           269  1.913  4.500  ? 'X-RAY DIFFRACTION' ? 
# 
_refine_ls_shell.d_res_high                       2.050 
_refine_ls_shell.d_res_low                        2.102 
_refine_ls_shell.pdbx_total_number_of_bins_used   20 
_refine_ls_shell.percent_reflns_obs               96.080 
_refine_ls_shell.number_reflns_R_work             569 
_refine_ls_shell.R_factor_all                     ? 
_refine_ls_shell.R_factor_R_work                  0.103 
_refine_ls_shell.R_factor_R_free                  0.185 
_refine_ls_shell.percent_reflns_R_free            ? 
_refine_ls_shell.number_reflns_R_free             19 
_refine_ls_shell.R_factor_R_free_error            ? 
_refine_ls_shell.number_reflns_all                588 
_refine_ls_shell.number_reflns_obs                ? 
_refine_ls_shell.redundancy_reflns_obs            ? 
_refine_ls_shell.pdbx_refine_id                   'X-RAY DIFFRACTION' 
# 
_struct.entry_id                  3LA9 
_struct.title                     
'Crystal structure of the trimeric autotransporter adhesin head domain BpaA from Burkholderia pseudomallei, iodide phased' 
_struct.pdbx_model_details        ? 
_struct.pdbx_CASP_flag            ? 
_struct.pdbx_model_type_details   ? 
# 
_struct_keywords.entry_id        3LA9 
_struct_keywords.pdbx_keywords   'TRANSPORT PROTEIN' 
_struct_keywords.text            
;NIAID, Seattle Structural Genomics Center for Infectious Disease, autotransporter, iodide phased, collagen binding, melioidosis, SSGCID, TRANSPORT PROTEIN
;
# 
loop_
_struct_asym.id 
_struct_asym.pdbx_blank_PDB_chainid_flag 
_struct_asym.pdbx_modified 
_struct_asym.entity_id 
_struct_asym.details 
A N N 1 ? 
B N N 2 ? 
C N N 2 ? 
D N N 2 ? 
E N N 2 ? 
F N N 2 ? 
G N N 2 ? 
H N N 2 ? 
I N N 2 ? 
J N N 2 ? 
K N N 3 ? 
# 
_struct_ref.id                         1 
_struct_ref.db_name                    UNP 
_struct_ref.db_code                    Q3JLD6_BURP1 
_struct_ref.pdbx_db_accession          Q3JLD6 
_struct_ref.entity_id                  1 
_struct_ref.pdbx_seq_one_letter_code   
;GSLSTSISSITTNTTNLGNSTAAALGGGATYDPATGAISAPSYTTYNANGTTATNTSVGAAIDNINANGIKYFHANSTDP
DSVATGTNSVAIGPNAVANVDYSVAIGSGATTSAAVPVASASVGGLTFGGFAGSAPIGVFSVGAPGAERQITNVAAGRIS
AASTDAVNGSQLYATNSN
;
_struct_ref.pdbx_align_begin           2278 
_struct_ref.pdbx_db_isoform            ? 
# 
_struct_ref_seq.align_id                      1 
_struct_ref_seq.ref_id                        1 
_struct_ref_seq.pdbx_PDB_id_code              3LA9 
_struct_ref_seq.pdbx_strand_id                A 
_struct_ref_seq.seq_align_beg                 23 
_struct_ref_seq.pdbx_seq_align_beg_ins_code   ? 
_struct_ref_seq.seq_align_end                 200 
_struct_ref_seq.pdbx_seq_align_end_ins_code   ? 
_struct_ref_seq.pdbx_db_accession             Q3JLD6 
_struct_ref_seq.db_align_beg                  2278 
_struct_ref_seq.pdbx_db_align_beg_ins_code    ? 
_struct_ref_seq.db_align_end                  2455 
_struct_ref_seq.pdbx_db_align_end_ins_code    ? 
_struct_ref_seq.pdbx_auth_seq_align_beg       2 
_struct_ref_seq.pdbx_auth_seq_align_end       179 
# 
loop_
_struct_ref_seq_dif.align_id 
_struct_ref_seq_dif.pdbx_pdb_id_code 
_struct_ref_seq_dif.mon_id 
_struct_ref_seq_dif.pdbx_pdb_strand_id 
_struct_ref_seq_dif.seq_num 
_struct_ref_seq_dif.pdbx_pdb_ins_code 
_struct_ref_seq_dif.pdbx_seq_db_name 
_struct_ref_seq_dif.pdbx_seq_db_accession_code 
_struct_ref_seq_dif.db_mon_id 
_struct_ref_seq_dif.pdbx_seq_db_seq_num 
_struct_ref_seq_dif.details 
_struct_ref_seq_dif.pdbx_auth_seq_num 
_struct_ref_seq_dif.pdbx_ordinal 
1 3LA9 MET A 1  ? UNP Q3JLD6 ? ? 'expression tag'        -20 1  
1 3LA9 ALA A 2  ? UNP Q3JLD6 ? ? 'expression tag'        -19 2  
1 3LA9 HIS A 3  ? UNP Q3JLD6 ? ? 'expression tag'        -18 3  
1 3LA9 HIS A 4  ? UNP Q3JLD6 ? ? 'expression tag'        -17 4  
1 3LA9 HIS A 5  ? UNP Q3JLD6 ? ? 'expression tag'        -16 5  
1 3LA9 HIS A 6  ? UNP Q3JLD6 ? ? 'expression tag'        -15 6  
1 3LA9 HIS A 7  ? UNP Q3JLD6 ? ? 'expression tag'        -14 7  
1 3LA9 HIS A 8  ? UNP Q3JLD6 ? ? 'expression tag'        -13 8  
1 3LA9 MET A 9  ? UNP Q3JLD6 ? ? 'expression tag'        -12 9  
1 3LA9 GLY A 10 ? UNP Q3JLD6 ? ? 'expression tag'        -11 10 
1 3LA9 THR A 11 ? UNP Q3JLD6 ? ? 'expression tag'        -10 11 
1 3LA9 LEU A 12 ? UNP Q3JLD6 ? ? 'expression tag'        -9  12 
1 3LA9 GLU A 13 ? UNP Q3JLD6 ? ? 'expression tag'        -8  13 
1 3LA9 ALA A 14 ? UNP Q3JLD6 ? ? 'expression tag'        -7  14 
1 3LA9 GLN A 15 ? UNP Q3JLD6 ? ? 'expression tag'        -6  15 
1 3LA9 THR A 16 ? UNP Q3JLD6 ? ? 'expression tag'        -5  16 
1 3LA9 GLN A 17 ? UNP Q3JLD6 ? ? 'expression tag'        -4  17 
1 3LA9 GLY A 18 ? UNP Q3JLD6 ? ? 'expression tag'        -3  18 
1 3LA9 PRO A 19 ? UNP Q3JLD6 ? ? 'expression tag'        -2  19 
1 3LA9 GLY A 20 ? UNP Q3JLD6 ? ? 'expression tag'        -1  20 
1 3LA9 SER A 21 ? UNP Q3JLD6 ? ? 'expression tag'        0   21 
1 3LA9 MET A 22 ? UNP Q3JLD6 ? ? 'initiating methionine' 1   22 
# 
_pdbx_struct_assembly.id                   1 
_pdbx_struct_assembly.details              author_and_software_defined_assembly 
_pdbx_struct_assembly.method_details       PISA 
_pdbx_struct_assembly.oligomeric_details   trimeric 
_pdbx_struct_assembly.oligomeric_count     3 
# 
loop_
_pdbx_struct_assembly_prop.biol_id 
_pdbx_struct_assembly_prop.type 
_pdbx_struct_assembly_prop.value 
_pdbx_struct_assembly_prop.details 
1 'ABSA (A^2)' 22130 ? 
1 MORE         -137  ? 
1 'SSA (A^2)'  15400 ? 
# 
_pdbx_struct_assembly_gen.assembly_id       1 
_pdbx_struct_assembly_gen.oper_expression   1,2,3 
_pdbx_struct_assembly_gen.asym_id_list      A,B,C,D,E,F,G,H,I,J,K 
# 
loop_
_pdbx_struct_oper_list.id 
_pdbx_struct_oper_list.type 
_pdbx_struct_oper_list.name 
_pdbx_struct_oper_list.symmetry_operation 
_pdbx_struct_oper_list.matrix[1][1] 
_pdbx_struct_oper_list.matrix[1][2] 
_pdbx_struct_oper_list.matrix[1][3] 
_pdbx_struct_oper_list.vector[1] 
_pdbx_struct_oper_list.matrix[2][1] 
_pdbx_struct_oper_list.matrix[2][2] 
_pdbx_struct_oper_list.matrix[2][3] 
_pdbx_struct_oper_list.vector[2] 
_pdbx_struct_oper_list.matrix[3][1] 
_pdbx_struct_oper_list.matrix[3][2] 
_pdbx_struct_oper_list.matrix[3][3] 
_pdbx_struct_oper_list.vector[3] 
1 'identity operation'         1_555 x,y,z       1.0000000000  0.0000000000  0.0000000000  0.0000000000  0.0000000000  1.0000000000 0.0000000000  0.0000000000  0.0000000000  0.0000000000  1.0000000000  0.0000000000 
2 'crystal symmetry operation' 2_565 -y,x-y+1,z  -0.4827583125 -0.1838579985 -0.8562363273 1.4233671115  -0.1358002265 0.9816035378 -0.1342117473 0.2005730181  0.8651605112  0.0514852505  -0.4988452253 1.6844467925 
3 'crystal symmetry operation' 3_455 -x+y-1,-x,z -0.4827583125 -0.1358002265 0.8651605112  -0.7429366816 -0.1838579985 0.9816035378 0.0514852505  -0.0219099210 -0.8562363273 -0.1342117473 -0.4988452253 2.0859361234 
# 
_struct_biol.id        1 
_struct_biol.details   ? 
# 
loop_
_struct_conf.conf_type_id 
_struct_conf.id 
_struct_conf.pdbx_PDB_helix_id 
_struct_conf.beg_label_comp_id 
_struct_conf.beg_label_asym_id 
_struct_conf.beg_label_seq_id 
_struct_conf.pdbx_beg_PDB_ins_code 
_struct_conf.end_label_comp_id 
_struct_conf.end_label_asym_id 
_struct_conf.end_label_seq_id 
_struct_conf.pdbx_end_PDB_ins_code 
_struct_conf.beg_auth_comp_id 
_struct_conf.beg_auth_asym_id 
_struct_conf.beg_auth_seq_id 
_struct_conf.end_auth_comp_id 
_struct_conf.end_auth_asym_id 
_struct_conf.end_auth_seq_id 
_struct_conf.pdbx_PDB_helix_class 
_struct_conf.details 
_struct_conf.pdbx_PDB_helix_length 
HELX_P HELX_P1 1 SER A 26  ? GLY A 48  ? SER A 5   GLY A 27  1 ? 23 
HELX_P HELX_P2 2 SER A 79  ? GLY A 91  ? SER A 58  GLY A 70  1 ? 13 
HELX_P HELX_P3 3 ASN A 190 ? ASN A 198 ? ASN A 169 ASN A 177 1 ? 9  
# 
_struct_conf_type.id          HELX_P 
_struct_conf_type.criteria    ? 
_struct_conf_type.reference   ? 
# 
loop_
_struct_sheet.id 
_struct_sheet.type 
_struct_sheet.number_strands 
_struct_sheet.details 
A ? 2 ? 
B ? 2 ? 
C ? 3 ? 
# 
loop_
_struct_sheet_order.sheet_id 
_struct_sheet_order.range_id_1 
_struct_sheet_order.range_id_2 
_struct_sheet_order.offset 
_struct_sheet_order.sense 
A 1 2 ? anti-parallel 
B 1 2 ? parallel      
C 1 2 ? parallel      
C 2 3 ? parallel      
# 
loop_
_struct_sheet_range.sheet_id 
_struct_sheet_range.id 
_struct_sheet_range.beg_label_comp_id 
_struct_sheet_range.beg_label_asym_id 
_struct_sheet_range.beg_label_seq_id 
_struct_sheet_range.pdbx_beg_PDB_ins_code 
_struct_sheet_range.end_label_comp_id 
_struct_sheet_range.end_label_asym_id 
_struct_sheet_range.end_label_seq_id 
_struct_sheet_range.pdbx_end_PDB_ins_code 
_struct_sheet_range.beg_auth_comp_id 
_struct_sheet_range.beg_auth_asym_id 
_struct_sheet_range.beg_auth_seq_id 
_struct_sheet_range.end_auth_comp_id 
_struct_sheet_range.end_auth_asym_id 
_struct_sheet_range.end_auth_seq_id 
A 1 TYR A 65  ? TYR A 68  ? TYR A 44  TYR A 47  
A 2 THR A 74  ? ASN A 77  ? THR A 53  ASN A 56  
B 1 VAL A 105 ? ALA A 106 ? VAL A 84  ALA A 85  
B 2 VAL A 119 ? ALA A 120 ? VAL A 98  ALA A 99  
C 1 VAL A 112 ? ILE A 114 ? VAL A 91  ILE A 93  
C 2 VAL A 126 ? ILE A 128 ? VAL A 105 ILE A 107 
C 3 PHE A 162 ? SER A 163 ? PHE A 141 SER A 142 
# 
loop_
_pdbx_struct_sheet_hbond.sheet_id 
_pdbx_struct_sheet_hbond.range_id_1 
_pdbx_struct_sheet_hbond.range_id_2 
_pdbx_struct_sheet_hbond.range_1_label_atom_id 
_pdbx_struct_sheet_hbond.range_1_label_comp_id 
_pdbx_struct_sheet_hbond.range_1_label_asym_id 
_pdbx_struct_sheet_hbond.range_1_label_seq_id 
_pdbx_struct_sheet_hbond.range_1_PDB_ins_code 
_pdbx_struct_sheet_hbond.range_1_auth_atom_id 
_pdbx_struct_sheet_hbond.range_1_auth_comp_id 
_pdbx_struct_sheet_hbond.range_1_auth_asym_id 
_pdbx_struct_sheet_hbond.range_1_auth_seq_id 
_pdbx_struct_sheet_hbond.range_2_label_atom_id 
_pdbx_struct_sheet_hbond.range_2_label_comp_id 
_pdbx_struct_sheet_hbond.range_2_label_asym_id 
_pdbx_struct_sheet_hbond.range_2_label_seq_id 
_pdbx_struct_sheet_hbond.range_2_PDB_ins_code 
_pdbx_struct_sheet_hbond.range_2_auth_atom_id 
_pdbx_struct_sheet_hbond.range_2_auth_comp_id 
_pdbx_struct_sheet_hbond.range_2_auth_asym_id 
_pdbx_struct_sheet_hbond.range_2_auth_seq_id 
A 1 2 N TYR A 65  ? N TYR A 44  O ASN A 77  ? O ASN A 56  
B 1 2 N VAL A 105 ? N VAL A 84  O ALA A 120 ? O ALA A 99  
C 1 2 N ILE A 114 ? N ILE A 93  O ALA A 127 ? O ALA A 106 
C 2 3 N VAL A 126 ? N VAL A 105 O SER A 163 ? O SER A 142 
# 
loop_
_struct_site.id 
_struct_site.pdbx_evidence_code 
_struct_site.pdbx_auth_asym_id 
_struct_site.pdbx_auth_comp_id 
_struct_site.pdbx_auth_seq_id 
_struct_site.pdbx_auth_ins_code 
_struct_site.pdbx_num_residues 
_struct_site.details 
AC1 Software A IOD 180 ? 3 'BINDING SITE FOR RESIDUE IOD A 180' 
AC2 Software A IOD 181 ? 2 'BINDING SITE FOR RESIDUE IOD A 181' 
AC3 Software A IOD 182 ? 3 'BINDING SITE FOR RESIDUE IOD A 182' 
AC4 Software A IOD 183 ? 3 'BINDING SITE FOR RESIDUE IOD A 183' 
AC5 Software A IOD 184 ? 2 'BINDING SITE FOR RESIDUE IOD A 184' 
AC6 Software A IOD 185 ? 1 'BINDING SITE FOR RESIDUE IOD A 185' 
AC7 Software A IOD 186 ? 1 'BINDING SITE FOR RESIDUE IOD A 186' 
AC8 Software A IOD 187 ? 1 'BINDING SITE FOR RESIDUE IOD A 187' 
AC9 Software A IOD 188 ? 3 'BINDING SITE FOR RESIDUE IOD A 188' 
# 
loop_
_struct_site_gen.id 
_struct_site_gen.site_id 
_struct_site_gen.pdbx_num_res 
_struct_site_gen.label_comp_id 
_struct_site_gen.label_asym_id 
_struct_site_gen.label_seq_id 
_struct_site_gen.pdbx_auth_ins_code 
_struct_site_gen.auth_comp_id 
_struct_site_gen.auth_asym_id 
_struct_site_gen.auth_seq_id 
_struct_site_gen.label_atom_id 
_struct_site_gen.label_alt_id 
_struct_site_gen.symmetry 
_struct_site_gen.details 
1  AC1 3 SER A 26  ? SER A 5   . ? 1_555 ? 
2  AC1 3 SER A 30  ? SER A 9   . ? 1_555 ? 
3  AC1 3 THR A 74  ? THR A 53  . ? 9_454 ? 
4  AC2 2 THR A 36  ? THR A 15  . ? 1_555 ? 
5  AC2 2 HOH K .   ? HOH A 255 . ? 1_555 ? 
6  AC3 3 ALA A 70  ? ALA A 49  . ? 1_555 ? 
7  AC3 3 HOH K .   ? HOH A 251 . ? 1_555 ? 
8  AC3 3 HOH K .   ? HOH A 311 . ? 1_555 ? 
9  AC4 3 LYS A 93  ? LYS A 72  . ? 3_455 ? 
10 AC4 3 ASP A 103 ? ASP A 82  . ? 1_555 ? 
11 AC4 3 HOH K .   ? HOH A 284 . ? 1_555 ? 
12 AC5 2 ASN A 38  ? ASN A 17  . ? 4_445 ? 
13 AC5 2 THR A 107 ? THR A 86  . ? 1_555 ? 
14 AC6 1 SER A 130 ? SER A 109 . ? 1_555 ? 
15 AC7 1 HOH K .   ? HOH A 290 . ? 1_555 ? 
16 AC8 1 ILE A 181 ? ILE A 160 . ? 1_555 ? 
17 AC9 3 THR A 197 ? THR A 176 . ? 2_565 ? 
18 AC9 3 THR A 197 ? THR A 176 . ? 3_455 ? 
19 AC9 3 THR A 197 ? THR A 176 . ? 1_555 ? 
# 
_pdbx_validate_torsion.id              1 
_pdbx_validate_torsion.PDB_model_num   1 
_pdbx_validate_torsion.auth_comp_id    TYR 
_pdbx_validate_torsion.auth_asym_id    A 
_pdbx_validate_torsion.auth_seq_id     73 
_pdbx_validate_torsion.PDB_ins_code    ? 
_pdbx_validate_torsion.label_alt_id    ? 
_pdbx_validate_torsion.phi             75.77 
_pdbx_validate_torsion.psi             -5.43 
# 
_pdbx_SG_project.id                    1 
_pdbx_SG_project.project_name          ? 
_pdbx_SG_project.full_name_of_center   'Seattle Structural Genomics Center for Infectious Disease' 
_pdbx_SG_project.initial_of_center     SSGCID 
# 
loop_
_pdbx_struct_special_symmetry.id 
_pdbx_struct_special_symmetry.PDB_model_num 
_pdbx_struct_special_symmetry.auth_asym_id 
_pdbx_struct_special_symmetry.auth_comp_id 
_pdbx_struct_special_symmetry.auth_seq_id 
_pdbx_struct_special_symmetry.PDB_ins_code 
_pdbx_struct_special_symmetry.label_asym_id 
_pdbx_struct_special_symmetry.label_comp_id 
_pdbx_struct_special_symmetry.label_seq_id 
1 1 A IOD 188 ? J IOD . 
2 1 A HOH 224 ? K HOH . 
3 1 A HOH 301 ? K HOH . 
# 
_diffrn_reflns.diffrn_id                   1 
_diffrn_reflns.pdbx_d_res_high             2.050 
_diffrn_reflns.pdbx_d_res_low              ? 
_diffrn_reflns.pdbx_number_obs             16334 
_diffrn_reflns.pdbx_Rmerge_I_obs           0.025 
_diffrn_reflns.pdbx_Rsym_value             ? 
_diffrn_reflns.pdbx_chi_squared            ? 
_diffrn_reflns.av_sigmaI_over_netI         ? 
_diffrn_reflns.pdbx_redundancy             ? 
_diffrn_reflns.pdbx_percent_possible_obs   99.50 
_diffrn_reflns.number                      88646 
_diffrn_reflns.pdbx_observed_criterion     ? 
_diffrn_reflns.limit_h_max                 ? 
_diffrn_reflns.limit_h_min                 ? 
_diffrn_reflns.limit_k_max                 ? 
_diffrn_reflns.limit_k_min                 ? 
_diffrn_reflns.limit_l_max                 ? 
_diffrn_reflns.limit_l_min                 ? 
# 
loop_
_pdbx_diffrn_reflns_shell.diffrn_id 
_pdbx_diffrn_reflns_shell.d_res_high 
_pdbx_diffrn_reflns_shell.d_res_low 
_pdbx_diffrn_reflns_shell.number_obs 
_pdbx_diffrn_reflns_shell.rejects 
_pdbx_diffrn_reflns_shell.Rmerge_I_obs 
_pdbx_diffrn_reflns_shell.Rsym_value 
_pdbx_diffrn_reflns_shell.chi_squared 
_pdbx_diffrn_reflns_shell.redundancy 
_pdbx_diffrn_reflns_shell.percent_possible_obs 
1 6.48 9.17 342  ? 0.025 ? ? ? 100.00 
1 5.29 6.48 428  ? 0.022 ? ? ? 100.00 
1 4.58 5.29 514  ? 0.020 ? ? ? 100.00 
1 4.10 4.58 592  ? 0.019 ? ? ? 100.00 
1 3.74 4.10 642  ? 0.018 ? ? ? 99.70  
1 3.47 3.74 701  ? 0.020 ? ? ? 99.90  
1 3.24 3.47 770  ? 0.022 ? ? ? 100.00 
1 3.06 3.24 792  ? 0.022 ? ? ? 100.00 
1 2.90 3.06 854  ? 0.022 ? ? ? 100.00 
1 2.76 2.90 912  ? 0.024 ? ? ? 100.00 
1 2.65 2.76 864  ? 0.027 ? ? ? 100.00 
1 2.54 2.65 984  ? 0.030 ? ? ? 100.00 
1 2.45 2.54 1010 ? 0.031 ? ? ? 100.00 
1 2.37 2.45 1073 ? 0.036 ? ? ? 99.90  
1 2.29 2.37 1072 ? 0.035 ? ? ? 100.00 
1 2.22 2.29 1152 ? 0.034 ? ? ? 100.00 
1 2.16 2.22 1112 ? 0.038 ? ? ? 100.00 
1 2.10 2.16 1158 ? 0.042 ? ? ? 99.80  
1 2.05 2.10 1196 ? 0.039 ? ? ? 96.00  
# 
loop_
_pdbx_phasing_MAD_shell.d_res_high 
_pdbx_phasing_MAD_shell.d_res_low 
_pdbx_phasing_MAD_shell.reflns_acentric 
_pdbx_phasing_MAD_shell.fom_acentric 
_pdbx_phasing_MAD_shell.reflns_centric 
_pdbx_phasing_MAD_shell.fom_centric 
_pdbx_phasing_MAD_shell.reflns 
_pdbx_phasing_MAD_shell.fom 
7.53 18.45 159 0.460 0 0.000 159 0.460 
5.56 7.53  238 0.522 0 0.000 238 0.522 
4.61 5.56  309 0.496 0 0.000 309 0.496 
4.03 4.61  373 0.555 0 0.000 373 0.555 
3.62 4.03  396 0.505 0 0.000 396 0.505 
3.31 3.62  466 0.538 0 0.000 467 0.537 
3.08 3.31  478 0.520 0 0.000 478 0.520 
2.88 3.08  524 0.501 0 0.000 524 0.501 
2.72 2.88  557 0.500 0 0.000 557 0.500 
2.58 2.72  599 0.530 0 0.000 599 0.530 
2.47 2.58  608 0.498 0 0.000 608 0.498 
2.36 2.47  646 0.448 0 0.000 647 0.447 
2.27 2.36  682 0.480 0 0.000 682 0.480 
2.19 2.27  687 0.466 0 0.000 687 0.466 
2.12 2.19  700 0.436 0 0.000 700 0.436 
2.05 2.12  735 0.421 0 0.000 751 0.416 
# 
_phasing.method   MAD 
# 
_phasing_MAD.entry_id               3LA9 
_phasing_MAD.pdbx_d_res_high        2.05 
_phasing_MAD.pdbx_d_res_low         18.45 
_phasing_MAD.pdbx_reflns_acentric   8157 
_phasing_MAD.pdbx_fom_acentric      0.487 
_phasing_MAD.pdbx_reflns_centric    0 
_phasing_MAD.pdbx_fom_centric       0.000 
_phasing_MAD.pdbx_reflns            8175 
_phasing_MAD.pdbx_fom               0.486 
# 
loop_
_pdbx_unobs_or_zero_occ_residues.id 
_pdbx_unobs_or_zero_occ_residues.PDB_model_num 
_pdbx_unobs_or_zero_occ_residues.polymer_flag 
_pdbx_unobs_or_zero_occ_residues.occupancy_flag 
_pdbx_unobs_or_zero_occ_residues.auth_asym_id 
_pdbx_unobs_or_zero_occ_residues.auth_comp_id 
_pdbx_unobs_or_zero_occ_residues.auth_seq_id 
_pdbx_unobs_or_zero_occ_residues.PDB_ins_code 
_pdbx_unobs_or_zero_occ_residues.label_asym_id 
_pdbx_unobs_or_zero_occ_residues.label_comp_id 
_pdbx_unobs_or_zero_occ_residues.label_seq_id 
1  1 Y 1 A MET -20 ? A MET 1   
2  1 Y 1 A ALA -19 ? A ALA 2   
3  1 Y 1 A HIS -18 ? A HIS 3   
4  1 Y 1 A HIS -17 ? A HIS 4   
5  1 Y 1 A HIS -16 ? A HIS 5   
6  1 Y 1 A HIS -15 ? A HIS 6   
7  1 Y 1 A HIS -14 ? A HIS 7   
8  1 Y 1 A HIS -13 ? A HIS 8   
9  1 Y 1 A MET -12 ? A MET 9   
10 1 Y 1 A GLY -11 ? A GLY 10  
11 1 Y 1 A THR -10 ? A THR 11  
12 1 Y 1 A LEU -9  ? A LEU 12  
13 1 Y 1 A GLU -8  ? A GLU 13  
14 1 Y 1 A ALA -7  ? A ALA 14  
15 1 Y 1 A GLN -6  ? A GLN 15  
16 1 Y 1 A THR -5  ? A THR 16  
17 1 Y 1 A GLN -4  ? A GLN 17  
18 1 Y 1 A GLY -3  ? A GLY 18  
19 1 Y 1 A PRO -2  ? A PRO 19  
20 1 Y 1 A GLY -1  ? A GLY 20  
21 1 Y 1 A SER 0   ? A SER 21  
22 1 Y 1 A MET 1   ? A MET 22  
23 1 Y 1 A GLY 2   ? A GLY 23  
24 1 Y 1 A SER 3   ? A SER 24  
25 1 Y 1 A LEU 4   ? A LEU 25  
26 1 Y 1 A SER 123 ? A SER 144 
27 1 Y 1 A VAL 124 ? A VAL 145 
28 1 Y 1 A GLY 125 ? A GLY 146 
29 1 Y 1 A GLY 126 ? A GLY 147 
30 1 Y 1 A LEU 127 ? A LEU 148 
31 1 Y 1 A THR 128 ? A THR 149 
32 1 Y 1 A SER 178 ? A SER 199 
33 1 Y 1 A ASN 179 ? A ASN 200 
# 
loop_
_chem_comp_atom.comp_id 
_chem_comp_atom.atom_id 
_chem_comp_atom.type_symbol 
_chem_comp_atom.pdbx_aromatic_flag 
_chem_comp_atom.pdbx_stereo_config 
_chem_comp_atom.pdbx_ordinal 
ALA N    N N N 1   
ALA CA   C N S 2   
ALA C    C N N 3   
ALA O    O N N 4   
ALA CB   C N N 5   
ALA OXT  O N N 6   
ALA H    H N N 7   
ALA H2   H N N 8   
ALA HA   H N N 9   
ALA HB1  H N N 10  
ALA HB2  H N N 11  
ALA HB3  H N N 12  
ALA HXT  H N N 13  
ARG N    N N N 14  
ARG CA   C N S 15  
ARG C    C N N 16  
ARG O    O N N 17  
ARG CB   C N N 18  
ARG CG   C N N 19  
ARG CD   C N N 20  
ARG NE   N N N 21  
ARG CZ   C N N 22  
ARG NH1  N N N 23  
ARG NH2  N N N 24  
ARG OXT  O N N 25  
ARG H    H N N 26  
ARG H2   H N N 27  
ARG HA   H N N 28  
ARG HB2  H N N 29  
ARG HB3  H N N 30  
ARG HG2  H N N 31  
ARG HG3  H N N 32  
ARG HD2  H N N 33  
ARG HD3  H N N 34  
ARG HE   H N N 35  
ARG HH11 H N N 36  
ARG HH12 H N N 37  
ARG HH21 H N N 38  
ARG HH22 H N N 39  
ARG HXT  H N N 40  
ASN N    N N N 41  
ASN CA   C N S 42  
ASN C    C N N 43  
ASN O    O N N 44  
ASN CB   C N N 45  
ASN CG   C N N 46  
ASN OD1  O N N 47  
ASN ND2  N N N 48  
ASN OXT  O N N 49  
ASN H    H N N 50  
ASN H2   H N N 51  
ASN HA   H N N 52  
ASN HB2  H N N 53  
ASN HB3  H N N 54  
ASN HD21 H N N 55  
ASN HD22 H N N 56  
ASN HXT  H N N 57  
ASP N    N N N 58  
ASP CA   C N S 59  
ASP C    C N N 60  
ASP O    O N N 61  
ASP CB   C N N 62  
ASP CG   C N N 63  
ASP OD1  O N N 64  
ASP OD2  O N N 65  
ASP OXT  O N N 66  
ASP H    H N N 67  
ASP H2   H N N 68  
ASP HA   H N N 69  
ASP HB2  H N N 70  
ASP HB3  H N N 71  
ASP HD2  H N N 72  
ASP HXT  H N N 73  
GLN N    N N N 74  
GLN CA   C N S 75  
GLN C    C N N 76  
GLN O    O N N 77  
GLN CB   C N N 78  
GLN CG   C N N 79  
GLN CD   C N N 80  
GLN OE1  O N N 81  
GLN NE2  N N N 82  
GLN OXT  O N N 83  
GLN H    H N N 84  
GLN H2   H N N 85  
GLN HA   H N N 86  
GLN HB2  H N N 87  
GLN HB3  H N N 88  
GLN HG2  H N N 89  
GLN HG3  H N N 90  
GLN HE21 H N N 91  
GLN HE22 H N N 92  
GLN HXT  H N N 93  
GLU N    N N N 94  
GLU CA   C N S 95  
GLU C    C N N 96  
GLU O    O N N 97  
GLU CB   C N N 98  
GLU CG   C N N 99  
GLU CD   C N N 100 
GLU OE1  O N N 101 
GLU OE2  O N N 102 
GLU OXT  O N N 103 
GLU H    H N N 104 
GLU H2   H N N 105 
GLU HA   H N N 106 
GLU HB2  H N N 107 
GLU HB3  H N N 108 
GLU HG2  H N N 109 
GLU HG3  H N N 110 
GLU HE2  H N N 111 
GLU HXT  H N N 112 
GLY N    N N N 113 
GLY CA   C N N 114 
GLY C    C N N 115 
GLY O    O N N 116 
GLY OXT  O N N 117 
GLY H    H N N 118 
GLY H2   H N N 119 
GLY HA2  H N N 120 
GLY HA3  H N N 121 
GLY HXT  H N N 122 
HIS N    N N N 123 
HIS CA   C N S 124 
HIS C    C N N 125 
HIS O    O N N 126 
HIS CB   C N N 127 
HIS CG   C Y N 128 
HIS ND1  N Y N 129 
HIS CD2  C Y N 130 
HIS CE1  C Y N 131 
HIS NE2  N Y N 132 
HIS OXT  O N N 133 
HIS H    H N N 134 
HIS H2   H N N 135 
HIS HA   H N N 136 
HIS HB2  H N N 137 
HIS HB3  H N N 138 
HIS HD1  H N N 139 
HIS HD2  H N N 140 
HIS HE1  H N N 141 
HIS HE2  H N N 142 
HIS HXT  H N N 143 
HOH O    O N N 144 
HOH H1   H N N 145 
HOH H2   H N N 146 
ILE N    N N N 147 
ILE CA   C N S 148 
ILE C    C N N 149 
ILE O    O N N 150 
ILE CB   C N S 151 
ILE CG1  C N N 152 
ILE CG2  C N N 153 
ILE CD1  C N N 154 
ILE OXT  O N N 155 
ILE H    H N N 156 
ILE H2   H N N 157 
ILE HA   H N N 158 
ILE HB   H N N 159 
ILE HG12 H N N 160 
ILE HG13 H N N 161 
ILE HG21 H N N 162 
ILE HG22 H N N 163 
ILE HG23 H N N 164 
ILE HD11 H N N 165 
ILE HD12 H N N 166 
ILE HD13 H N N 167 
ILE HXT  H N N 168 
IOD I    I N N 169 
LEU N    N N N 170 
LEU CA   C N S 171 
LEU C    C N N 172 
LEU O    O N N 173 
LEU CB   C N N 174 
LEU CG   C N N 175 
LEU CD1  C N N 176 
LEU CD2  C N N 177 
LEU OXT  O N N 178 
LEU H    H N N 179 
LEU H2   H N N 180 
LEU HA   H N N 181 
LEU HB2  H N N 182 
LEU HB3  H N N 183 
LEU HG   H N N 184 
LEU HD11 H N N 185 
LEU HD12 H N N 186 
LEU HD13 H N N 187 
LEU HD21 H N N 188 
LEU HD22 H N N 189 
LEU HD23 H N N 190 
LEU HXT  H N N 191 
LYS N    N N N 192 
LYS CA   C N S 193 
LYS C    C N N 194 
LYS O    O N N 195 
LYS CB   C N N 196 
LYS CG   C N N 197 
LYS CD   C N N 198 
LYS CE   C N N 199 
LYS NZ   N N N 200 
LYS OXT  O N N 201 
LYS H    H N N 202 
LYS H2   H N N 203 
LYS HA   H N N 204 
LYS HB2  H N N 205 
LYS HB3  H N N 206 
LYS HG2  H N N 207 
LYS HG3  H N N 208 
LYS HD2  H N N 209 
LYS HD3  H N N 210 
LYS HE2  H N N 211 
LYS HE3  H N N 212 
LYS HZ1  H N N 213 
LYS HZ2  H N N 214 
LYS HZ3  H N N 215 
LYS HXT  H N N 216 
MET N    N N N 217 
MET CA   C N S 218 
MET C    C N N 219 
MET O    O N N 220 
MET CB   C N N 221 
MET CG   C N N 222 
MET SD   S N N 223 
MET CE   C N N 224 
MET OXT  O N N 225 
MET H    H N N 226 
MET H2   H N N 227 
MET HA   H N N 228 
MET HB2  H N N 229 
MET HB3  H N N 230 
MET HG2  H N N 231 
MET HG3  H N N 232 
MET HE1  H N N 233 
MET HE2  H N N 234 
MET HE3  H N N 235 
MET HXT  H N N 236 
PHE N    N N N 237 
PHE CA   C N S 238 
PHE C    C N N 239 
PHE O    O N N 240 
PHE CB   C N N 241 
PHE CG   C Y N 242 
PHE CD1  C Y N 243 
PHE CD2  C Y N 244 
PHE CE1  C Y N 245 
PHE CE2  C Y N 246 
PHE CZ   C Y N 247 
PHE OXT  O N N 248 
PHE H    H N N 249 
PHE H2   H N N 250 
PHE HA   H N N 251 
PHE HB2  H N N 252 
PHE HB3  H N N 253 
PHE HD1  H N N 254 
PHE HD2  H N N 255 
PHE HE1  H N N 256 
PHE HE2  H N N 257 
PHE HZ   H N N 258 
PHE HXT  H N N 259 
PRO N    N N N 260 
PRO CA   C N S 261 
PRO C    C N N 262 
PRO O    O N N 263 
PRO CB   C N N 264 
PRO CG   C N N 265 
PRO CD   C N N 266 
PRO OXT  O N N 267 
PRO H    H N N 268 
PRO HA   H N N 269 
PRO HB2  H N N 270 
PRO HB3  H N N 271 
PRO HG2  H N N 272 
PRO HG3  H N N 273 
PRO HD2  H N N 274 
PRO HD3  H N N 275 
PRO HXT  H N N 276 
SER N    N N N 277 
SER CA   C N S 278 
SER C    C N N 279 
SER O    O N N 280 
SER CB   C N N 281 
SER OG   O N N 282 
SER OXT  O N N 283 
SER H    H N N 284 
SER H2   H N N 285 
SER HA   H N N 286 
SER HB2  H N N 287 
SER HB3  H N N 288 
SER HG   H N N 289 
SER HXT  H N N 290 
THR N    N N N 291 
THR CA   C N S 292 
THR C    C N N 293 
THR O    O N N 294 
THR CB   C N R 295 
THR OG1  O N N 296 
THR CG2  C N N 297 
THR OXT  O N N 298 
THR H    H N N 299 
THR H2   H N N 300 
THR HA   H N N 301 
THR HB   H N N 302 
THR HG1  H N N 303 
THR HG21 H N N 304 
THR HG22 H N N 305 
THR HG23 H N N 306 
THR HXT  H N N 307 
TYR N    N N N 308 
TYR CA   C N S 309 
TYR C    C N N 310 
TYR O    O N N 311 
TYR CB   C N N 312 
TYR CG   C Y N 313 
TYR CD1  C Y N 314 
TYR CD2  C Y N 315 
TYR CE1  C Y N 316 
TYR CE2  C Y N 317 
TYR CZ   C Y N 318 
TYR OH   O N N 319 
TYR OXT  O N N 320 
TYR H    H N N 321 
TYR H2   H N N 322 
TYR HA   H N N 323 
TYR HB2  H N N 324 
TYR HB3  H N N 325 
TYR HD1  H N N 326 
TYR HD2  H N N 327 
TYR HE1  H N N 328 
TYR HE2  H N N 329 
TYR HH   H N N 330 
TYR HXT  H N N 331 
VAL N    N N N 332 
VAL CA   C N S 333 
VAL C    C N N 334 
VAL O    O N N 335 
VAL CB   C N N 336 
VAL CG1  C N N 337 
VAL CG2  C N N 338 
VAL OXT  O N N 339 
VAL H    H N N 340 
VAL H2   H N N 341 
VAL HA   H N N 342 
VAL HB   H N N 343 
VAL HG11 H N N 344 
VAL HG12 H N N 345 
VAL HG13 H N N 346 
VAL HG21 H N N 347 
VAL HG22 H N N 348 
VAL HG23 H N N 349 
VAL HXT  H N N 350 
# 
loop_
_chem_comp_bond.comp_id 
_chem_comp_bond.atom_id_1 
_chem_comp_bond.atom_id_2 
_chem_comp_bond.value_order 
_chem_comp_bond.pdbx_aromatic_flag 
_chem_comp_bond.pdbx_stereo_config 
_chem_comp_bond.pdbx_ordinal 
ALA N   CA   sing N N 1   
ALA N   H    sing N N 2   
ALA N   H2   sing N N 3   
ALA CA  C    sing N N 4   
ALA CA  CB   sing N N 5   
ALA CA  HA   sing N N 6   
ALA C   O    doub N N 7   
ALA C   OXT  sing N N 8   
ALA CB  HB1  sing N N 9   
ALA CB  HB2  sing N N 10  
ALA CB  HB3  sing N N 11  
ALA OXT HXT  sing N N 12  
ARG N   CA   sing N N 13  
ARG N   H    sing N N 14  
ARG N   H2   sing N N 15  
ARG CA  C    sing N N 16  
ARG CA  CB   sing N N 17  
ARG CA  HA   sing N N 18  
ARG C   O    doub N N 19  
ARG C   OXT  sing N N 20  
ARG CB  CG   sing N N 21  
ARG CB  HB2  sing N N 22  
ARG CB  HB3  sing N N 23  
ARG CG  CD   sing N N 24  
ARG CG  HG2  sing N N 25  
ARG CG  HG3  sing N N 26  
ARG CD  NE   sing N N 27  
ARG CD  HD2  sing N N 28  
ARG CD  HD3  sing N N 29  
ARG NE  CZ   sing N N 30  
ARG NE  HE   sing N N 31  
ARG CZ  NH1  sing N N 32  
ARG CZ  NH2  doub N N 33  
ARG NH1 HH11 sing N N 34  
ARG NH1 HH12 sing N N 35  
ARG NH2 HH21 sing N N 36  
ARG NH2 HH22 sing N N 37  
ARG OXT HXT  sing N N 38  
ASN N   CA   sing N N 39  
ASN N   H    sing N N 40  
ASN N   H2   sing N N 41  
ASN CA  C    sing N N 42  
ASN CA  CB   sing N N 43  
ASN CA  HA   sing N N 44  
ASN C   O    doub N N 45  
ASN C   OXT  sing N N 46  
ASN CB  CG   sing N N 47  
ASN CB  HB2  sing N N 48  
ASN CB  HB3  sing N N 49  
ASN CG  OD1  doub N N 50  
ASN CG  ND2  sing N N 51  
ASN ND2 HD21 sing N N 52  
ASN ND2 HD22 sing N N 53  
ASN OXT HXT  sing N N 54  
ASP N   CA   sing N N 55  
ASP N   H    sing N N 56  
ASP N   H2   sing N N 57  
ASP CA  C    sing N N 58  
ASP CA  CB   sing N N 59  
ASP CA  HA   sing N N 60  
ASP C   O    doub N N 61  
ASP C   OXT  sing N N 62  
ASP CB  CG   sing N N 63  
ASP CB  HB2  sing N N 64  
ASP CB  HB3  sing N N 65  
ASP CG  OD1  doub N N 66  
ASP CG  OD2  sing N N 67  
ASP OD2 HD2  sing N N 68  
ASP OXT HXT  sing N N 69  
GLN N   CA   sing N N 70  
GLN N   H    sing N N 71  
GLN N   H2   sing N N 72  
GLN CA  C    sing N N 73  
GLN CA  CB   sing N N 74  
GLN CA  HA   sing N N 75  
GLN C   O    doub N N 76  
GLN C   OXT  sing N N 77  
GLN CB  CG   sing N N 78  
GLN CB  HB2  sing N N 79  
GLN CB  HB3  sing N N 80  
GLN CG  CD   sing N N 81  
GLN CG  HG2  sing N N 82  
GLN CG  HG3  sing N N 83  
GLN CD  OE1  doub N N 84  
GLN CD  NE2  sing N N 85  
GLN NE2 HE21 sing N N 86  
GLN NE2 HE22 sing N N 87  
GLN OXT HXT  sing N N 88  
GLU N   CA   sing N N 89  
GLU N   H    sing N N 90  
GLU N   H2   sing N N 91  
GLU CA  C    sing N N 92  
GLU CA  CB   sing N N 93  
GLU CA  HA   sing N N 94  
GLU C   O    doub N N 95  
GLU C   OXT  sing N N 96  
GLU CB  CG   sing N N 97  
GLU CB  HB2  sing N N 98  
GLU CB  HB3  sing N N 99  
GLU CG  CD   sing N N 100 
GLU CG  HG2  sing N N 101 
GLU CG  HG3  sing N N 102 
GLU CD  OE1  doub N N 103 
GLU CD  OE2  sing N N 104 
GLU OE2 HE2  sing N N 105 
GLU OXT HXT  sing N N 106 
GLY N   CA   sing N N 107 
GLY N   H    sing N N 108 
GLY N   H2   sing N N 109 
GLY CA  C    sing N N 110 
GLY CA  HA2  sing N N 111 
GLY CA  HA3  sing N N 112 
GLY C   O    doub N N 113 
GLY C   OXT  sing N N 114 
GLY OXT HXT  sing N N 115 
HIS N   CA   sing N N 116 
HIS N   H    sing N N 117 
HIS N   H2   sing N N 118 
HIS CA  C    sing N N 119 
HIS CA  CB   sing N N 120 
HIS CA  HA   sing N N 121 
HIS C   O    doub N N 122 
HIS C   OXT  sing N N 123 
HIS CB  CG   sing N N 124 
HIS CB  HB2  sing N N 125 
HIS CB  HB3  sing N N 126 
HIS CG  ND1  sing Y N 127 
HIS CG  CD2  doub Y N 128 
HIS ND1 CE1  doub Y N 129 
HIS ND1 HD1  sing N N 130 
HIS CD2 NE2  sing Y N 131 
HIS CD2 HD2  sing N N 132 
HIS CE1 NE2  sing Y N 133 
HIS CE1 HE1  sing N N 134 
HIS NE2 HE2  sing N N 135 
HIS OXT HXT  sing N N 136 
HOH O   H1   sing N N 137 
HOH O   H2   sing N N 138 
ILE N   CA   sing N N 139 
ILE N   H    sing N N 140 
ILE N   H2   sing N N 141 
ILE CA  C    sing N N 142 
ILE CA  CB   sing N N 143 
ILE CA  HA   sing N N 144 
ILE C   O    doub N N 145 
ILE C   OXT  sing N N 146 
ILE CB  CG1  sing N N 147 
ILE CB  CG2  sing N N 148 
ILE CB  HB   sing N N 149 
ILE CG1 CD1  sing N N 150 
ILE CG1 HG12 sing N N 151 
ILE CG1 HG13 sing N N 152 
ILE CG2 HG21 sing N N 153 
ILE CG2 HG22 sing N N 154 
ILE CG2 HG23 sing N N 155 
ILE CD1 HD11 sing N N 156 
ILE CD1 HD12 sing N N 157 
ILE CD1 HD13 sing N N 158 
ILE OXT HXT  sing N N 159 
LEU N   CA   sing N N 160 
LEU N   H    sing N N 161 
LEU N   H2   sing N N 162 
LEU CA  C    sing N N 163 
LEU CA  CB   sing N N 164 
LEU CA  HA   sing N N 165 
LEU C   O    doub N N 166 
LEU C   OXT  sing N N 167 
LEU CB  CG   sing N N 168 
LEU CB  HB2  sing N N 169 
LEU CB  HB3  sing N N 170 
LEU CG  CD1  sing N N 171 
LEU CG  CD2  sing N N 172 
LEU CG  HG   sing N N 173 
LEU CD1 HD11 sing N N 174 
LEU CD1 HD12 sing N N 175 
LEU CD1 HD13 sing N N 176 
LEU CD2 HD21 sing N N 177 
LEU CD2 HD22 sing N N 178 
LEU CD2 HD23 sing N N 179 
LEU OXT HXT  sing N N 180 
LYS N   CA   sing N N 181 
LYS N   H    sing N N 182 
LYS N   H2   sing N N 183 
LYS CA  C    sing N N 184 
LYS CA  CB   sing N N 185 
LYS CA  HA   sing N N 186 
LYS C   O    doub N N 187 
LYS C   OXT  sing N N 188 
LYS CB  CG   sing N N 189 
LYS CB  HB2  sing N N 190 
LYS CB  HB3  sing N N 191 
LYS CG  CD   sing N N 192 
LYS CG  HG2  sing N N 193 
LYS CG  HG3  sing N N 194 
LYS CD  CE   sing N N 195 
LYS CD  HD2  sing N N 196 
LYS CD  HD3  sing N N 197 
LYS CE  NZ   sing N N 198 
LYS CE  HE2  sing N N 199 
LYS CE  HE3  sing N N 200 
LYS NZ  HZ1  sing N N 201 
LYS NZ  HZ2  sing N N 202 
LYS NZ  HZ3  sing N N 203 
LYS OXT HXT  sing N N 204 
MET N   CA   sing N N 205 
MET N   H    sing N N 206 
MET N   H2   sing N N 207 
MET CA  C    sing N N 208 
MET CA  CB   sing N N 209 
MET CA  HA   sing N N 210 
MET C   O    doub N N 211 
MET C   OXT  sing N N 212 
MET CB  CG   sing N N 213 
MET CB  HB2  sing N N 214 
MET CB  HB3  sing N N 215 
MET CG  SD   sing N N 216 
MET CG  HG2  sing N N 217 
MET CG  HG3  sing N N 218 
MET SD  CE   sing N N 219 
MET CE  HE1  sing N N 220 
MET CE  HE2  sing N N 221 
MET CE  HE3  sing N N 222 
MET OXT HXT  sing N N 223 
PHE N   CA   sing N N 224 
PHE N   H    sing N N 225 
PHE N   H2   sing N N 226 
PHE CA  C    sing N N 227 
PHE CA  CB   sing N N 228 
PHE CA  HA   sing N N 229 
PHE C   O    doub N N 230 
PHE C   OXT  sing N N 231 
PHE CB  CG   sing N N 232 
PHE CB  HB2  sing N N 233 
PHE CB  HB3  sing N N 234 
PHE CG  CD1  doub Y N 235 
PHE CG  CD2  sing Y N 236 
PHE CD1 CE1  sing Y N 237 
PHE CD1 HD1  sing N N 238 
PHE CD2 CE2  doub Y N 239 
PHE CD2 HD2  sing N N 240 
PHE CE1 CZ   doub Y N 241 
PHE CE1 HE1  sing N N 242 
PHE CE2 CZ   sing Y N 243 
PHE CE2 HE2  sing N N 244 
PHE CZ  HZ   sing N N 245 
PHE OXT HXT  sing N N 246 
PRO N   CA   sing N N 247 
PRO N   CD   sing N N 248 
PRO N   H    sing N N 249 
PRO CA  C    sing N N 250 
PRO CA  CB   sing N N 251 
PRO CA  HA   sing N N 252 
PRO C   O    doub N N 253 
PRO C   OXT  sing N N 254 
PRO CB  CG   sing N N 255 
PRO CB  HB2  sing N N 256 
PRO CB  HB3  sing N N 257 
PRO CG  CD   sing N N 258 
PRO CG  HG2  sing N N 259 
PRO CG  HG3  sing N N 260 
PRO CD  HD2  sing N N 261 
PRO CD  HD3  sing N N 262 
PRO OXT HXT  sing N N 263 
SER N   CA   sing N N 264 
SER N   H    sing N N 265 
SER N   H2   sing N N 266 
SER CA  C    sing N N 267 
SER CA  CB   sing N N 268 
SER CA  HA   sing N N 269 
SER C   O    doub N N 270 
SER C   OXT  sing N N 271 
SER CB  OG   sing N N 272 
SER CB  HB2  sing N N 273 
SER CB  HB3  sing N N 274 
SER OG  HG   sing N N 275 
SER OXT HXT  sing N N 276 
THR N   CA   sing N N 277 
THR N   H    sing N N 278 
THR N   H2   sing N N 279 
THR CA  C    sing N N 280 
THR CA  CB   sing N N 281 
THR CA  HA   sing N N 282 
THR C   O    doub N N 283 
THR C   OXT  sing N N 284 
THR CB  OG1  sing N N 285 
THR CB  CG2  sing N N 286 
THR CB  HB   sing N N 287 
THR OG1 HG1  sing N N 288 
THR CG2 HG21 sing N N 289 
THR CG2 HG22 sing N N 290 
THR CG2 HG23 sing N N 291 
THR OXT HXT  sing N N 292 
TYR N   CA   sing N N 293 
TYR N   H    sing N N 294 
TYR N   H2   sing N N 295 
TYR CA  C    sing N N 296 
TYR CA  CB   sing N N 297 
TYR CA  HA   sing N N 298 
TYR C   O    doub N N 299 
TYR C   OXT  sing N N 300 
TYR CB  CG   sing N N 301 
TYR CB  HB2  sing N N 302 
TYR CB  HB3  sing N N 303 
TYR CG  CD1  doub Y N 304 
TYR CG  CD2  sing Y N 305 
TYR CD1 CE1  sing Y N 306 
TYR CD1 HD1  sing N N 307 
TYR CD2 CE2  doub Y N 308 
TYR CD2 HD2  sing N N 309 
TYR CE1 CZ   doub Y N 310 
TYR CE1 HE1  sing N N 311 
TYR CE2 CZ   sing Y N 312 
TYR CE2 HE2  sing N N 313 
TYR CZ  OH   sing N N 314 
TYR OH  HH   sing N N 315 
TYR OXT HXT  sing N N 316 
VAL N   CA   sing N N 317 
VAL N   H    sing N N 318 
VAL N   H2   sing N N 319 
VAL CA  C    sing N N 320 
VAL CA  CB   sing N N 321 
VAL CA  HA   sing N N 322 
VAL C   O    doub N N 323 
VAL C   OXT  sing N N 324 
VAL CB  CG1  sing N N 325 
VAL CB  CG2  sing N N 326 
VAL CB  HB   sing N N 327 
VAL CG1 HG11 sing N N 328 
VAL CG1 HG12 sing N N 329 
VAL CG1 HG13 sing N N 330 
VAL CG2 HG21 sing N N 331 
VAL CG2 HG22 sing N N 332 
VAL CG2 HG23 sing N N 333 
VAL OXT HXT  sing N N 334 
# 
loop_
_pdbx_reflns_twin.domain_id 
_pdbx_reflns_twin.crystal_id 
_pdbx_reflns_twin.diffrn_id 
_pdbx_reflns_twin.fraction 
_pdbx_reflns_twin.operator 
_pdbx_reflns_twin.type 
_pdbx_reflns_twin.mean_F_square_over_mean_F2 
_pdbx_reflns_twin.mean_I2_over_mean_I_square 
1 1 1 0.802 'H,  K,  L' ? ? ? 
2 1 1 0.198 'K,  H, -L' ? ? ? 
# 
_atom_sites.entry_id                    3LA9 
_atom_sites.fract_transf_matrix[1][1]   0.02236834 
_atom_sites.fract_transf_matrix[1][2]   0.00231886 
_atom_sites.fract_transf_matrix[1][3]   -0.00337212 
_atom_sites.fract_transf_matrix[2][1]   0.01403060 
_atom_sites.fract_transf_matrix[2][2]   0.00200997 
_atom_sites.fract_transf_matrix[2][3]   0.01778101 
_atom_sites.fract_transf_matrix[3][1]   0.00079026 
_atom_sites.fract_transf_matrix[3][2]   -0.00732566 
_atom_sites.fract_transf_matrix[3][3]   0.00020452 
_atom_sites.fract_transf_vector[1]      -0.334307 
_atom_sites.fract_transf_vector[2]      0.307680 
_atom_sites.fract_transf_vector[3]      0.887651 
# 
loop_
_atom_type.symbol 
C 
I 
N 
O 
# 
loop_
_atom_site.group_PDB 
_atom_site.id 
_atom_site.type_symbol 
_atom_site.label_atom_id 
_atom_site.label_alt_id 
_atom_site.label_comp_id 
_atom_site.label_asym_id 
_atom_site.label_entity_id 
_atom_site.label_seq_id 
_atom_site.pdbx_PDB_ins_code 
_atom_site.Cartn_x 
_atom_site.Cartn_y 
_atom_site.Cartn_z 
_atom_site.occupancy 
_atom_site.B_iso_or_equiv 
_atom_site.pdbx_formal_charge 
_atom_site.auth_seq_id 
_atom_site.auth_comp_id 
_atom_site.auth_asym_id 
_atom_site.auth_atom_id 
_atom_site.pdbx_PDB_model_num 
ATOM   1    N N   . SER A 1 26  ? -5.020  55.085  4.649   1.00 28.58 ? 5   SER A N   1 
ATOM   2    C CA  . SER A 1 26  ? -3.632  55.112  5.217   1.00 28.66 ? 5   SER A CA  1 
ATOM   3    C C   . SER A 1 26  ? -3.512  54.137  6.390   1.00 28.11 ? 5   SER A C   1 
ATOM   4    O O   . SER A 1 26  ? -2.599  53.299  6.432   1.00 27.90 ? 5   SER A O   1 
ATOM   5    C CB  . SER A 1 26  ? -3.233  56.527  5.643   1.00 29.00 ? 5   SER A CB  1 
ATOM   6    O OG  . SER A 1 26  ? -3.928  56.938  6.809   1.00 30.73 ? 5   SER A OG  1 
ATOM   7    N N   . THR A 1 27  ? -4.438  54.269  7.340   1.00 27.22 ? 6   THR A N   1 
ATOM   8    C CA  . THR A 1 27  ? -4.664  53.254  8.367   1.00 26.47 ? 6   THR A CA  1 
ATOM   9    C C   . THR A 1 27  ? -5.263  52.019  7.699   1.00 25.42 ? 6   THR A C   1 
ATOM   10   O O   . THR A 1 27  ? -4.913  50.894  8.045   1.00 25.27 ? 6   THR A O   1 
ATOM   11   C CB  . THR A 1 27  ? -5.565  53.787  9.523   1.00 26.61 ? 6   THR A CB  1 
ATOM   12   O OG1 . THR A 1 27  ? -4.796  54.665  10.353  1.00 27.33 ? 6   THR A OG1 1 
ATOM   13   C CG2 . THR A 1 27  ? -6.097  52.653  10.402  1.00 27.03 ? 6   THR A CG2 1 
ATOM   14   N N   . SER A 1 28  ? -6.141  52.241  6.721   1.00 24.39 ? 7   SER A N   1 
ATOM   15   C CA  . SER A 1 28  ? -6.700  51.153  5.922   1.00 23.36 ? 7   SER A CA  1 
ATOM   16   C C   . SER A 1 28  ? -5.606  50.370  5.189   1.00 21.85 ? 7   SER A C   1 
ATOM   17   O O   . SER A 1 28  ? -5.640  49.149  5.177   1.00 21.53 ? 7   SER A O   1 
ATOM   18   C CB  . SER A 1 28  ? -7.742  51.684  4.934   1.00 23.95 ? 7   SER A CB  1 
ATOM   19   O OG  . SER A 1 28  ? -8.879  52.172  5.619   1.00 25.22 ? 7   SER A OG  1 
ATOM   20   N N   . ILE A 1 29  ? -4.645  51.077  4.595   1.00 20.35 ? 8   ILE A N   1 
ATOM   21   C CA  . ILE A 1 29  ? -3.488  50.463  3.917   1.00 18.87 ? 8   ILE A CA  1 
ATOM   22   C C   . ILE A 1 29  ? -2.700  49.599  4.894   1.00 17.65 ? 8   ILE A C   1 
ATOM   23   O O   . ILE A 1 29  ? -2.473  48.417  4.638   1.00 16.61 ? 8   ILE A O   1 
ATOM   24   C CB  . ILE A 1 29  ? -2.542  51.527  3.285   1.00 19.14 ? 8   ILE A CB  1 
ATOM   25   C CG1 . ILE A 1 29  ? -3.273  52.352  2.224   1.00 20.04 ? 8   ILE A CG1 1 
ATOM   26   C CG2 . ILE A 1 29  ? -1.269  50.895  2.700   1.00 19.29 ? 8   ILE A CG2 1 
ATOM   27   C CD1 . ILE A 1 29  ? -4.116  51.551  1.339   1.00 21.26 ? 8   ILE A CD1 1 
ATOM   28   N N   . SER A 1 30  ? -2.309  50.207  6.016   1.00 15.96 ? 9   SER A N   1 
ATOM   29   C CA  . SER A 1 30  ? -1.599  49.516  7.088   1.00 14.70 ? 9   SER A CA  1 
ATOM   30   C C   . SER A 1 30  ? -2.368  48.279  7.533   1.00 13.57 ? 9   SER A C   1 
ATOM   31   O O   . SER A 1 30  ? -1.783  47.223  7.737   1.00 12.97 ? 9   SER A O   1 
ATOM   32   C CB  . SER A 1 30  ? -1.376  50.452  8.281   1.00 15.07 ? 9   SER A CB  1 
ATOM   33   O OG  . SER A 1 30  ? -0.464  51.479  7.937   1.00 15.52 ? 9   SER A OG  1 
ATOM   34   N N   . SER A 1 31  ? -3.685  48.414  7.658   1.00 12.42 ? 10  SER A N   1 
ATOM   35   C CA  . SER A 1 31  ? -4.533  47.297  8.044   1.00 11.88 ? 10  SER A CA  1 
ATOM   36   C C   . SER A 1 31  ? -4.399  46.130  7.056   1.00 10.51 ? 10  SER A C   1 
ATOM   37   O O   . SER A 1 31  ? -4.261  44.972  7.455   1.00 9.77  ? 10  SER A O   1 
ATOM   38   C CB  . SER A 1 31  ? -5.993  47.738  8.127   1.00 11.93 ? 10  SER A CB  1 
ATOM   39   O OG  . SER A 1 31  ? -6.785  46.663  8.572   1.00 14.41 ? 10  SER A OG  1 
ATOM   40   N N   . ILE A 1 32  ? -4.438  46.460  5.769   1.00 9.59  ? 11  ILE A N   1 
ATOM   41   C CA  . ILE A 1 32  ? -4.365  45.465  4.709   1.00 8.84  ? 11  ILE A CA  1 
ATOM   42   C C   . ILE A 1 32  ? -3.025  44.745  4.686   1.00 8.66  ? 11  ILE A C   1 
ATOM   43   O O   . ILE A 1 32  ? -2.994  43.522  4.624   1.00 8.54  ? 11  ILE A O   1 
ATOM   44   C CB  . ILE A 1 32  ? -4.728  46.063  3.324   1.00 9.20  ? 11  ILE A CB  1 
ATOM   45   C CG1 . ILE A 1 32  ? -6.214  46.482  3.330   1.00 8.82  ? 11  ILE A CG1 1 
ATOM   46   C CG2 . ILE A 1 32  ? -4.439  45.046  2.201   1.00 7.98  ? 11  ILE A CG2 1 
ATOM   47   C CD1 . ILE A 1 32  ? -6.638  47.345  2.174   1.00 5.61  ? 11  ILE A CD1 1 
ATOM   48   N N   . THR A 1 33  ? -1.923  45.489  4.771   1.00 8.16  ? 12  THR A N   1 
ATOM   49   C CA  . THR A 1 33  ? -0.607  44.857  4.664   1.00 8.39  ? 12  THR A CA  1 
ATOM   50   C C   . THR A 1 33  ? -0.339  43.955  5.861   1.00 8.11  ? 12  THR A C   1 
ATOM   51   O O   . THR A 1 33  ? 0.242   42.885  5.711   1.00 7.99  ? 12  THR A O   1 
ATOM   52   C CB  . THR A 1 33  ? 0.531   45.869  4.462   1.00 8.40  ? 12  THR A CB  1 
ATOM   53   O OG1 . THR A 1 33  ? 0.471   46.855  5.482   1.00 10.18 ? 12  THR A OG1 1 
ATOM   54   C CG2 . THR A 1 33  ? 0.403   46.559  3.117   1.00 10.46 ? 12  THR A CG2 1 
ATOM   55   N N   . THR A 1 34  ? -0.803  44.376  7.037   1.00 7.85  ? 13  THR A N   1 
ATOM   56   C CA  . THR A 1 34  ? -0.740  43.531  8.219   1.00 8.36  ? 13  THR A CA  1 
ATOM   57   C C   . THR A 1 34  ? -1.549  42.253  8.003   1.00 7.95  ? 13  THR A C   1 
ATOM   58   O O   . THR A 1 34  ? -1.077  41.160  8.282   1.00 8.01  ? 13  THR A O   1 
ATOM   59   C CB  . THR A 1 34  ? -1.241  44.266  9.479   1.00 8.96  ? 13  THR A CB  1 
ATOM   60   O OG1 . THR A 1 34  ? -0.425  45.427  9.710   1.00 8.97  ? 13  THR A OG1 1 
ATOM   61   C CG2 . THR A 1 34  ? -1.178  43.339  10.711  1.00 9.11  ? 13  THR A CG2 1 
ATOM   62   N N   . ASN A 1 35  ? -2.762  42.401  7.486   1.00 7.02  ? 14  ASN A N   1 
ATOM   63   C CA  . ASN A 1 35  ? -3.616  41.260  7.236   1.00 5.85  ? 14  ASN A CA  1 
ATOM   64   C C   . ASN A 1 35  ? -3.121  40.314  6.152   1.00 4.80  ? 14  ASN A C   1 
ATOM   65   O O   . ASN A 1 35  ? -3.269  39.110  6.294   1.00 4.14  ? 14  ASN A O   1 
ATOM   66   C CB  . ASN A 1 35  ? -5.064  41.706  6.989   1.00 6.26  ? 14  ASN A CB  1 
ATOM   67   C CG  . ASN A 1 35  ? -5.745  42.173  8.276   1.00 7.30  ? 14  ASN A CG  1 
ATOM   68   O OD1 . ASN A 1 35  ? -5.223  41.973  9.374   1.00 9.33  ? 14  ASN A OD1 1 
ATOM   69   N ND2 . ASN A 1 35  ? -6.896  42.805  8.143   1.00 8.57  ? 14  ASN A ND2 1 
ATOM   70   N N   . THR A 1 36  ? -2.538  40.846  5.078   1.00 3.65  ? 15  THR A N   1 
ATOM   71   C CA  . THR A 1 36  ? -2.033  39.988  4.008   1.00 2.52  ? 15  THR A CA  1 
ATOM   72   C C   . THR A 1 36  ? -0.777  39.246  4.442   1.00 2.04  ? 15  THR A C   1 
ATOM   73   O O   . THR A 1 36  ? -0.523  38.158  3.958   1.00 2.00  ? 15  THR A O   1 
ATOM   74   C CB  . THR A 1 36  ? -1.763  40.744  2.690   1.00 2.57  ? 15  THR A CB  1 
ATOM   75   O OG1 . THR A 1 36  ? -0.803  41.783  2.926   1.00 2.00  ? 15  THR A OG1 1 
ATOM   76   C CG2 . THR A 1 36  ? -3.071  41.316  2.117   1.00 2.68  ? 15  THR A CG2 1 
ATOM   77   N N   . THR A 1 37  ? 0.005   39.842  5.349   1.00 2.00  ? 16  THR A N   1 
ATOM   78   C CA  . THR A 1 37  ? 1.134   39.136  5.966   1.00 2.00  ? 16  THR A CA  1 
ATOM   79   C C   . THR A 1 37  ? 0.646   37.979  6.863   1.00 2.11  ? 16  THR A C   1 
ATOM   80   O O   . THR A 1 37  ? 1.213   36.887  6.848   1.00 2.09  ? 16  THR A O   1 
ATOM   81   C CB  . THR A 1 37  ? 2.073   40.112  6.706   1.00 2.00  ? 16  THR A CB  1 
ATOM   82   O OG1 . THR A 1 37  ? 2.907   40.776  5.746   1.00 2.00  ? 16  THR A OG1 1 
ATOM   83   C CG2 . THR A 1 37  ? 2.955   39.362  7.701   1.00 2.00  ? 16  THR A CG2 1 
ATOM   84   N N   . ASN A 1 38  ? -0.443  38.196  7.597   1.00 2.75  ? 17  ASN A N   1 
ATOM   85   C CA  . ASN A 1 38  ? -1.038  37.101  8.358   1.00 3.30  ? 17  ASN A CA  1 
ATOM   86   C C   . ASN A 1 38  ? -1.612  36.026  7.439   1.00 3.26  ? 17  ASN A C   1 
ATOM   87   O O   . ASN A 1 38  ? -1.510  34.829  7.734   1.00 2.62  ? 17  ASN A O   1 
ATOM   88   C CB  . ASN A 1 38  ? -2.088  37.602  9.377   1.00 3.86  ? 17  ASN A CB  1 
ATOM   89   C CG  . ASN A 1 38  ? -1.466  38.435  10.512  1.00 4.88  ? 17  ASN A CG  1 
ATOM   90   O OD1 . ASN A 1 38  ? -0.261  38.379  10.740  1.00 5.35  ? 17  ASN A OD1 1 
ATOM   91   N ND2 . ASN A 1 38  ? -2.295  39.206  11.222  1.00 4.58  ? 17  ASN A ND2 1 
ATOM   92   N N   . LEU A 1 39  ? -2.200  36.444  6.319   1.00 2.73  ? 18  LEU A N   1 
ATOM   93   C CA  . LEU A 1 39  ? -2.725  35.481  5.342   1.00 2.83  ? 18  LEU A CA  1 
ATOM   94   C C   . LEU A 1 39  ? -1.589  34.657  4.746   1.00 2.88  ? 18  LEU A C   1 
ATOM   95   O O   . LEU A 1 39  ? -1.657  33.431  4.708   1.00 2.75  ? 18  LEU A O   1 
ATOM   96   C CB  . LEU A 1 39  ? -3.513  36.191  4.237   1.00 2.55  ? 18  LEU A CB  1 
ATOM   97   C CG  . LEU A 1 39  ? -4.027  35.369  3.043   1.00 3.34  ? 18  LEU A CG  1 
ATOM   98   C CD1 . LEU A 1 39  ? -4.835  34.149  3.489   1.00 2.15  ? 18  LEU A CD1 1 
ATOM   99   C CD2 . LEU A 1 39  ? -4.866  36.261  2.137   1.00 4.24  ? 18  LEU A CD2 1 
ATOM   100  N N   . GLY A 1 40  ? -0.554  35.357  4.300   1.00 2.87  ? 19  GLY A N   1 
ATOM   101  C CA  . GLY A 1 40  ? 0.647   34.744  3.755   1.00 3.52  ? 19  GLY A CA  1 
ATOM   102  C C   . GLY A 1 40  ? 1.281   33.754  4.710   1.00 3.61  ? 19  GLY A C   1 
ATOM   103  O O   . GLY A 1 40  ? 1.529   32.608  4.337   1.00 3.46  ? 19  GLY A O   1 
ATOM   104  N N   . ASN A 1 41  ? 1.564   34.211  5.936   1.00 3.66  ? 20  ASN A N   1 
ATOM   105  C CA  . ASN A 1 41  ? 2.188   33.360  6.949   1.00 3.41  ? 20  ASN A CA  1 
ATOM   106  C C   . ASN A 1 41  ? 1.327   32.151  7.262   1.00 3.34  ? 20  ASN A C   1 
ATOM   107  O O   . ASN A 1 41  ? 1.822   31.035  7.312   1.00 2.22  ? 20  ASN A O   1 
ATOM   108  C CB  . ASN A 1 41  ? 2.501   34.135  8.244   1.00 3.54  ? 20  ASN A CB  1 
ATOM   109  C CG  . ASN A 1 41  ? 3.689   35.106  8.093   1.00 4.66  ? 20  ASN A CG  1 
ATOM   110  O OD1 . ASN A 1 41  ? 4.563   34.927  7.237   1.00 3.66  ? 20  ASN A OD1 1 
ATOM   111  N ND2 . ASN A 1 41  ? 3.714   36.140  8.924   1.00 4.18  ? 20  ASN A ND2 1 
ATOM   112  N N   . SER A 1 42  ? 0.033   32.357  7.458   1.00 3.18  ? 21  SER A N   1 
ATOM   113  C CA  . SER A 1 42  ? -0.815  31.235  7.829   1.00 3.05  ? 21  SER A CA  1 
ATOM   114  C C   . SER A 1 42  ? -1.005  30.239  6.667   1.00 3.47  ? 21  SER A C   1 
ATOM   115  O O   . SER A 1 42  ? -1.183  29.046  6.903   1.00 3.22  ? 21  SER A O   1 
ATOM   116  C CB  . SER A 1 42  ? -2.150  31.709  8.433   1.00 2.78  ? 21  SER A CB  1 
ATOM   117  O OG  . SER A 1 42  ? -2.877  32.482  7.506   1.00 3.03  ? 21  SER A OG  1 
ATOM   118  N N   . THR A 1 43  ? -0.959  30.722  5.420   1.00 3.51  ? 22  THR A N   1 
ATOM   119  C CA  . THR A 1 43  ? -1.023  29.833  4.254   1.00 2.63  ? 22  THR A CA  1 
ATOM   120  C C   . THR A 1 43  ? 0.275   29.024  4.196   1.00 3.30  ? 22  THR A C   1 
ATOM   121  O O   . THR A 1 43  ? 0.244   27.812  4.006   1.00 2.85  ? 22  THR A O   1 
ATOM   122  C CB  . THR A 1 43  ? -1.209  30.627  2.948   1.00 3.58  ? 22  THR A CB  1 
ATOM   123  O OG1 . THR A 1 43  ? -2.491  31.272  2.958   1.00 2.19  ? 22  THR A OG1 1 
ATOM   124  C CG2 . THR A 1 43  ? -1.128  29.715  1.731   1.00 2.00  ? 22  THR A CG2 1 
ATOM   125  N N   . ALA A 1 44  ? 1.409   29.717  4.380   1.00 2.69  ? 23  ALA A N   1 
ATOM   126  C CA  . ALA A 1 44  ? 2.713   29.048  4.435   1.00 3.02  ? 23  ALA A CA  1 
ATOM   127  C C   . ALA A 1 44  ? 2.798   27.999  5.561   1.00 3.18  ? 23  ALA A C   1 
ATOM   128  O O   . ALA A 1 44  ? 3.315   26.897  5.336   1.00 3.91  ? 23  ALA A O   1 
ATOM   129  C CB  . ALA A 1 44  ? 3.864   30.086  4.555   1.00 2.57  ? 23  ALA A CB  1 
ATOM   130  N N   . ALA A 1 45  ? 2.314   28.344  6.761   1.00 2.10  ? 24  ALA A N   1 
ATOM   131  C CA  . ALA A 1 45  ? 2.237   27.386  7.879   1.00 2.74  ? 24  ALA A CA  1 
ATOM   132  C C   . ALA A 1 45  ? 1.431   26.120  7.524   1.00 2.67  ? 24  ALA A C   1 
ATOM   133  O O   . ALA A 1 45  ? 1.854   24.988  7.805   1.00 2.89  ? 24  ALA A O   1 
ATOM   134  C CB  . ALA A 1 45  ? 1.623   28.064  9.116   1.00 2.95  ? 24  ALA A CB  1 
ATOM   135  N N   . ALA A 1 46  ? 0.275   26.332  6.898   1.00 2.54  ? 25  ALA A N   1 
ATOM   136  C CA  . ALA A 1 46  ? -0.658  25.263  6.576   1.00 2.00  ? 25  ALA A CA  1 
ATOM   137  C C   . ALA A 1 46  ? -0.103  24.315  5.510   1.00 2.00  ? 25  ALA A C   1 
ATOM   138  O O   . ALA A 1 46  ? -0.390  23.120  5.514   1.00 2.00  ? 25  ALA A O   1 
ATOM   139  C CB  . ALA A 1 46  ? -1.978  25.865  6.117   1.00 2.16  ? 25  ALA A CB  1 
ATOM   140  N N   . LEU A 1 47  ? 0.703   24.870  4.623   1.00 2.00  ? 26  LEU A N   1 
ATOM   141  C CA  . LEU A 1 47  ? 1.328   24.119  3.565   1.00 2.00  ? 26  LEU A CA  1 
ATOM   142  C C   . LEU A 1 47  ? 2.481   23.274  4.093   1.00 2.00  ? 26  LEU A C   1 
ATOM   143  O O   . LEU A 1 47  ? 2.636   22.199  3.667   1.00 2.00  ? 26  LEU A O   1 
ATOM   144  C CB  . LEU A 1 47  ? 1.781   25.004  2.436   1.00 2.00  ? 26  LEU A CB  1 
ATOM   145  C CG  . LEU A 1 47  ? 0.823   25.668  1.449   1.00 2.00  ? 26  LEU A CG  1 
ATOM   146  C CD1 . LEU A 1 47  ? 1.531   26.687  0.610   1.00 2.00  ? 26  LEU A CD1 1 
ATOM   147  C CD2 . LEU A 1 47  ? 0.190   24.702  0.599   1.00 2.00  ? 26  LEU A CD2 1 
ATOM   148  N N   . GLY A 1 48  ? 3.229   23.823  5.037   1.00 2.00  ? 27  GLY A N   1 
ATOM   149  C CA  . GLY A 1 48  ? 4.459   23.176  5.483   1.00 2.00  ? 27  GLY A CA  1 
ATOM   150  C C   . GLY A 1 48  ? 5.434   23.005  4.320   1.00 2.00  ? 27  GLY A C   1 
ATOM   151  O O   . GLY A 1 48  ? 5.407   23.784  3.347   1.00 2.00  ? 27  GLY A O   1 
ATOM   152  N N   . GLY A 1 49  ? 6.283   21.972  4.421   1.00 2.00  ? 28  GLY A N   1 
ATOM   153  C CA  . GLY A 1 49  ? 7.280   21.646  3.390   1.00 2.00  ? 28  GLY A CA  1 
ATOM   154  C C   . GLY A 1 49  ? 8.278   22.777  3.196   1.00 2.00  ? 28  GLY A C   1 
ATOM   155  O O   . GLY A 1 49  ? 8.853   22.942  2.110   1.00 2.00  ? 28  GLY A O   1 
ATOM   156  N N   . GLY A 1 50  ? 8.491   23.555  4.259   1.00 2.00  ? 29  GLY A N   1 
ATOM   157  C CA  . GLY A 1 50  ? 9.419   24.685  4.208   1.00 2.40  ? 29  GLY A CA  1 
ATOM   158  C C   . GLY A 1 50  ? 8.920   25.913  3.449   1.00 2.00  ? 29  GLY A C   1 
ATOM   159  O O   . GLY A 1 50  ? 9.704   26.831  3.183   1.00 2.00  ? 29  GLY A O   1 
ATOM   160  N N   . ALA A 1 51  ? 7.633   25.950  3.096   1.00 2.00  ? 30  ALA A N   1 
ATOM   161  C CA  . ALA A 1 51  ? 7.070   27.171  2.493   1.00 2.00  ? 30  ALA A CA  1 
ATOM   162  C C   . ALA A 1 51  ? 7.231   28.353  3.453   1.00 2.12  ? 30  ALA A C   1 
ATOM   163  O O   . ALA A 1 51  ? 7.048   28.197  4.668   1.00 2.32  ? 30  ALA A O   1 
ATOM   164  C CB  . ALA A 1 51  ? 5.580   26.983  2.138   1.00 2.00  ? 30  ALA A CB  1 
ATOM   165  N N   . THR A 1 52  ? 7.563   29.525  2.911   1.00 2.70  ? 31  THR A N   1 
ATOM   166  C CA  . THR A 1 52  ? 7.656   30.761  3.706   1.00 3.51  ? 31  THR A CA  1 
ATOM   167  C C   . THR A 1 52  ? 7.072   31.937  2.927   1.00 3.79  ? 31  THR A C   1 
ATOM   168  O O   . THR A 1 52  ? 7.128   31.958  1.692   1.00 4.47  ? 31  THR A O   1 
ATOM   169  C CB  . THR A 1 52  ? 9.112   31.167  4.034   1.00 3.93  ? 31  THR A CB  1 
ATOM   170  O OG1 . THR A 1 52  ? 9.845   31.330  2.810   1.00 6.75  ? 31  THR A OG1 1 
ATOM   171  C CG2 . THR A 1 52  ? 9.802   30.140  4.902   1.00 2.00  ? 31  THR A CG2 1 
ATOM   172  N N   . TYR A 1 53  ? 6.551   32.923  3.646   1.00 3.27  ? 32  TYR A N   1 
ATOM   173  C CA  . TYR A 1 53  ? 5.950   34.080  3.000   1.00 3.61  ? 32  TYR A CA  1 
ATOM   174  C C   . TYR A 1 53  ? 6.921   35.245  3.016   1.00 2.84  ? 32  TYR A C   1 
ATOM   175  O O   . TYR A 1 53  ? 7.556   35.517  4.028   1.00 2.89  ? 32  TYR A O   1 
ATOM   176  C CB  . TYR A 1 53  ? 4.647   34.474  3.703   1.00 2.88  ? 32  TYR A CB  1 
ATOM   177  C CG  . TYR A 1 53  ? 4.017   35.727  3.145   1.00 3.71  ? 32  TYR A CG  1 
ATOM   178  C CD1 . TYR A 1 53  ? 3.412   35.736  1.881   1.00 3.36  ? 32  TYR A CD1 1 
ATOM   179  C CD2 . TYR A 1 53  ? 4.031   36.902  3.876   1.00 3.58  ? 32  TYR A CD2 1 
ATOM   180  C CE1 . TYR A 1 53  ? 2.829   36.903  1.380   1.00 2.09  ? 32  TYR A CE1 1 
ATOM   181  C CE2 . TYR A 1 53  ? 3.461   38.055  3.386   1.00 3.89  ? 32  TYR A CE2 1 
ATOM   182  C CZ  . TYR A 1 53  ? 2.866   38.054  2.143   1.00 4.50  ? 32  TYR A CZ  1 
ATOM   183  O OH  . TYR A 1 53  ? 2.319   39.221  1.684   1.00 4.93  ? 32  TYR A OH  1 
ATOM   184  N N   . ASP A 1 54  ? 7.018   35.935  1.894   1.00 3.35  ? 33  ASP A N   1 
ATOM   185  C CA  . ASP A 1 54  ? 7.853   37.120  1.817   1.00 4.27  ? 33  ASP A CA  1 
ATOM   186  C C   . ASP A 1 54  ? 6.971   38.367  1.653   1.00 4.56  ? 33  ASP A C   1 
ATOM   187  O O   . ASP A 1 54  ? 6.427   38.599  0.558   1.00 4.27  ? 33  ASP A O   1 
ATOM   188  C CB  . ASP A 1 54  ? 8.826   36.987  0.647   1.00 5.05  ? 33  ASP A CB  1 
ATOM   189  C CG  . ASP A 1 54  ? 9.814   38.154  0.563   1.00 7.73  ? 33  ASP A CG  1 
ATOM   190  O OD1 . ASP A 1 54  ? 9.626   39.174  1.259   1.00 11.08 ? 33  ASP A OD1 1 
ATOM   191  O OD2 . ASP A 1 54  ? 10.774  38.045  -0.216  1.00 12.30 ? 33  ASP A OD2 1 
ATOM   192  N N   . PRO A 1 55  ? 6.835   39.185  2.725   1.00 4.42  ? 34  PRO A N   1 
ATOM   193  C CA  . PRO A 1 55  ? 5.998   40.391  2.633   1.00 4.82  ? 34  PRO A CA  1 
ATOM   194  C C   . PRO A 1 55  ? 6.451   41.418  1.590   1.00 5.38  ? 34  PRO A C   1 
ATOM   195  O O   . PRO A 1 55  ? 5.617   42.165  1.084   1.00 5.73  ? 34  PRO A O   1 
ATOM   196  C CB  . PRO A 1 55  ? 6.071   40.984  4.049   1.00 4.98  ? 34  PRO A CB  1 
ATOM   197  C CG  . PRO A 1 55  ? 6.449   39.844  4.912   1.00 4.34  ? 34  PRO A CG  1 
ATOM   198  C CD  . PRO A 1 55  ? 7.395   39.033  4.079   1.00 3.56  ? 34  PRO A CD  1 
ATOM   199  N N   . ALA A 1 56  ? 7.748   41.447  1.277   1.00 6.57  ? 35  ALA A N   1 
ATOM   200  C CA  . ALA A 1 56  ? 8.277   42.326  0.243   1.00 7.02  ? 35  ALA A CA  1 
ATOM   201  C C   . ALA A 1 56  ? 7.678   42.035  -1.138  1.00 7.67  ? 35  ALA A C   1 
ATOM   202  O O   . ALA A 1 56  ? 7.450   42.957  -1.908  1.00 7.90  ? 35  ALA A O   1 
ATOM   203  C CB  . ALA A 1 56  ? 9.800   42.256  0.189   1.00 7.78  ? 35  ALA A CB  1 
ATOM   204  N N   . THR A 1 57  ? 7.415   40.762  -1.444  1.00 7.49  ? 36  THR A N   1 
ATOM   205  C CA  . THR A 1 57  ? 6.943   40.387  -2.792  1.00 7.38  ? 36  THR A CA  1 
ATOM   206  C C   . THR A 1 57  ? 5.540   39.795  -2.843  1.00 6.79  ? 36  THR A C   1 
ATOM   207  O O   . THR A 1 57  ? 4.923   39.742  -3.910  1.00 7.87  ? 36  THR A O   1 
ATOM   208  C CB  . THR A 1 57  ? 7.877   39.369  -3.430  1.00 7.52  ? 36  THR A CB  1 
ATOM   209  O OG1 . THR A 1 57  ? 7.819   38.165  -2.665  1.00 7.11  ? 36  THR A OG1 1 
ATOM   210  C CG2 . THR A 1 57  ? 9.319   39.902  -3.471  1.00 7.02  ? 36  THR A CG2 1 
ATOM   211  N N   . GLY A 1 58  ? 5.039   39.338  -1.701  1.00 5.13  ? 37  GLY A N   1 
ATOM   212  C CA  . GLY A 1 58  ? 3.757   38.660  -1.654  1.00 4.61  ? 37  GLY A CA  1 
ATOM   213  C C   . GLY A 1 58  ? 3.874   37.174  -1.951  1.00 4.91  ? 37  GLY A C   1 
ATOM   214  O O   . GLY A 1 58  ? 2.899   36.438  -1.850  1.00 4.32  ? 37  GLY A O   1 
ATOM   215  N N   . ALA A 1 59  ? 5.072   36.718  -2.305  1.00 4.86  ? 38  ALA A N   1 
ATOM   216  C CA  . ALA A 1 59  ? 5.270   35.320  -2.694  1.00 5.23  ? 38  ALA A CA  1 
ATOM   217  C C   . ALA A 1 59  ? 5.460   34.372  -1.509  1.00 5.34  ? 38  ALA A C   1 
ATOM   218  O O   . ALA A 1 59  ? 6.219   34.667  -0.565  1.00 4.67  ? 38  ALA A O   1 
ATOM   219  C CB  . ALA A 1 59  ? 6.477   35.189  -3.658  1.00 5.37  ? 38  ALA A CB  1 
ATOM   220  N N   . ILE A 1 60  ? 4.745   33.248  -1.574  1.00 4.91  ? 39  ILE A N   1 
ATOM   221  C CA  A ILE A 1 60  ? 5.033   32.061  -0.767  0.50 5.52  ? 39  ILE A CA  1 
ATOM   222  C CA  B ILE A 1 60  ? 5.077   32.103  -0.746  0.50 4.95  ? 39  ILE A CA  1 
ATOM   223  C C   . ILE A 1 60  ? 6.110   31.281  -1.512  1.00 5.54  ? 39  ILE A C   1 
ATOM   224  O O   . ILE A 1 60  ? 5.928   30.976  -2.687  1.00 5.77  ? 39  ILE A O   1 
ATOM   225  C CB  A ILE A 1 60  ? 3.796   31.123  -0.642  0.50 5.46  ? 39  ILE A CB  1 
ATOM   226  C CB  B ILE A 1 60  ? 3.838   31.256  -0.403  0.50 4.54  ? 39  ILE A CB  1 
ATOM   227  C CG1 A ILE A 1 60  ? 2.576   31.880  -0.121  0.50 6.08  ? 39  ILE A CG1 1 
ATOM   228  C CG1 B ILE A 1 60  ? 2.833   32.108  0.370   0.50 3.08  ? 39  ILE A CG1 1 
ATOM   229  C CG2 A ILE A 1 60  ? 4.099   29.923  0.270   0.50 5.97  ? 39  ILE A CG2 1 
ATOM   230  C CG2 B ILE A 1 60  ? 4.222   30.027  0.431   0.50 4.85  ? 39  ILE A CG2 1 
ATOM   231  C CD1 A ILE A 1 60  ? 2.757   32.405  1.267   0.50 6.84  ? 39  ILE A CD1 1 
ATOM   232  C CD1 B ILE A 1 60  ? 1.557   31.394  0.681   0.50 2.00  ? 39  ILE A CD1 1 
ATOM   233  N N   . SER A 1 61  ? 7.221   30.955  -0.846  1.00 5.58  ? 40  SER A N   1 
ATOM   234  C CA  . SER A 1 61  ? 8.258   30.152  -1.478  1.00 5.50  ? 40  SER A CA  1 
ATOM   235  C C   . SER A 1 61  ? 7.664   28.756  -1.638  1.00 5.18  ? 40  SER A C   1 
ATOM   236  O O   . SER A 1 61  ? 6.841   28.342  -0.810  1.00 5.86  ? 40  SER A O   1 
ATOM   237  C CB  . SER A 1 61  ? 9.536   30.130  -0.632  1.00 5.95  ? 40  SER A CB  1 
ATOM   238  O OG  . SER A 1 61  ? 9.308   29.518  0.629   1.00 6.72  ? 40  SER A OG  1 
ATOM   239  N N   . ALA A 1 62  ? 8.022   28.053  -2.708  1.00 3.93  ? 41  ALA A N   1 
ATOM   240  C CA  . ALA A 1 62  ? 7.400   26.745  -2.999  1.00 3.52  ? 41  ALA A CA  1 
ATOM   241  C C   . ALA A 1 62  ? 7.702   25.729  -1.906  1.00 3.14  ? 41  ALA A C   1 
ATOM   242  O O   . ALA A 1 62  ? 8.815   25.688  -1.389  1.00 2.00  ? 41  ALA A O   1 
ATOM   243  C CB  . ALA A 1 62  ? 7.839   26.192  -4.383  1.00 3.95  ? 41  ALA A CB  1 
ATOM   244  N N   . PRO A 1 63  ? 6.697   24.905  -1.549  1.00 3.62  ? 42  PRO A N   1 
ATOM   245  C CA  . PRO A 1 63  ? 6.958   23.817  -0.627  1.00 4.18  ? 42  PRO A CA  1 
ATOM   246  C C   . PRO A 1 63  ? 7.825   22.751  -1.301  1.00 5.05  ? 42  PRO A C   1 
ATOM   247  O O   . PRO A 1 63  ? 7.936   22.710  -2.541  1.00 4.26  ? 42  PRO A O   1 
ATOM   248  C CB  . PRO A 1 63  ? 5.572   23.259  -0.333  1.00 4.35  ? 42  PRO A CB  1 
ATOM   249  C CG  . PRO A 1 63  ? 4.734   23.666  -1.510  1.00 5.03  ? 42  PRO A CG  1 
ATOM   250  C CD  . PRO A 1 63  ? 5.277   24.982  -1.943  1.00 3.78  ? 42  PRO A CD  1 
ATOM   251  N N   . SER A 1 64  ? 8.454   21.925  -0.483  1.00 4.17  ? 43  SER A N   1 
ATOM   252  C CA  . SER A 1 64  ? 9.136   20.754  -0.991  1.00 5.66  ? 43  SER A CA  1 
ATOM   253  C C   . SER A 1 64  ? 8.622   19.549  -0.239  1.00 5.27  ? 43  SER A C   1 
ATOM   254  O O   . SER A 1 64  ? 8.836   19.426  0.972   1.00 4.82  ? 43  SER A O   1 
ATOM   255  C CB  . SER A 1 64  ? 10.644  20.880  -0.788  1.00 5.83  ? 43  SER A CB  1 
ATOM   256  O OG  . SER A 1 64  ? 11.280  19.736  -1.309  1.00 8.83  ? 43  SER A OG  1 
ATOM   257  N N   . TYR A 1 65  ? 7.918   18.669  -0.941  1.00 4.80  ? 44  TYR A N   1 
ATOM   258  C CA  . TYR A 1 65  ? 7.414   17.456  -0.309  1.00 4.78  ? 44  TYR A CA  1 
ATOM   259  C C   . TYR A 1 65  ? 8.104   16.254  -0.930  1.00 4.82  ? 44  TYR A C   1 
ATOM   260  O O   . TYR A 1 65  ? 8.127   16.094  -2.159  1.00 4.73  ? 44  TYR A O   1 
ATOM   261  C CB  . TYR A 1 65  ? 5.903   17.311  -0.489  1.00 4.88  ? 44  TYR A CB  1 
ATOM   262  C CG  . TYR A 1 65  ? 5.072   18.503  -0.087  1.00 5.22  ? 44  TYR A CG  1 
ATOM   263  C CD1 . TYR A 1 65  ? 5.019   18.937  1.245   1.00 5.17  ? 44  TYR A CD1 1 
ATOM   264  C CD2 . TYR A 1 65  ? 4.312   19.185  -1.037  1.00 4.94  ? 44  TYR A CD2 1 
ATOM   265  C CE1 . TYR A 1 65  ? 4.228   20.036  1.607   1.00 5.53  ? 44  TYR A CE1 1 
ATOM   266  C CE2 . TYR A 1 65  ? 3.527   20.283  -0.680  1.00 6.01  ? 44  TYR A CE2 1 
ATOM   267  C CZ  . TYR A 1 65  ? 3.490   20.699  0.640   1.00 4.79  ? 44  TYR A CZ  1 
ATOM   268  O OH  . TYR A 1 65  ? 2.705   21.786  0.988   1.00 3.92  ? 44  TYR A OH  1 
ATOM   269  N N   . THR A 1 66  ? 8.688   15.430  -0.075  1.00 5.04  ? 45  THR A N   1 
ATOM   270  C CA  . THR A 1 66  ? 9.375   14.223  -0.518  1.00 4.79  ? 45  THR A CA  1 
ATOM   271  C C   . THR A 1 66  ? 8.376   13.083  -0.667  1.00 3.95  ? 45  THR A C   1 
ATOM   272  O O   . THR A 1 66  ? 7.578   12.819  0.236   1.00 4.44  ? 45  THR A O   1 
ATOM   273  C CB  . THR A 1 66  ? 10.461  13.808  0.471   1.00 4.87  ? 45  THR A CB  1 
ATOM   274  O OG1 . THR A 1 66  ? 11.401  14.875  0.602   1.00 6.16  ? 45  THR A OG1 1 
ATOM   275  C CG2 . THR A 1 66  ? 11.189  12.542  -0.026  1.00 6.20  ? 45  THR A CG2 1 
ATOM   276  N N   . THR A 1 67  ? 8.400   12.426  -1.818  1.00 3.74  ? 46  THR A N   1 
ATOM   277  C CA  . THR A 1 67  ? 7.696   11.156  -1.983  1.00 3.56  ? 46  THR A CA  1 
ATOM   278  C C   . THR A 1 67  ? 8.725   10.070  -2.322  1.00 3.77  ? 46  THR A C   1 
ATOM   279  O O   . THR A 1 67  ? 9.863   10.370  -2.706  1.00 3.84  ? 46  THR A O   1 
ATOM   280  C CB  . THR A 1 67  ? 6.564   11.232  -3.044  1.00 3.18  ? 46  THR A CB  1 
ATOM   281  O OG1 . THR A 1 67  ? 7.063   11.798  -4.266  1.00 2.75  ? 46  THR A OG1 1 
ATOM   282  C CG2 . THR A 1 67  ? 5.396   12.068  -2.525  1.00 3.24  ? 46  THR A CG2 1 
ATOM   283  N N   . TYR A 1 68  ? 8.327   8.812   -2.157  1.00 3.72  ? 47  TYR A N   1 
ATOM   284  C CA  . TYR A 1 68  ? 9.248   7.693   -2.332  1.00 3.88  ? 47  TYR A CA  1 
ATOM   285  C C   . TYR A 1 68  ? 8.908   6.953   -3.606  1.00 4.01  ? 47  TYR A C   1 
ATOM   286  O O   . TYR A 1 68  ? 7.787   6.428   -3.759  1.00 3.71  ? 47  TYR A O   1 
ATOM   287  C CB  . TYR A 1 68  ? 9.215   6.773   -1.098  1.00 3.34  ? 47  TYR A CB  1 
ATOM   288  C CG  . TYR A 1 68  ? 9.780   7.482   0.117   1.00 4.50  ? 47  TYR A CG  1 
ATOM   289  C CD1 . TYR A 1 68  ? 11.037  7.156   0.621   1.00 4.36  ? 47  TYR A CD1 1 
ATOM   290  C CD2 . TYR A 1 68  ? 9.075   8.514   0.725   1.00 2.95  ? 47  TYR A CD2 1 
ATOM   291  C CE1 . TYR A 1 68  ? 11.563  7.840   1.704   1.00 6.59  ? 47  TYR A CE1 1 
ATOM   292  C CE2 . TYR A 1 68  ? 9.582   9.195   1.794   1.00 5.47  ? 47  TYR A CE2 1 
ATOM   293  C CZ  . TYR A 1 68  ? 10.827  8.856   2.283   1.00 6.79  ? 47  TYR A CZ  1 
ATOM   294  O OH  . TYR A 1 68  ? 11.317  9.545   3.350   1.00 8.69  ? 47  TYR A OH  1 
ATOM   295  N N   . ASN A 1 69  ? 9.863   6.957   -4.534  1.00 4.49  ? 48  ASN A N   1 
ATOM   296  C CA  . ASN A 1 69  ? 9.745   6.162   -5.753  1.00 4.99  ? 48  ASN A CA  1 
ATOM   297  C C   . ASN A 1 69  ? 9.940   4.673   -5.462  1.00 5.13  ? 48  ASN A C   1 
ATOM   298  O O   . ASN A 1 69  ? 10.365  4.289   -4.365  1.00 5.71  ? 48  ASN A O   1 
ATOM   299  C CB  . ASN A 1 69  ? 10.737  6.648   -6.825  1.00 4.77  ? 48  ASN A CB  1 
ATOM   300  C CG  . ASN A 1 69  ? 10.522  8.101   -7.208  1.00 4.64  ? 48  ASN A CG  1 
ATOM   301  O OD1 . ASN A 1 69  ? 9.380   8.556   -7.371  1.00 4.37  ? 48  ASN A OD1 1 
ATOM   302  N ND2 . ASN A 1 69  ? 11.624  8.842   -7.354  1.00 3.34  ? 48  ASN A ND2 1 
ATOM   303  N N   . ALA A 1 70  ? 9.644   3.838   -6.452  1.00 5.57  ? 49  ALA A N   1 
ATOM   304  C CA  . ALA A 1 70  ? 9.748   2.391   -6.297  1.00 6.25  ? 49  ALA A CA  1 
ATOM   305  C C   . ALA A 1 70  ? 11.152  1.845   -6.599  1.00 6.69  ? 49  ALA A C   1 
ATOM   306  O O   . ALA A 1 70  ? 11.403  0.657   -6.410  1.00 6.12  ? 49  ALA A O   1 
ATOM   307  C CB  . ALA A 1 70  ? 8.683   1.688   -7.172  1.00 6.20  ? 49  ALA A CB  1 
ATOM   308  N N   . ASN A 1 71  ? 12.068  2.715   -7.032  1.00 6.97  ? 50  ASN A N   1 
ATOM   309  C CA  . ASN A 1 71  ? 13.405  2.280   -7.477  1.00 8.02  ? 50  ASN A CA  1 
ATOM   310  C C   . ASN A 1 71  ? 14.554  2.641   -6.535  1.00 8.39  ? 50  ASN A C   1 
ATOM   311  O O   . ASN A 1 71  ? 15.719  2.735   -6.965  1.00 9.05  ? 50  ASN A O   1 
ATOM   312  C CB  . ASN A 1 71  ? 13.703  2.836   -8.881  1.00 7.88  ? 50  ASN A CB  1 
ATOM   313  C CG  . ASN A 1 71  ? 13.845  4.352   -8.900  1.00 7.84  ? 50  ASN A CG  1 
ATOM   314  O OD1 . ASN A 1 71  ? 13.569  5.027   -7.912  1.00 7.28  ? 50  ASN A OD1 1 
ATOM   315  N ND2 . ASN A 1 71  ? 14.303  4.888   -10.028 1.00 7.44  ? 50  ASN A ND2 1 
ATOM   316  N N   . GLY A 1 72  ? 14.234  2.885   -5.272  1.00 8.04  ? 51  GLY A N   1 
ATOM   317  C CA  . GLY A 1 72  ? 15.258  3.233   -4.285  1.00 8.33  ? 51  GLY A CA  1 
ATOM   318  C C   . GLY A 1 72  ? 15.627  4.710   -4.214  1.00 8.37  ? 51  GLY A C   1 
ATOM   319  O O   . GLY A 1 72  ? 16.552  5.088   -3.483  1.00 7.82  ? 51  GLY A O   1 
ATOM   320  N N   . THR A 1 73  ? 14.897  5.542   -4.962  1.00 8.08  ? 52  THR A N   1 
ATOM   321  C CA  . THR A 1 73  ? 15.109  6.990   -4.979  1.00 8.17  ? 52  THR A CA  1 
ATOM   322  C C   . THR A 1 73  ? 13.911  7.745   -4.388  1.00 8.17  ? 52  THR A C   1 
ATOM   323  O O   . THR A 1 73  ? 12.853  7.162   -4.166  1.00 7.34  ? 52  THR A O   1 
ATOM   324  C CB  . THR A 1 73  ? 15.381  7.523   -6.419  1.00 8.00  ? 52  THR A CB  1 
ATOM   325  O OG1 . THR A 1 73  ? 14.187  7.442   -7.208  1.00 8.26  ? 52  THR A OG1 1 
ATOM   326  C CG2 . THR A 1 73  ? 16.511  6.710   -7.105  1.00 8.61  ? 52  THR A CG2 1 
ATOM   327  N N   . THR A 1 74  ? 14.097  9.039   -4.116  1.00 7.85  ? 53  THR A N   1 
ATOM   328  C CA  . THR A 1 74  ? 12.993  9.901   -3.710  1.00 8.22  ? 53  THR A CA  1 
ATOM   329  C C   . THR A 1 74  ? 12.704  10.958  -4.776  1.00 8.26  ? 53  THR A C   1 
ATOM   330  O O   . THR A 1 74  ? 13.560  11.249  -5.634  1.00 8.38  ? 53  THR A O   1 
ATOM   331  C CB  . THR A 1 74  ? 13.252  10.590  -2.358  1.00 8.08  ? 53  THR A CB  1 
ATOM   332  O OG1 . THR A 1 74  ? 14.470  11.340  -2.418  1.00 8.01  ? 53  THR A OG1 1 
ATOM   333  C CG2 . THR A 1 74  ? 13.355  9.549   -1.245  1.00 8.92  ? 53  THR A CG2 1 
ATOM   334  N N   . ALA A 1 75  ? 11.491  11.505  -4.736  1.00 7.61  ? 54  ALA A N   1 
ATOM   335  C CA  . ALA A 1 75  ? 11.130  12.632  -5.599  1.00 6.84  ? 54  ALA A CA  1 
ATOM   336  C C   . ALA A 1 75  ? 10.884  13.858  -4.738  1.00 6.33  ? 54  ALA A C   1 
ATOM   337  O O   . ALA A 1 75  ? 10.417  13.756  -3.609  1.00 5.37  ? 54  ALA A O   1 
ATOM   338  C CB  . ALA A 1 75  ? 9.894   12.314  -6.437  1.00 7.14  ? 54  ALA A CB  1 
ATOM   339  N N   . THR A 1 76  ? 11.241  15.019  -5.267  1.00 6.47  ? 55  THR A N   1 
ATOM   340  C CA  . THR A 1 76  ? 10.895  16.284  -4.638  1.00 7.20  ? 55  THR A CA  1 
ATOM   341  C C   . THR A 1 76  ? 9.715   16.882  -5.402  1.00 6.45  ? 55  THR A C   1 
ATOM   342  O O   . THR A 1 76  ? 9.784   17.096  -6.622  1.00 6.38  ? 55  THR A O   1 
ATOM   343  C CB  . THR A 1 76  ? 12.103  17.253  -4.661  1.00 7.72  ? 55  THR A CB  1 
ATOM   344  O OG1 . THR A 1 76  ? 13.184  16.663  -3.925  1.00 10.13 ? 55  THR A OG1 1 
ATOM   345  C CG2 . THR A 1 76  ? 11.737  18.580  -4.043  1.00 8.95  ? 55  THR A CG2 1 
ATOM   346  N N   . ASN A 1 77  ? 8.631   17.137  -4.676  1.00 5.68  ? 56  ASN A N   1 
ATOM   347  C CA  . ASN A 1 77  ? 7.414   17.675  -5.248  1.00 4.76  ? 56  ASN A CA  1 
ATOM   348  C C   . ASN A 1 77  ? 7.260   19.103  -4.807  1.00 5.07  ? 56  ASN A C   1 
ATOM   349  O O   . ASN A 1 77  ? 7.420   19.419  -3.636  1.00 5.24  ? 56  ASN A O   1 
ATOM   350  C CB  . ASN A 1 77  ? 6.197   16.853  -4.781  1.00 4.31  ? 56  ASN A CB  1 
ATOM   351  C CG  . ASN A 1 77  ? 6.289   15.399  -5.197  1.00 3.19  ? 56  ASN A CG  1 
ATOM   352  O OD1 . ASN A 1 77  ? 5.874   15.034  -6.299  1.00 4.30  ? 56  ASN A OD1 1 
ATOM   353  N ND2 . ASN A 1 77  ? 6.844   14.562  -4.329  1.00 2.00  ? 56  ASN A ND2 1 
ATOM   354  N N   . THR A 1 78  ? 6.922   19.981  -5.741  1.00 5.27  ? 57  THR A N   1 
ATOM   355  C CA  . THR A 1 78  ? 6.789   21.391  -5.394  1.00 5.09  ? 57  THR A CA  1 
ATOM   356  C C   . THR A 1 78  ? 5.311   21.841  -5.335  1.00 4.80  ? 57  THR A C   1 
ATOM   357  O O   . THR A 1 78  ? 5.011   23.037  -5.240  1.00 3.83  ? 57  THR A O   1 
ATOM   358  C CB  . THR A 1 78  ? 7.615   22.255  -6.352  1.00 4.77  ? 57  THR A CB  1 
ATOM   359  O OG1 . THR A 1 78  ? 7.112   22.063  -7.662  1.00 6.04  ? 57  THR A OG1 1 
ATOM   360  C CG2 . THR A 1 78  ? 9.079   21.814  -6.335  1.00 6.37  ? 57  THR A CG2 1 
ATOM   361  N N   . SER A 1 79  ? 4.394   20.875  -5.381  1.00 3.83  ? 58  SER A N   1 
ATOM   362  C CA  . SER A 1 79  ? 2.977   21.146  -5.076  1.00 3.67  ? 58  SER A CA  1 
ATOM   363  C C   . SER A 1 79  ? 2.351   19.969  -4.338  1.00 2.97  ? 58  SER A C   1 
ATOM   364  O O   . SER A 1 79  ? 2.843   18.849  -4.426  1.00 2.91  ? 58  SER A O   1 
ATOM   365  C CB  . SER A 1 79  ? 2.177   21.457  -6.355  1.00 3.18  ? 58  SER A CB  1 
ATOM   366  O OG  . SER A 1 79  ? 1.775   20.273  -7.019  1.00 4.00  ? 58  SER A OG  1 
ATOM   367  N N   . VAL A 1 80  ? 1.283   20.226  -3.594  1.00 2.74  ? 59  VAL A N   1 
ATOM   368  C CA  . VAL A 1 80  ? 0.556   19.150  -2.914  1.00 2.32  ? 59  VAL A CA  1 
ATOM   369  C C   . VAL A 1 80  ? 0.043   18.125  -3.932  1.00 2.00  ? 59  VAL A C   1 
ATOM   370  O O   . VAL A 1 80  ? 0.091   16.912  -3.693  1.00 2.00  ? 59  VAL A O   1 
ATOM   371  C CB  . VAL A 1 80  ? -0.631  19.723  -2.087  1.00 3.29  ? 59  VAL A CB  1 
ATOM   372  C CG1 . VAL A 1 80  ? -1.415  18.608  -1.387  1.00 2.06  ? 59  VAL A CG1 1 
ATOM   373  C CG2 . VAL A 1 80  ? -0.135  20.751  -1.073  1.00 2.96  ? 59  VAL A CG2 1 
ATOM   374  N N   . GLY A 1 81  ? -0.409  18.612  -5.086  1.00 2.00  ? 60  GLY A N   1 
ATOM   375  C CA  . GLY A 1 81  ? -1.047  17.733  -6.077  1.00 2.00  ? 60  GLY A CA  1 
ATOM   376  C C   . GLY A 1 81  ? -0.072  16.752  -6.690  1.00 2.00  ? 60  GLY A C   1 
ATOM   377  O O   . GLY A 1 81  ? -0.399  15.573  -6.895  1.00 2.00  ? 60  GLY A O   1 
ATOM   378  N N   . ALA A 1 82  ? 1.121   17.255  -6.992  1.00 2.00  ? 61  ALA A N   1 
ATOM   379  C CA  . ALA A 1 82  ? 2.221   16.425  -7.477  1.00 2.50  ? 61  ALA A CA  1 
ATOM   380  C C   . ALA A 1 82  ? 2.574   15.331  -6.471  1.00 2.84  ? 61  ALA A C   1 
ATOM   381  O O   . ALA A 1 82  ? 2.809   14.201  -6.859  1.00 3.82  ? 61  ALA A O   1 
ATOM   382  C CB  . ALA A 1 82  ? 3.448   17.286  -7.771  1.00 2.55  ? 61  ALA A CB  1 
ATOM   383  N N   . ALA A 1 83  ? 2.641   15.691  -5.188  1.00 2.72  ? 62  ALA A N   1 
ATOM   384  C CA  . ALA A 1 83  ? 2.928   14.729  -4.132  1.00 2.56  ? 62  ALA A CA  1 
ATOM   385  C C   . ALA A 1 83  ? 1.846   13.663  -4.035  1.00 2.96  ? 62  ALA A C   1 
ATOM   386  O O   . ALA A 1 83  ? 2.167   12.478  -4.006  1.00 3.19  ? 62  ALA A O   1 
ATOM   387  C CB  . ALA A 1 83  ? 3.114   15.429  -2.804  1.00 2.00  ? 62  ALA A CB  1 
ATOM   388  N N   . ILE A 1 84  ? 0.574   14.076  -3.975  1.00 3.07  ? 63  ILE A N   1 
ATOM   389  C CA  . ILE A 1 84  ? -0.549  13.131  -3.964  1.00 2.78  ? 63  ILE A CA  1 
ATOM   390  C C   . ILE A 1 84  ? -0.488  12.170  -5.174  1.00 3.16  ? 63  ILE A C   1 
ATOM   391  O O   . ILE A 1 84  ? -0.638  10.945  -5.035  1.00 2.97  ? 63  ILE A O   1 
ATOM   392  C CB  . ILE A 1 84  ? -1.922  13.879  -3.924  1.00 3.11  ? 63  ILE A CB  1 
ATOM   393  C CG1 . ILE A 1 84  ? -2.083  14.651  -2.597  1.00 2.46  ? 63  ILE A CG1 1 
ATOM   394  C CG2 . ILE A 1 84  ? -3.089  12.901  -4.145  1.00 2.42  ? 63  ILE A CG2 1 
ATOM   395  C CD1 . ILE A 1 84  ? -3.327  15.552  -2.536  1.00 4.16  ? 63  ILE A CD1 1 
ATOM   396  N N   . ASP A 1 85  ? -0.262  12.734  -6.357  1.00 2.75  ? 64  ASP A N   1 
ATOM   397  C CA  . ASP A 1 85  ? -0.182  11.948  -7.585  1.00 3.24  ? 64  ASP A CA  1 
ATOM   398  C C   . ASP A 1 85  ? 0.952   10.939  -7.547  1.00 2.86  ? 64  ASP A C   1 
ATOM   399  O O   . ASP A 1 85  ? 0.766   9.802   -7.954  1.00 2.00  ? 64  ASP A O   1 
ATOM   400  C CB  . ASP A 1 85  ? -0.034  12.854  -8.807  1.00 3.57  ? 64  ASP A CB  1 
ATOM   401  C CG  . ASP A 1 85  ? -1.328  13.543  -9.183  1.00 5.28  ? 64  ASP A CG  1 
ATOM   402  O OD1 . ASP A 1 85  ? -2.407  13.170  -8.653  1.00 5.85  ? 64  ASP A OD1 1 
ATOM   403  O OD2 . ASP A 1 85  ? -1.267  14.467  -10.007 1.00 8.01  ? 64  ASP A OD2 1 
ATOM   404  N N   . ASN A 1 86  ? 2.118   11.359  -7.056  1.00 2.99  ? 65  ASN A N   1 
ATOM   405  C CA  . ASN A 1 86  ? 3.259   10.442  -6.887  1.00 3.24  ? 65  ASN A CA  1 
ATOM   406  C C   . ASN A 1 86  ? 2.959   9.310   -5.900  1.00 3.09  ? 65  ASN A C   1 
ATOM   407  O O   . ASN A 1 86  ? 3.303   8.153   -6.151  1.00 3.60  ? 65  ASN A O   1 
ATOM   408  C CB  . ASN A 1 86  ? 4.519   11.211  -6.474  1.00 3.40  ? 65  ASN A CB  1 
ATOM   409  C CG  . ASN A 1 86  ? 5.473   11.419  -7.638  1.00 4.49  ? 65  ASN A CG  1 
ATOM   410  O OD1 . ASN A 1 86  ? 5.717   10.499  -8.429  1.00 6.49  ? 65  ASN A OD1 1 
ATOM   411  N ND2 . ASN A 1 86  ? 6.025   12.617  -7.748  1.00 4.51  ? 65  ASN A ND2 1 
ATOM   412  N N   . ILE A 1 87  ? 2.311   9.650   -4.789  1.00 2.55  ? 66  ILE A N   1 
ATOM   413  C CA  . ILE A 1 87  ? 1.885   8.651   -3.793  1.00 2.40  ? 66  ILE A CA  1 
ATOM   414  C C   . ILE A 1 87  ? 1.060   7.536   -4.460  1.00 2.00  ? 66  ILE A C   1 
ATOM   415  O O   . ILE A 1 87  ? 1.340   6.353   -4.274  1.00 2.00  ? 66  ILE A O   1 
ATOM   416  C CB  . ILE A 1 87  ? 1.110   9.309   -2.621  1.00 2.54  ? 66  ILE A CB  1 
ATOM   417  C CG1 . ILE A 1 87  ? 2.079   10.092  -1.726  1.00 2.77  ? 66  ILE A CG1 1 
ATOM   418  C CG2 . ILE A 1 87  ? 0.348   8.250   -1.780  1.00 2.00  ? 66  ILE A CG2 1 
ATOM   419  C CD1 . ILE A 1 87  ? 1.391   10.923  -0.607  1.00 4.07  ? 66  ILE A CD1 1 
ATOM   420  N N   . ASN A 1 88  ? 0.075   7.911   -5.275  1.00 2.00  ? 67  ASN A N   1 
ATOM   421  C CA  . ASN A 1 88  ? -0.701  6.908   -5.996  1.00 2.00  ? 67  ASN A CA  1 
ATOM   422  C C   . ASN A 1 88  ? 0.076   6.184   -7.100  1.00 2.00  ? 67  ASN A C   1 
ATOM   423  O O   . ASN A 1 88  ? -0.061  4.972   -7.257  1.00 2.60  ? 67  ASN A O   1 
ATOM   424  C CB  . ASN A 1 88  ? -2.002  7.506   -6.527  1.00 2.00  ? 67  ASN A CB  1 
ATOM   425  C CG  . ASN A 1 88  ? -2.985  7.789   -5.424  1.00 2.00  ? 67  ASN A CG  1 
ATOM   426  O OD1 . ASN A 1 88  ? -3.299  6.908   -4.618  1.00 2.56  ? 67  ASN A OD1 1 
ATOM   427  N ND2 . ASN A 1 88  ? -3.471  9.020   -5.369  1.00 2.40  ? 67  ASN A ND2 1 
ATOM   428  N N   . ALA A 1 89  ? 0.874   6.929   -7.863  1.00 2.00  ? 68  ALA A N   1 
ATOM   429  C CA  . ALA A 1 89  ? 1.546   6.346   -9.023  1.00 2.28  ? 68  ALA A CA  1 
ATOM   430  C C   . ALA A 1 89  ? 2.634   5.365   -8.604  1.00 2.56  ? 68  ALA A C   1 
ATOM   431  O O   . ALA A 1 89  ? 2.792   4.307   -9.229  1.00 3.14  ? 68  ALA A O   1 
ATOM   432  C CB  . ALA A 1 89  ? 2.130   7.436   -9.919  1.00 2.50  ? 68  ALA A CB  1 
ATOM   433  N N   . ASN A 1 90  ? 3.381   5.719   -7.555  1.00 2.93  ? 69  ASN A N   1 
ATOM   434  C CA  . ASN A 1 90  ? 4.590   4.959   -7.162  1.00 3.31  ? 69  ASN A CA  1 
ATOM   435  C C   . ASN A 1 90  ? 4.622   4.372   -5.750  1.00 3.20  ? 69  ASN A C   1 
ATOM   436  O O   . ASN A 1 90  ? 5.568   3.636   -5.403  1.00 3.52  ? 69  ASN A O   1 
ATOM   437  C CB  . ASN A 1 90  ? 5.826   5.821   -7.350  1.00 3.54  ? 69  ASN A CB  1 
ATOM   438  C CG  . ASN A 1 90  ? 5.882   6.429   -8.705  1.00 5.87  ? 69  ASN A CG  1 
ATOM   439  O OD1 . ASN A 1 90  ? 5.856   5.717   -9.699  1.00 6.68  ? 69  ASN A OD1 1 
ATOM   440  N ND2 . ASN A 1 90  ? 5.924   7.764   -8.765  1.00 8.40  ? 69  ASN A ND2 1 
ATOM   441  N N   . GLY A 1 91  ? 3.606   4.693   -4.956  1.00 3.06  ? 70  GLY A N   1 
ATOM   442  C CA  . GLY A 1 91  ? 3.428   4.094   -3.648  1.00 2.51  ? 70  GLY A CA  1 
ATOM   443  C C   . GLY A 1 91  ? 3.941   4.976   -2.542  1.00 2.00  ? 70  GLY A C   1 
ATOM   444  O O   . GLY A 1 91  ? 4.312   6.148   -2.760  1.00 2.00  ? 70  GLY A O   1 
ATOM   445  N N   . ILE A 1 92  ? 3.980   4.414   -1.335  1.00 2.00  ? 71  ILE A N   1 
ATOM   446  C CA  . ILE A 1 92  ? 4.560   5.141   -0.224  1.00 2.00  ? 71  ILE A CA  1 
ATOM   447  C C   . ILE A 1 92  ? 5.771   4.356   0.247   1.00 2.00  ? 71  ILE A C   1 
ATOM   448  O O   . ILE A 1 92  ? 5.967   3.212   -0.173  1.00 2.41  ? 71  ILE A O   1 
ATOM   449  C CB  . ILE A 1 92  ? 3.547   5.350   0.949   1.00 2.00  ? 71  ILE A CB  1 
ATOM   450  C CG1 . ILE A 1 92  ? 2.981   4.012   1.463   1.00 2.82  ? 71  ILE A CG1 1 
ATOM   451  C CG2 . ILE A 1 92  ? 2.408   6.295   0.535   1.00 2.00  ? 71  ILE A CG2 1 
ATOM   452  C CD1 . ILE A 1 92  ? 2.132   4.137   2.761   1.00 3.17  ? 71  ILE A CD1 1 
ATOM   453  N N   . LYS A 1 93  ? 6.568   4.946   1.129   1.00 2.00  ? 72  LYS A N   1 
ATOM   454  C CA  A LYS A 1 93  ? 7.727   4.260   1.676   0.50 2.00  ? 72  LYS A CA  1 
ATOM   455  C CA  B LYS A 1 93  ? 7.730   4.261   1.671   0.50 2.00  ? 72  LYS A CA  1 
ATOM   456  C C   . LYS A 1 93  ? 7.299   2.898   2.244   1.00 2.00  ? 72  LYS A C   1 
ATOM   457  O O   . LYS A 1 93  ? 6.323   2.809   2.993   1.00 2.00  ? 72  LYS A O   1 
ATOM   458  C CB  A LYS A 1 93  ? 8.360   5.118   2.772   0.50 2.00  ? 72  LYS A CB  1 
ATOM   459  C CB  B LYS A 1 93  ? 8.378   5.134   2.751   0.50 2.00  ? 72  LYS A CB  1 
ATOM   460  C CG  A LYS A 1 93  ? 9.774   4.739   3.172   0.50 2.53  ? 72  LYS A CG  1 
ATOM   461  C CG  B LYS A 1 93  ? 9.748   4.699   3.260   0.50 2.70  ? 72  LYS A CG  1 
ATOM   462  C CD  A LYS A 1 93  ? 10.122  5.400   4.504   0.50 5.14  ? 72  LYS A CD  1 
ATOM   463  C CD  B LYS A 1 93  ? 10.060  5.500   4.533   0.50 4.78  ? 72  LYS A CD  1 
ATOM   464  C CE  A LYS A 1 93  ? 11.608  5.713   4.616   0.50 7.38  ? 72  LYS A CE  1 
ATOM   465  C CE  B LYS A 1 93  ? 11.485  5.319   5.057   0.50 6.98  ? 72  LYS A CE  1 
ATOM   466  N NZ  A LYS A 1 93  ? 12.482  4.577   4.245   0.50 8.60  ? 72  LYS A NZ  1 
ATOM   467  N NZ  B LYS A 1 93  ? 11.619  6.026   6.383   0.50 6.94  ? 72  LYS A NZ  1 
ATOM   468  N N   . TYR A 1 94  ? 8.041   1.848   1.882   1.00 2.00  ? 73  TYR A N   1 
ATOM   469  C CA  . TYR A 1 94  ? 7.783   0.457   2.330   1.00 2.00  ? 73  TYR A CA  1 
ATOM   470  C C   . TYR A 1 94  ? 6.609   -0.240  1.645   1.00 2.00  ? 73  TYR A C   1 
ATOM   471  O O   . TYR A 1 94  ? 6.349   -1.424  1.902   1.00 2.00  ? 73  TYR A O   1 
ATOM   472  C CB  . TYR A 1 94  ? 7.591   0.384   3.853   1.00 2.00  ? 73  TYR A CB  1 
ATOM   473  C CG  . TYR A 1 94  ? 8.720   0.984   4.684   1.00 2.00  ? 73  TYR A CG  1 
ATOM   474  C CD1 . TYR A 1 94  ? 10.050  0.637   4.451   1.00 2.48  ? 73  TYR A CD1 1 
ATOM   475  C CD2 . TYR A 1 94  ? 8.439   1.876   5.730   1.00 2.00  ? 73  TYR A CD2 1 
ATOM   476  C CE1 . TYR A 1 94  ? 11.082  1.185   5.227   1.00 3.19  ? 73  TYR A CE1 1 
ATOM   477  C CE2 . TYR A 1 94  ? 9.465   2.424   6.508   1.00 2.00  ? 73  TYR A CE2 1 
ATOM   478  C CZ  . TYR A 1 94  ? 10.772  2.066   6.256   1.00 2.29  ? 73  TYR A CZ  1 
ATOM   479  O OH  . TYR A 1 94  ? 11.789  2.597   7.022   1.00 2.00  ? 73  TYR A OH  1 
ATOM   480  N N   . PHE A 1 95  ? 5.873   0.485   0.810   1.00 2.00  ? 74  PHE A N   1 
ATOM   481  C CA  . PHE A 1 95  ? 4.729   -0.086  0.086   1.00 2.00  ? 74  PHE A CA  1 
ATOM   482  C C   . PHE A 1 95  ? 4.765   0.380   -1.367  1.00 2.00  ? 74  PHE A C   1 
ATOM   483  O O   . PHE A 1 95  ? 4.232   1.452   -1.708  1.00 2.00  ? 74  PHE A O   1 
ATOM   484  C CB  . PHE A 1 95  ? 3.399   0.321   0.756   1.00 2.00  ? 74  PHE A CB  1 
ATOM   485  C CG  . PHE A 1 95  ? 3.233   -0.218  2.152   1.00 2.00  ? 74  PHE A CG  1 
ATOM   486  C CD1 . PHE A 1 95  ? 2.703   -1.490  2.366   1.00 2.00  ? 74  PHE A CD1 1 
ATOM   487  C CD2 . PHE A 1 95  ? 3.625   0.543   3.254   1.00 2.00  ? 74  PHE A CD2 1 
ATOM   488  C CE1 . PHE A 1 95  ? 2.565   -1.989  3.661   1.00 2.52  ? 74  PHE A CE1 1 
ATOM   489  C CE2 . PHE A 1 95  ? 3.488   0.059   4.545   1.00 2.00  ? 74  PHE A CE2 1 
ATOM   490  C CZ  . PHE A 1 95  ? 2.960   -1.205  4.752   1.00 2.00  ? 74  PHE A CZ  1 
ATOM   491  N N   . HIS A 1 96  ? 5.401   -0.427  -2.216  1.00 2.00  ? 75  HIS A N   1 
ATOM   492  C CA  . HIS A 1 96  ? 5.582   -0.099  -3.628  1.00 2.00  ? 75  HIS A CA  1 
ATOM   493  C C   . HIS A 1 96  ? 5.079   -1.171  -4.570  1.00 2.14  ? 75  HIS A C   1 
ATOM   494  O O   . HIS A 1 96  ? 5.457   -2.346  -4.458  1.00 2.28  ? 75  HIS A O   1 
ATOM   495  C CB  . HIS A 1 96  ? 7.064   0.177   -3.943  1.00 2.00  ? 75  HIS A CB  1 
ATOM   496  C CG  . HIS A 1 96  ? 7.593   1.417   -3.296  1.00 2.87  ? 75  HIS A CG  1 
ATOM   497  N ND1 . HIS A 1 96  ? 7.134   2.678   -3.618  1.00 2.76  ? 75  HIS A ND1 1 
ATOM   498  C CD2 . HIS A 1 96  ? 8.541   1.592   -2.349  1.00 3.43  ? 75  HIS A CD2 1 
ATOM   499  C CE1 . HIS A 1 96  ? 7.764   3.574   -2.881  1.00 3.27  ? 75  HIS A CE1 1 
ATOM   500  N NE2 . HIS A 1 96  ? 8.638   2.944   -2.119  1.00 2.00  ? 75  HIS A NE2 1 
ATOM   501  N N   . ALA A 1 97  ? 4.263   -0.746  -5.524  1.00 2.37  ? 76  ALA A N   1 
ATOM   502  C CA  . ALA A 1 97  ? 3.906   -1.566  -6.677  1.00 3.51  ? 76  ALA A CA  1 
ATOM   503  C C   . ALA A 1 97  ? 4.357   -0.846  -7.933  1.00 3.73  ? 76  ALA A C   1 
ATOM   504  O O   . ALA A 1 97  ? 3.947   0.303   -8.195  1.00 3.90  ? 76  ALA A O   1 
ATOM   505  C CB  . ALA A 1 97  ? 2.422   -1.824  -6.717  1.00 2.00  ? 76  ALA A CB  1 
ATOM   506  N N   . ASN A 1 98  ? 5.251   -1.510  -8.670  1.00 4.30  ? 77  ASN A N   1 
ATOM   507  C CA  . ASN A 1 98  ? 5.777   -1.000  -9.936  1.00 4.31  ? 77  ASN A CA  1 
ATOM   508  C C   . ASN A 1 98  ? 4.867   -1.296  -11.121 1.00 4.68  ? 77  ASN A C   1 
ATOM   509  O O   . ASN A 1 98  ? 4.997   -2.334  -11.776 1.00 4.10  ? 77  ASN A O   1 
ATOM   510  C CB  . ASN A 1 98  ? 7.167   -1.577  -10.215 1.00 4.88  ? 77  ASN A CB  1 
ATOM   511  C CG  . ASN A 1 98  ? 7.828   -0.930  -11.423 1.00 6.13  ? 77  ASN A CG  1 
ATOM   512  O OD1 . ASN A 1 98  ? 7.599   0.247   -11.709 1.00 8.00  ? 77  ASN A OD1 1 
ATOM   513  N ND2 . ASN A 1 98  ? 8.630   -1.698  -12.146 1.00 5.94  ? 77  ASN A ND2 1 
ATOM   514  N N   . SER A 1 99  ? 3.950   -0.384  -11.431 1.00 4.77  ? 78  SER A N   1 
ATOM   515  C CA  . SER A 1 99  ? 3.026   -0.673  -12.519 1.00 5.36  ? 78  SER A CA  1 
ATOM   516  C C   . SER A 1 99  ? 2.349   0.554   -13.060 1.00 5.44  ? 78  SER A C   1 
ATOM   517  O O   . SER A 1 99  ? 2.342   1.596   -12.408 1.00 5.58  ? 78  SER A O   1 
ATOM   518  C CB  . SER A 1 99  ? 1.947   -1.645  -12.045 1.00 5.10  ? 78  SER A CB  1 
ATOM   519  O OG  . SER A 1 99  ? 1.210   -2.107  -13.170 1.00 5.30  ? 78  SER A OG  1 
ATOM   520  N N   . THR A 1 100 ? 1.773   0.411   -14.255 1.00 5.99  ? 79  THR A N   1 
ATOM   521  C CA  . THR A 1 100 ? 0.822   1.388   -14.798 1.00 6.39  ? 79  THR A CA  1 
ATOM   522  C C   . THR A 1 100 ? -0.505  0.721   -15.176 1.00 6.20  ? 79  THR A C   1 
ATOM   523  O O   . THR A 1 100 ? -1.384  1.350   -15.763 1.00 6.80  ? 79  THR A O   1 
ATOM   524  C CB  . THR A 1 100 ? 1.403   2.148   -16.012 1.00 6.42  ? 79  THR A CB  1 
ATOM   525  O OG1 . THR A 1 100 ? 1.799   1.211   -17.024 1.00 7.03  ? 79  THR A OG1 1 
ATOM   526  C CG2 . THR A 1 100 ? 2.605   2.979   -15.578 1.00 7.59  ? 79  THR A CG2 1 
ATOM   527  N N   . ASP A 1 101 ? -0.649  -0.544  -14.796 1.00 5.76  ? 80  ASP A N   1 
ATOM   528  C CA  . ASP A 1 101 ? -1.833  -1.331  -15.081 1.00 5.38  ? 80  ASP A CA  1 
ATOM   529  C C   . ASP A 1 101 ? -2.981  -0.959  -14.155 1.00 4.96  ? 80  ASP A C   1 
ATOM   530  O O   . ASP A 1 101 ? -2.789  -0.183  -13.226 1.00 5.67  ? 80  ASP A O   1 
ATOM   531  C CB  . ASP A 1 101 ? -1.488  -2.818  -14.962 1.00 5.58  ? 80  ASP A CB  1 
ATOM   532  C CG  . ASP A 1 101 ? -0.735  -3.328  -16.166 1.00 6.57  ? 80  ASP A CG  1 
ATOM   533  O OD1 . ASP A 1 101 ? -0.709  -2.606  -17.175 1.00 7.51  ? 80  ASP A OD1 1 
ATOM   534  O OD2 . ASP A 1 101 ? -0.182  -4.441  -16.111 1.00 8.27  ? 80  ASP A OD2 1 
ATOM   535  N N   . PRO A 1 102 ? -4.188  -1.483  -14.419 1.00 4.74  ? 81  PRO A N   1 
ATOM   536  C CA  . PRO A 1 102 ? -5.334  -1.117  -13.585 1.00 4.54  ? 81  PRO A CA  1 
ATOM   537  C C   . PRO A 1 102 ? -5.120  -1.317  -12.080 1.00 3.96  ? 81  PRO A C   1 
ATOM   538  O O   . PRO A 1 102 ? -4.375  -2.199  -11.667 1.00 3.15  ? 81  PRO A O   1 
ATOM   539  C CB  . PRO A 1 102 ? -6.428  -2.055  -14.079 1.00 4.87  ? 81  PRO A CB  1 
ATOM   540  C CG  . PRO A 1 102 ? -6.098  -2.221  -15.578 1.00 5.10  ? 81  PRO A CG  1 
ATOM   541  C CD  . PRO A 1 102 ? -4.599  -2.203  -15.646 1.00 4.45  ? 81  PRO A CD  1 
ATOM   542  N N   . ASP A 1 103 ? -5.809  -0.491  -11.295 1.00 3.42  ? 82  ASP A N   1 
ATOM   543  C CA  . ASP A 1 103 ? -5.785  -0.551  -9.831  1.00 3.73  ? 82  ASP A CA  1 
ATOM   544  C C   . ASP A 1 103 ? -6.226  -1.925  -9.320  1.00 3.59  ? 82  ASP A C   1 
ATOM   545  O O   . ASP A 1 103 ? -6.989  -2.641  -9.990  1.00 3.63  ? 82  ASP A O   1 
ATOM   546  C CB  . ASP A 1 103 ? -6.720  0.543   -9.271  1.00 3.83  ? 82  ASP A CB  1 
ATOM   547  C CG  . ASP A 1 103 ? -6.457  0.858   -7.804  1.00 3.71  ? 82  ASP A CG  1 
ATOM   548  O OD1 . ASP A 1 103 ? -5.558  0.233   -7.209  1.00 2.80  ? 82  ASP A OD1 1 
ATOM   549  O OD2 . ASP A 1 103 ? -7.166  1.730   -7.243  1.00 4.99  ? 82  ASP A OD2 1 
ATOM   550  N N   . SER A 1 104 ? -5.732  -2.302  -8.143  1.00 3.72  ? 83  SER A N   1 
ATOM   551  C CA  . SER A 1 104 ? -6.295  -3.435  -7.403  1.00 3.40  ? 83  SER A CA  1 
ATOM   552  C C   . SER A 1 104 ? -7.741  -3.094  -7.003  1.00 3.39  ? 83  SER A C   1 
ATOM   553  O O   . SER A 1 104 ? -8.100  -1.918  -6.912  1.00 3.04  ? 83  SER A O   1 
ATOM   554  C CB  . SER A 1 104 ? -5.425  -3.767  -6.188  1.00 3.61  ? 83  SER A CB  1 
ATOM   555  O OG  . SER A 1 104 ? -5.503  -2.766  -5.172  1.00 3.11  ? 83  SER A OG  1 
ATOM   556  N N   . VAL A 1 105 ? -8.568  -4.123  -6.808  1.00 3.48  ? 84  VAL A N   1 
ATOM   557  C CA  . VAL A 1 105 ? -9.971  -3.957  -6.408  1.00 3.25  ? 84  VAL A CA  1 
ATOM   558  C C   . VAL A 1 105 ? -10.261 -4.855  -5.196  1.00 3.54  ? 84  VAL A C   1 
ATOM   559  O O   . VAL A 1 105 ? -10.032 -6.069  -5.244  1.00 3.80  ? 84  VAL A O   1 
ATOM   560  C CB  . VAL A 1 105 ? -10.935 -4.303  -7.595  1.00 3.05  ? 84  VAL A CB  1 
ATOM   561  C CG1 . VAL A 1 105 ? -12.386 -4.413  -7.121  1.00 2.00  ? 84  VAL A CG1 1 
ATOM   562  C CG2 . VAL A 1 105 ? -10.819 -3.280  -8.722  1.00 2.78  ? 84  VAL A CG2 1 
ATOM   563  N N   . ALA A 1 106 ? -10.720 -4.256  -4.095  1.00 3.58  ? 85  ALA A N   1 
ATOM   564  C CA  . ALA A 1 106 ? -11.065 -5.012  -2.892  1.00 4.43  ? 85  ALA A CA  1 
ATOM   565  C C   . ALA A 1 106 ? -12.517 -4.722  -2.524  1.00 5.16  ? 85  ALA A C   1 
ATOM   566  O O   . ALA A 1 106 ? -12.814 -3.658  -1.972  1.00 5.95  ? 85  ALA A O   1 
ATOM   567  C CB  . ALA A 1 106 ? -10.144 -4.634  -1.732  1.00 3.79  ? 85  ALA A CB  1 
ATOM   568  N N   . THR A 1 107 ? -13.424 -5.644  -2.857  1.00 5.83  ? 86  THR A N   1 
ATOM   569  C CA  . THR A 1 107 ? -14.861 -5.440  -2.590  1.00 6.12  ? 86  THR A CA  1 
ATOM   570  C C   . THR A 1 107 ? -15.395 -6.392  -1.514  1.00 5.96  ? 86  THR A C   1 
ATOM   571  O O   . THR A 1 107 ? -16.467 -6.177  -0.949  1.00 5.42  ? 86  THR A O   1 
ATOM   572  C CB  . THR A 1 107 ? -15.707 -5.574  -3.867  1.00 6.45  ? 86  THR A CB  1 
ATOM   573  O OG1 . THR A 1 107 ? -15.441 -6.834  -4.484  1.00 6.88  ? 86  THR A OG1 1 
ATOM   574  C CG2 . THR A 1 107 ? -15.359 -4.480  -4.840  1.00 7.21  ? 86  THR A CG2 1 
ATOM   575  N N   . GLY A 1 108 ? -14.635 -7.443  -1.218  1.00 5.44  ? 87  GLY A N   1 
ATOM   576  C CA  . GLY A 1 108 ? -14.993 -8.337  -0.119  1.00 4.85  ? 87  GLY A CA  1 
ATOM   577  C C   . GLY A 1 108 ? -14.942 -7.596  1.201   1.00 4.97  ? 87  GLY A C   1 
ATOM   578  O O   . GLY A 1 108 ? -14.150 -6.645  1.380   1.00 4.65  ? 87  GLY A O   1 
ATOM   579  N N   . THR A 1 109 ? -15.798 -8.013  2.127   1.00 5.20  ? 88  THR A N   1 
ATOM   580  C CA  . THR A 1 109 ? -15.843 -7.401  3.446   1.00 5.28  ? 88  THR A CA  1 
ATOM   581  C C   . THR A 1 109 ? -14.510 -7.631  4.135   1.00 5.31  ? 88  THR A C   1 
ATOM   582  O O   . THR A 1 109 ? -14.039 -8.758  4.243   1.00 5.86  ? 88  THR A O   1 
ATOM   583  C CB  . THR A 1 109 ? -16.999 -7.963  4.289   1.00 5.74  ? 88  THR A CB  1 
ATOM   584  O OG1 . THR A 1 109 ? -18.228 -7.783  3.576   1.00 4.54  ? 88  THR A OG1 1 
ATOM   585  C CG2 . THR A 1 109 ? -17.068 -7.258  5.644   1.00 5.89  ? 88  THR A CG2 1 
ATOM   586  N N   . ASN A 1 110 ? -13.889 -6.540  4.563   1.00 5.01  ? 89  ASN A N   1 
ATOM   587  C CA  . ASN A 1 110 ? -12.578 -6.571  5.186   1.00 4.92  ? 89  ASN A CA  1 
ATOM   588  C C   . ASN A 1 110 ? -11.489 -7.196  4.313   1.00 4.54  ? 89  ASN A C   1 
ATOM   589  O O   . ASN A 1 110 ? -10.507 -7.690  4.816   1.00 5.19  ? 89  ASN A O   1 
ATOM   590  C CB  . ASN A 1 110 ? -12.632 -7.237  6.578   1.00 5.14  ? 89  ASN A CB  1 
ATOM   591  C CG  . ASN A 1 110 ? -13.156 -6.292  7.655   1.00 6.52  ? 89  ASN A CG  1 
ATOM   592  O OD1 . ASN A 1 110 ? -13.626 -5.183  7.362   1.00 6.08  ? 89  ASN A OD1 1 
ATOM   593  N ND2 . ASN A 1 110 ? -13.075 -6.726  8.905   1.00 7.64  ? 89  ASN A ND2 1 
ATOM   594  N N   . SER A 1 111 ? -11.655 -7.140  3.001   1.00 4.06  ? 90  SER A N   1 
ATOM   595  C CA  . SER A 1 111 ? -10.687 -7.752  2.122   1.00 3.41  ? 90  SER A CA  1 
ATOM   596  C C   . SER A 1 111 ? -9.578  -6.786  1.703   1.00 3.16  ? 90  SER A C   1 
ATOM   597  O O   . SER A 1 111 ? -9.713  -5.570  1.805   1.00 3.52  ? 90  SER A O   1 
ATOM   598  C CB  . SER A 1 111 ? -11.386 -8.421  0.934   1.00 3.47  ? 90  SER A CB  1 
ATOM   599  O OG  . SER A 1 111 ? -12.073 -9.572  1.381   1.00 2.98  ? 90  SER A OG  1 
ATOM   600  N N   . VAL A 1 112 ? -8.472  -7.362  1.262   1.00 2.65  ? 91  VAL A N   1 
ATOM   601  C CA  . VAL A 1 112 ? -7.269  -6.621  0.917   1.00 2.00  ? 91  VAL A CA  1 
ATOM   602  C C   . VAL A 1 112 ? -6.847  -7.028  -0.493  1.00 2.00  ? 91  VAL A C   1 
ATOM   603  O O   . VAL A 1 112 ? -6.724  -8.220  -0.770  1.00 2.00  ? 91  VAL A O   1 
ATOM   604  C CB  . VAL A 1 112 ? -6.129  -6.950  1.913   1.00 2.00  ? 91  VAL A CB  1 
ATOM   605  C CG1 . VAL A 1 112 ? -4.826  -6.197  1.545   1.00 2.00  ? 91  VAL A CG1 1 
ATOM   606  C CG2 . VAL A 1 112 ? -6.557  -6.691  3.367   1.00 2.00  ? 91  VAL A CG2 1 
ATOM   607  N N   . ALA A 1 113 ? -6.657  -6.053  -1.384  1.00 2.03  ? 92  ALA A N   1 
ATOM   608  C CA  . ALA A 1 113 ? -6.131  -6.330  -2.713  1.00 2.00  ? 92  ALA A CA  1 
ATOM   609  C C   . ALA A 1 113 ? -4.926  -5.450  -2.988  1.00 2.00  ? 92  ALA A C   1 
ATOM   610  O O   . ALA A 1 113 ? -4.991  -4.217  -2.878  1.00 2.00  ? 92  ALA A O   1 
ATOM   611  C CB  . ALA A 1 113 ? -7.181  -6.166  -3.780  1.00 2.34  ? 92  ALA A CB  1 
ATOM   612  N N   . ILE A 1 114 ? -3.819  -6.123  -3.307  1.00 2.00  ? 93  ILE A N   1 
ATOM   613  C CA  . ILE A 1 114 ? -2.526  -5.484  -3.469  1.00 2.00  ? 93  ILE A CA  1 
ATOM   614  C C   . ILE A 1 114 ? -1.923  -5.837  -4.818  1.00 2.00  ? 93  ILE A C   1 
ATOM   615  O O   . ILE A 1 114 ? -1.793  -7.026  -5.158  1.00 2.00  ? 93  ILE A O   1 
ATOM   616  C CB  . ILE A 1 114 ? -1.545  -5.903  -2.361  1.00 2.00  ? 93  ILE A CB  1 
ATOM   617  C CG1 . ILE A 1 114 ? -2.021  -5.386  -0.993  1.00 2.24  ? 93  ILE A CG1 1 
ATOM   618  C CG2 . ILE A 1 114 ? -0.113  -5.402  -2.684  1.00 2.86  ? 93  ILE A CG2 1 
ATOM   619  C CD1 . ILE A 1 114 ? -1.373  -6.090  0.171   1.00 2.83  ? 93  ILE A CD1 1 
ATOM   620  N N   . GLY A 1 115 ? -1.570  -4.797  -5.571  1.00 2.00  ? 94  GLY A N   1 
ATOM   621  C CA  . GLY A 1 115 ? -0.896  -4.937  -6.863  1.00 2.00  ? 94  GLY A CA  1 
ATOM   622  C C   . GLY A 1 115 ? -1.794  -4.744  -8.093  1.00 2.00  ? 94  GLY A C   1 
ATOM   623  O O   . GLY A 1 115 ? -3.019  -4.795  -7.984  1.00 2.00  ? 94  GLY A O   1 
ATOM   624  N N   . PRO A 1 116 ? -1.182  -4.549  -9.282  1.00 2.00  ? 95  PRO A N   1 
ATOM   625  C CA  . PRO A 1 116 ? -1.993  -4.283  -10.476 1.00 2.00  ? 95  PRO A CA  1 
ATOM   626  C C   . PRO A 1 116 ? -2.904  -5.456  -10.828 1.00 2.00  ? 95  PRO A C   1 
ATOM   627  O O   . PRO A 1 116 ? -2.464  -6.605  -10.825 1.00 2.00  ? 95  PRO A O   1 
ATOM   628  C CB  . PRO A 1 116 ? -0.942  -4.043  -11.579 1.00 2.00  ? 95  PRO A CB  1 
ATOM   629  C CG  . PRO A 1 116 ? 0.279   -4.733  -11.102 1.00 2.00  ? 95  PRO A CG  1 
ATOM   630  C CD  . PRO A 1 116 ? 0.263   -4.650  -9.590  1.00 2.00  ? 95  PRO A CD  1 
ATOM   631  N N   . ASN A 1 117 ? -4.173  -5.149  -11.097 1.00 2.54  ? 96  ASN A N   1 
ATOM   632  C CA  . ASN A 1 117 ? -5.144  -6.145  -11.516 1.00 3.52  ? 96  ASN A CA  1 
ATOM   633  C C   . ASN A 1 117 ? -5.498  -7.192  -10.453 1.00 3.81  ? 96  ASN A C   1 
ATOM   634  O O   . ASN A 1 117 ? -6.183  -8.165  -10.754 1.00 5.36  ? 96  ASN A O   1 
ATOM   635  C CB  . ASN A 1 117 ? -4.662  -6.829  -12.797 1.00 3.85  ? 96  ASN A CB  1 
ATOM   636  C CG  . ASN A 1 117 ? -4.801  -5.938  -14.010 1.00 3.77  ? 96  ASN A CG  1 
ATOM   637  O OD1 . ASN A 1 117 ? -5.794  -5.244  -14.157 1.00 6.63  ? 96  ASN A OD1 1 
ATOM   638  N ND2 . ASN A 1 117 ? -3.815  -5.958  -14.876 1.00 4.19  ? 96  ASN A ND2 1 
ATOM   639  N N   . ALA A 1 118 ? -5.044  -6.995  -9.215  1.00 3.59  ? 97  ALA A N   1 
ATOM   640  C CA  . ALA A 1 118 ? -5.453  -7.879  -8.109  1.00 2.91  ? 97  ALA A CA  1 
ATOM   641  C C   . ALA A 1 118 ? -6.919  -7.628  -7.790  1.00 2.59  ? 97  ALA A C   1 
ATOM   642  O O   . ALA A 1 118 ? -7.386  -6.479  -7.816  1.00 2.29  ? 97  ALA A O   1 
ATOM   643  C CB  . ALA A 1 118 ? -4.592  -7.668  -6.876  1.00 3.32  ? 97  ALA A CB  1 
ATOM   644  N N   . VAL A 1 119 ? -7.655  -8.707  -7.533  1.00 2.37  ? 98  VAL A N   1 
ATOM   645  C CA  . VAL A 1 119 ? -9.084  -8.601  -7.198  1.00 2.00  ? 98  VAL A CA  1 
ATOM   646  C C   . VAL A 1 119 ? -9.410  -9.448  -5.978  1.00 2.32  ? 98  VAL A C   1 
ATOM   647  O O   . VAL A 1 119 ? -9.288  -10.673 -6.023  1.00 2.20  ? 98  VAL A O   1 
ATOM   648  C CB  . VAL A 1 119 ? -9.996  -9.040  -8.378  1.00 2.00  ? 98  VAL A CB  1 
ATOM   649  C CG1 . VAL A 1 119 ? -11.470 -8.710  -8.086  1.00 2.00  ? 98  VAL A CG1 1 
ATOM   650  C CG2 . VAL A 1 119 ? -9.555  -8.374  -9.668  1.00 2.00  ? 98  VAL A CG2 1 
ATOM   651  N N   . ALA A 1 120 ? -9.810  -8.790  -4.891  1.00 3.41  ? 99  ALA A N   1 
ATOM   652  C CA  . ALA A 1 120 ? -10.225 -9.503  -3.675  1.00 4.50  ? 99  ALA A CA  1 
ATOM   653  C C   . ALA A 1 120 ? -11.709 -9.260  -3.411  1.00 4.54  ? 99  ALA A C   1 
ATOM   654  O O   . ALA A 1 120 ? -12.097 -8.400  -2.627  1.00 5.06  ? 99  ALA A O   1 
ATOM   655  C CB  . ALA A 1 120 ? -9.375  -9.113  -2.473  1.00 4.07  ? 99  ALA A CB  1 
ATOM   656  N N   . ASN A 1 121 ? -12.526 -10.047 -4.093  1.00 5.54  ? 100 ASN A N   1 
ATOM   657  C CA  . ASN A 1 121 ? -13.973 -9.951  -4.012  1.00 5.82  ? 100 ASN A CA  1 
ATOM   658  C C   . ASN A 1 121 ? -14.583 -10.919 -2.991  1.00 6.18  ? 100 ASN A C   1 
ATOM   659  O O   . ASN A 1 121 ? -15.730 -10.758 -2.589  1.00 7.39  ? 100 ASN A O   1 
ATOM   660  C CB  . ASN A 1 121 ? -14.553 -10.224 -5.390  1.00 6.76  ? 100 ASN A CB  1 
ATOM   661  C CG  . ASN A 1 121 ? -14.356 -11.660 -5.812  1.00 8.25  ? 100 ASN A CG  1 
ATOM   662  O OD1 . ASN A 1 121 ? -13.231 -12.144 -5.900  1.00 9.17  ? 100 ASN A OD1 1 
ATOM   663  N ND2 . ASN A 1 121 ? -15.464 -12.369 -6.031  1.00 12.97 ? 100 ASN A ND2 1 
ATOM   664  N N   . VAL A 1 122 ? -13.823 -11.931 -2.581  1.00 5.93  ? 101 VAL A N   1 
ATOM   665  C CA  . VAL A 1 122 ? -14.271 -12.851 -1.526  1.00 5.55  ? 101 VAL A CA  1 
ATOM   666  C C   . VAL A 1 122 ? -14.055 -12.151 -0.188  1.00 5.22  ? 101 VAL A C   1 
ATOM   667  O O   . VAL A 1 122 ? -13.046 -11.472 -0.009  1.00 4.92  ? 101 VAL A O   1 
ATOM   668  C CB  . VAL A 1 122 ? -13.510 -14.206 -1.613  1.00 5.26  ? 101 VAL A CB  1 
ATOM   669  C CG1 . VAL A 1 122 ? -13.905 -15.160 -0.488  1.00 5.36  ? 101 VAL A CG1 1 
ATOM   670  C CG2 . VAL A 1 122 ? -13.771 -14.857 -2.968  1.00 5.75  ? 101 VAL A CG2 1 
ATOM   671  N N   . ASP A 1 123 ? -15.005 -12.291 0.738   1.00 4.95  ? 102 ASP A N   1 
ATOM   672  C CA  . ASP A 1 123 ? -14.903 -11.653 2.056   1.00 4.82  ? 102 ASP A CA  1 
ATOM   673  C C   . ASP A 1 123 ? -13.708 -12.169 2.866   1.00 4.40  ? 102 ASP A C   1 
ATOM   674  O O   . ASP A 1 123 ? -13.286 -13.320 2.695   1.00 4.92  ? 102 ASP A O   1 
ATOM   675  C CB  . ASP A 1 123 ? -16.174 -11.912 2.866   1.00 5.28  ? 102 ASP A CB  1 
ATOM   676  C CG  . ASP A 1 123 ? -17.400 -11.282 2.247   1.00 6.62  ? 102 ASP A CG  1 
ATOM   677  O OD1 . ASP A 1 123 ? -17.235 -10.384 1.403   1.00 6.80  ? 102 ASP A OD1 1 
ATOM   678  O OD2 . ASP A 1 123 ? -18.525 -11.685 2.608   1.00 7.84  ? 102 ASP A OD2 1 
ATOM   679  N N   . TYR A 1 124 ? -13.182 -11.316 3.750   1.00 3.88  ? 103 TYR A N   1 
ATOM   680  C CA  . TYR A 1 124 ? -12.119 -11.700 4.704   1.00 3.86  ? 103 TYR A CA  1 
ATOM   681  C C   . TYR A 1 124 ? -10.936 -12.355 4.011   1.00 3.59  ? 103 TYR A C   1 
ATOM   682  O O   . TYR A 1 124 ? -10.278 -13.259 4.566   1.00 4.56  ? 103 TYR A O   1 
ATOM   683  C CB  . TYR A 1 124 ? -12.687 -12.611 5.805   1.00 3.54  ? 103 TYR A CB  1 
ATOM   684  C CG  . TYR A 1 124 ? -13.883 -11.990 6.466   1.00 6.48  ? 103 TYR A CG  1 
ATOM   685  C CD1 . TYR A 1 124 ? -13.730 -10.903 7.327   1.00 8.44  ? 103 TYR A CD1 1 
ATOM   686  C CD2 . TYR A 1 124 ? -15.167 -12.453 6.204   1.00 8.96  ? 103 TYR A CD2 1 
ATOM   687  C CE1 . TYR A 1 124 ? -14.811 -10.303 7.914   1.00 9.85  ? 103 TYR A CE1 1 
ATOM   688  C CE2 . TYR A 1 124 ? -16.276 -11.854 6.804   1.00 11.55 ? 103 TYR A CE2 1 
ATOM   689  C CZ  . TYR A 1 124 ? -16.079 -10.775 7.651   1.00 11.05 ? 103 TYR A CZ  1 
ATOM   690  O OH  . TYR A 1 124 ? -17.138 -10.159 8.266   1.00 12.52 ? 103 TYR A OH  1 
ATOM   691  N N   . SER A 1 125 ? -10.675 -11.907 2.787   1.00 3.22  ? 104 SER A N   1 
ATOM   692  C CA  . SER A 1 125 ? -9.635  -12.509 1.963   1.00 2.46  ? 104 SER A CA  1 
ATOM   693  C C   . SER A 1 125 ? -8.525  -11.533 1.558   1.00 2.00  ? 104 SER A C   1 
ATOM   694  O O   . SER A 1 125 ? -8.620  -10.332 1.805   1.00 2.00  ? 104 SER A O   1 
ATOM   695  C CB  . SER A 1 125 ? -10.261 -13.174 0.736   1.00 2.40  ? 104 SER A CB  1 
ATOM   696  O OG  . SER A 1 125 ? -11.033 -14.283 1.155   1.00 2.87  ? 104 SER A OG  1 
ATOM   697  N N   . VAL A 1 126 ? -7.453  -12.074 0.970   1.00 2.00  ? 105 VAL A N   1 
ATOM   698  C CA  . VAL A 1 126 ? -6.371  -11.252 0.418   1.00 2.00  ? 105 VAL A CA  1 
ATOM   699  C C   . VAL A 1 126 ? -6.078  -11.730 -1.000  1.00 2.00  ? 105 VAL A C   1 
ATOM   700  O O   . VAL A 1 126 ? -6.021  -12.936 -1.251  1.00 2.00  ? 105 VAL A O   1 
ATOM   701  C CB  . VAL A 1 126 ? -5.061  -11.328 1.251   1.00 2.00  ? 105 VAL A CB  1 
ATOM   702  C CG1 . VAL A 1 126 ? -3.967  -10.390 0.646   1.00 2.00  ? 105 VAL A CG1 1 
ATOM   703  C CG2 . VAL A 1 126 ? -5.330  -10.995 2.732   1.00 2.00  ? 105 VAL A CG2 1 
ATOM   704  N N   . ALA A 1 127 ? -5.987  -10.781 -1.926  1.00 2.00  ? 106 ALA A N   1 
ATOM   705  C CA  . ALA A 1 127 ? -5.346  -11.025 -3.214  1.00 2.00  ? 106 ALA A CA  1 
ATOM   706  C C   . ALA A 1 127 ? -4.086  -10.165 -3.269  1.00 2.00  ? 106 ALA A C   1 
ATOM   707  O O   . ALA A 1 127 ? -4.168  -8.941  -3.134  1.00 2.88  ? 106 ALA A O   1 
ATOM   708  C CB  . ALA A 1 127 ? -6.288  -10.655 -4.347  1.00 2.00  ? 106 ALA A CB  1 
ATOM   709  N N   . ILE A 1 128 ? -2.915  -10.790 -3.431  1.00 2.00  ? 107 ILE A N   1 
ATOM   710  C CA  . ILE A 1 128 ? -1.677  -10.039 -3.466  1.00 2.25  ? 107 ILE A CA  1 
ATOM   711  C C   . ILE A 1 128 ? -0.783  -10.544 -4.596  1.00 3.06  ? 107 ILE A C   1 
ATOM   712  O O   . ILE A 1 128 ? -0.488  -11.732 -4.698  1.00 3.66  ? 107 ILE A O   1 
ATOM   713  C CB  . ILE A 1 128 ? -0.968  -10.020 -2.063  1.00 2.95  ? 107 ILE A CB  1 
ATOM   714  C CG1 . ILE A 1 128 ? 0.420   -9.362  -2.139  1.00 2.04  ? 107 ILE A CG1 1 
ATOM   715  C CG2 . ILE A 1 128 ? -0.876  -11.441 -1.462  1.00 2.00  ? 107 ILE A CG2 1 
ATOM   716  C CD1 . ILE A 1 128 ? 1.020   -9.093  -0.778  1.00 2.59  ? 107 ILE A CD1 1 
ATOM   717  N N   . GLY A 1 129 ? -0.362  -9.618  -5.444  1.00 3.51  ? 108 GLY A N   1 
ATOM   718  C CA  . GLY A 1 129 ? 0.455   -9.942  -6.596  1.00 4.05  ? 108 GLY A CA  1 
ATOM   719  C C   . GLY A 1 129 ? -0.303  -9.555  -7.855  1.00 4.64  ? 108 GLY A C   1 
ATOM   720  O O   . GLY A 1 129 ? -1.533  -9.587  -7.871  1.00 4.00  ? 108 GLY A O   1 
ATOM   721  N N   . SER A 1 130 ? 0.427   -9.203  -8.911  1.00 5.05  ? 109 SER A N   1 
ATOM   722  C CA  . SER A 1 130 ? -0.206  -8.720  -10.117 1.00 5.43  ? 109 SER A CA  1 
ATOM   723  C C   . SER A 1 130 ? -1.134  -9.789  -10.680 1.00 5.69  ? 109 SER A C   1 
ATOM   724  O O   . SER A 1 130 ? -0.730  -10.949 -10.884 1.00 5.25  ? 109 SER A O   1 
ATOM   725  C CB  . SER A 1 130 ? 0.811   -8.269  -11.161 1.00 6.18  ? 109 SER A CB  1 
ATOM   726  O OG  . SER A 1 130 ? 1.594   -9.333  -11.642 1.00 8.46  ? 109 SER A OG  1 
ATOM   727  N N   . GLY A 1 131 ? -2.394  -9.392  -10.867 1.00 4.92  ? 110 GLY A N   1 
ATOM   728  C CA  . GLY A 1 131 ? -3.419  -10.269 -11.416 1.00 3.67  ? 110 GLY A CA  1 
ATOM   729  C C   . GLY A 1 131 ? -3.983  -11.317 -10.485 1.00 3.06  ? 110 GLY A C   1 
ATOM   730  O O   . GLY A 1 131 ? -4.790  -12.141 -10.922 1.00 2.38  ? 110 GLY A O   1 
ATOM   731  N N   . ALA A 1 132 ? -3.582  -11.299 -9.210  1.00 2.00  ? 111 ALA A N   1 
ATOM   732  C CA  . ALA A 1 132 ? -4.107  -12.272 -8.238  1.00 2.00  ? 111 ALA A CA  1 
ATOM   733  C C   . ALA A 1 132 ? -5.626  -12.141 -8.122  1.00 2.00  ? 111 ALA A C   1 
ATOM   734  O O   . ALA A 1 132 ? -6.170  -11.056 -8.246  1.00 3.12  ? 111 ALA A O   1 
ATOM   735  C CB  . ALA A 1 132 ? -3.442  -12.106 -6.830  1.00 2.00  ? 111 ALA A CB  1 
ATOM   736  N N   . THR A 1 133 ? -6.300  -13.258 -7.895  1.00 2.91  ? 112 THR A N   1 
ATOM   737  C CA  . THR A 1 133 ? -7.756  -13.263 -7.735  1.00 4.24  ? 112 THR A CA  1 
ATOM   738  C C   . THR A 1 133 ? -8.099  -14.024 -6.471  1.00 4.99  ? 112 THR A C   1 
ATOM   739  O O   . THR A 1 133 ? -7.234  -14.681 -5.889  1.00 5.31  ? 112 THR A O   1 
ATOM   740  C CB  . THR A 1 133 ? -8.437  -13.971 -8.925  1.00 4.28  ? 112 THR A CB  1 
ATOM   741  O OG1 . THR A 1 133 ? -7.948  -15.312 -9.002  1.00 5.15  ? 112 THR A OG1 1 
ATOM   742  C CG2 . THR A 1 133 ? -8.106  -13.254 -10.249 1.00 4.62  ? 112 THR A CG2 1 
ATOM   743  N N   . THR A 1 134 ? -9.351  -13.940 -6.036  1.00 6.00  ? 113 THR A N   1 
ATOM   744  C CA  . THR A 1 134 ? -9.809  -14.722 -4.881  1.00 6.48  ? 113 THR A CA  1 
ATOM   745  C C   . THR A 1 134 ? -11.024 -15.536 -5.296  1.00 7.05  ? 113 THR A C   1 
ATOM   746  O O   . THR A 1 134 ? -11.914 -15.001 -5.958  1.00 6.64  ? 113 THR A O   1 
ATOM   747  C CB  . THR A 1 134 ? -10.230 -13.836 -3.684  1.00 6.39  ? 113 THR A CB  1 
ATOM   748  O OG1 . THR A 1 134 ? -11.205 -12.884 -4.114  1.00 5.83  ? 113 THR A OG1 1 
ATOM   749  C CG2 . THR A 1 134 ? -9.028  -13.106 -3.078  1.00 5.48  ? 113 THR A CG2 1 
ATOM   750  N N   . SER A 1 135 ? -11.029 -16.816 -4.914  1.00 6.99  ? 114 SER A N   1 
ATOM   751  C CA  . SER A 1 135 ? -12.218 -17.661 -4.949  1.00 8.02  ? 114 SER A CA  1 
ATOM   752  C C   . SER A 1 135 ? -12.488 -18.186 -3.545  1.00 7.81  ? 114 SER A C   1 
ATOM   753  O O   . SER A 1 135 ? -11.600 -18.133 -2.691  1.00 7.45  ? 114 SER A O   1 
ATOM   754  C CB  . SER A 1 135 ? -12.067 -18.819 -5.945  1.00 8.03  ? 114 SER A CB  1 
ATOM   755  O OG  . SER A 1 135 ? -12.149 -18.315 -7.261  1.00 10.15 ? 114 SER A OG  1 
ATOM   756  N N   . ALA A 1 136 ? -13.714 -18.662 -3.299  1.00 7.86  ? 115 ALA A N   1 
ATOM   757  C CA  . ALA A 1 136 ? -14.102 -19.142 -1.965  1.00 8.13  ? 115 ALA A CA  1 
ATOM   758  C C   . ALA A 1 136 ? -13.136 -20.194 -1.444  1.00 8.26  ? 115 ALA A C   1 
ATOM   759  O O   . ALA A 1 136 ? -12.670 -21.047 -2.199  1.00 8.62  ? 115 ALA A O   1 
ATOM   760  C CB  . ALA A 1 136 ? -15.525 -19.707 -1.979  1.00 8.86  ? 115 ALA A CB  1 
ATOM   761  N N   . ALA A 1 137 ? -12.847 -20.135 -0.151  1.00 8.36  ? 116 ALA A N   1 
ATOM   762  C CA  . ALA A 1 137 ? -12.065 -21.165 0.503   1.00 8.93  ? 116 ALA A CA  1 
ATOM   763  C C   . ALA A 1 137 ? -12.846 -22.470 0.491   1.00 9.76  ? 116 ALA A C   1 
ATOM   764  O O   . ALA A 1 137 ? -14.066 -22.455 0.584   1.00 9.20  ? 116 ALA A O   1 
ATOM   765  C CB  . ALA A 1 137 ? -11.750 -20.756 1.920   1.00 8.68  ? 116 ALA A CB  1 
ATOM   766  N N   . VAL A 1 138 ? -12.126 -23.583 0.349   1.00 10.89 ? 117 VAL A N   1 
ATOM   767  C CA  . VAL A 1 138 ? -12.696 -24.930 0.461   1.00 11.99 ? 117 VAL A CA  1 
ATOM   768  C C   . VAL A 1 138 ? -12.236 -25.545 1.798   1.00 12.41 ? 117 VAL A C   1 
ATOM   769  O O   . VAL A 1 138 ? -11.061 -25.895 1.949   1.00 12.49 ? 117 VAL A O   1 
ATOM   770  C CB  . VAL A 1 138 ? -12.246 -25.840 -0.731  1.00 12.25 ? 117 VAL A CB  1 
ATOM   771  C CG1 . VAL A 1 138 ? -12.756 -27.271 -0.556  1.00 13.11 ? 117 VAL A CG1 1 
ATOM   772  C CG2 . VAL A 1 138 ? -12.736 -25.274 -2.054  1.00 11.37 ? 117 VAL A CG2 1 
ATOM   773  N N   . PRO A 1 139 ? -13.159 -25.677 2.774   1.00 12.97 ? 118 PRO A N   1 
ATOM   774  C CA  . PRO A 1 139 ? -12.828 -26.349 4.033   1.00 12.99 ? 118 PRO A CA  1 
ATOM   775  C C   . PRO A 1 139 ? -12.287 -27.751 3.772   1.00 13.17 ? 118 PRO A C   1 
ATOM   776  O O   . PRO A 1 139 ? -12.854 -28.471 2.960   1.00 12.56 ? 118 PRO A O   1 
ATOM   777  C CB  . PRO A 1 139 ? -14.181 -26.441 4.744   1.00 12.92 ? 118 PRO A CB  1 
ATOM   778  C CG  . PRO A 1 139 ? -14.968 -25.275 4.192   1.00 13.34 ? 118 PRO A CG  1 
ATOM   779  C CD  . PRO A 1 139 ? -14.577 -25.256 2.741   1.00 13.34 ? 118 PRO A CD  1 
ATOM   780  N N   . VAL A 1 140 ? -11.179 -28.106 4.425   1.00 13.53 ? 119 VAL A N   1 
ATOM   781  C CA  . VAL A 1 140 ? -10.584 -29.438 4.295   1.00 14.38 ? 119 VAL A CA  1 
ATOM   782  C C   . VAL A 1 140 ? -10.263 -29.979 5.690   1.00 15.58 ? 119 VAL A C   1 
ATOM   783  O O   . VAL A 1 140 ? -9.346  -29.488 6.361   1.00 15.23 ? 119 VAL A O   1 
ATOM   784  C CB  . VAL A 1 140 ? -9.288  -29.427 3.430   1.00 14.24 ? 119 VAL A CB  1 
ATOM   785  C CG1 . VAL A 1 140 ? -8.761  -30.858 3.203   1.00 13.39 ? 119 VAL A CG1 1 
ATOM   786  C CG2 . VAL A 1 140 ? -9.534  -28.732 2.094   1.00 13.42 ? 119 VAL A CG2 1 
ATOM   787  N N   . ALA A 1 141 ? -11.031 -30.981 6.120   1.00 16.92 ? 120 ALA A N   1 
ATOM   788  C CA  . ALA A 1 141 ? -10.862 -31.600 7.444   1.00 18.32 ? 120 ALA A CA  1 
ATOM   789  C C   . ALA A 1 141 ? -10.069 -32.907 7.368   1.00 19.44 ? 120 ALA A C   1 
ATOM   790  O O   . ALA A 1 141 ? -9.387  -33.304 8.317   1.00 19.12 ? 120 ALA A O   1 
ATOM   791  C CB  . ALA A 1 141 ? -12.229 -31.843 8.088   1.00 18.67 ? 120 ALA A CB  1 
ATOM   792  N N   . SER A 1 142 ? -10.176 -33.559 6.216   1.00 20.71 ? 121 SER A N   1 
ATOM   793  C CA  . SER A 1 142 ? -9.546  -34.839 5.942   1.00 22.24 ? 121 SER A CA  1 
ATOM   794  C C   . SER A 1 142 ? -9.390  -34.931 4.432   1.00 22.88 ? 121 SER A C   1 
ATOM   795  O O   . SER A 1 142 ? -9.922  -34.091 3.710   1.00 23.23 ? 121 SER A O   1 
ATOM   796  C CB  . SER A 1 142 ? -10.420 -35.997 6.456   1.00 22.23 ? 121 SER A CB  1 
ATOM   797  O OG  . SER A 1 142 ? -11.747 -35.922 5.954   1.00 23.30 ? 121 SER A OG  1 
ATOM   798  N N   . ALA A 1 143 ? -8.654  -35.932 3.958   1.00 23.85 ? 122 ALA A N   1 
ATOM   799  C CA  . ALA A 1 143 ? -8.520  -36.185 2.519   1.00 24.60 ? 122 ALA A CA  1 
ATOM   800  C C   . ALA A 1 143 ? -8.354  -37.679 2.236   1.00 25.03 ? 122 ALA A C   1 
ATOM   801  O O   . ALA A 1 143 ? -7.637  -38.371 2.968   1.00 25.81 ? 122 ALA A O   1 
ATOM   802  C CB  . ALA A 1 143 ? -7.356  -35.404 1.943   1.00 24.47 ? 122 ALA A CB  1 
ATOM   803  N N   . PHE A 1 150 ? -6.824  -39.680 5.451   1.00 25.80 ? 129 PHE A N   1 
ATOM   804  C CA  . PHE A 1 150 ? -5.981  -38.832 6.291   1.00 25.71 ? 129 PHE A CA  1 
ATOM   805  C C   . PHE A 1 150 ? -6.842  -37.767 6.948   1.00 25.24 ? 129 PHE A C   1 
ATOM   806  O O   . PHE A 1 150 ? -7.415  -36.917 6.262   1.00 25.54 ? 129 PHE A O   1 
ATOM   807  C CB  . PHE A 1 150 ? -4.864  -38.181 5.465   1.00 25.64 ? 129 PHE A CB  1 
ATOM   808  C CG  . PHE A 1 150 ? -4.002  -39.168 4.736   1.00 27.41 ? 129 PHE A CG  1 
ATOM   809  C CD1 . PHE A 1 150 ? -3.194  -40.063 5.439   1.00 28.27 ? 129 PHE A CD1 1 
ATOM   810  C CD2 . PHE A 1 150 ? -3.999  -39.210 3.344   1.00 28.58 ? 129 PHE A CD2 1 
ATOM   811  C CE1 . PHE A 1 150 ? -2.396  -40.990 4.762   1.00 29.43 ? 129 PHE A CE1 1 
ATOM   812  C CE2 . PHE A 1 150 ? -3.203  -40.131 2.657   1.00 29.12 ? 129 PHE A CE2 1 
ATOM   813  C CZ  . PHE A 1 150 ? -2.398  -41.018 3.368   1.00 29.17 ? 129 PHE A CZ  1 
ATOM   814  N N   . GLY A 1 151 ? -6.939  -37.825 8.272   1.00 24.53 ? 130 GLY A N   1 
ATOM   815  C CA  . GLY A 1 151 ? -7.841  -36.945 9.018   1.00 23.53 ? 130 GLY A CA  1 
ATOM   816  C C   . GLY A 1 151 ? -7.159  -36.120 10.088  1.00 22.40 ? 130 GLY A C   1 
ATOM   817  O O   . GLY A 1 151 ? -5.941  -36.202 10.268  1.00 22.84 ? 130 GLY A O   1 
ATOM   818  N N   . GLY A 1 152 ? -7.950  -35.313 10.792  1.00 21.38 ? 131 GLY A N   1 
ATOM   819  C CA  . GLY A 1 152 ? -7.432  -34.464 11.865  1.00 19.75 ? 131 GLY A CA  1 
ATOM   820  C C   . GLY A 1 152 ? -6.589  -33.286 11.399  1.00 18.25 ? 131 GLY A C   1 
ATOM   821  O O   . GLY A 1 152 ? -5.600  -32.904 12.073  1.00 18.67 ? 131 GLY A O   1 
ATOM   822  N N   . PHE A 1 153 ? -6.969  -32.701 10.258  1.00 16.18 ? 132 PHE A N   1 
ATOM   823  C CA  . PHE A 1 153 ? -6.277  -31.512 9.749   1.00 13.79 ? 132 PHE A CA  1 
ATOM   824  C C   . PHE A 1 153 ? -6.580  -30.295 10.640  1.00 12.60 ? 132 PHE A C   1 
ATOM   825  O O   . PHE A 1 153 ? -7.735  -30.039 10.994  1.00 11.06 ? 132 PHE A O   1 
ATOM   826  C CB  . PHE A 1 153 ? -6.672  -31.179 8.299   1.00 13.53 ? 132 PHE A CB  1 
ATOM   827  C CG  . PHE A 1 153 ? -6.273  -32.222 7.277   1.00 12.61 ? 132 PHE A CG  1 
ATOM   828  C CD1 . PHE A 1 153 ? -5.335  -33.218 7.567   1.00 12.72 ? 132 PHE A CD1 1 
ATOM   829  C CD2 . PHE A 1 153 ? -6.818  -32.180 5.998   1.00 13.12 ? 132 PHE A CD2 1 
ATOM   830  C CE1 . PHE A 1 153 ? -4.988  -34.169 6.613   1.00 12.56 ? 132 PHE A CE1 1 
ATOM   831  C CE2 . PHE A 1 153 ? -6.461  -33.124 5.028   1.00 11.41 ? 132 PHE A CE2 1 
ATOM   832  C CZ  . PHE A 1 153 ? -5.550  -34.121 5.346   1.00 11.64 ? 132 PHE A CZ  1 
ATOM   833  N N   . ALA A 1 154 ? -5.527  -29.560 10.989  1.00 10.81 ? 133 ALA A N   1 
ATOM   834  C CA  . ALA A 1 154 ? -5.662  -28.250 11.622  1.00 10.07 ? 133 ALA A CA  1 
ATOM   835  C C   . ALA A 1 154 ? -6.074  -27.211 10.567  1.00 9.07  ? 133 ALA A C   1 
ATOM   836  O O   . ALA A 1 154 ? -5.772  -27.366 9.375   1.00 8.76  ? 133 ALA A O   1 
ATOM   837  C CB  . ALA A 1 154 ? -4.353  -27.851 12.308  1.00 9.52  ? 133 ALA A CB  1 
ATOM   838  N N   . GLY A 1 155 ? -6.769  -26.161 11.007  1.00 8.70  ? 134 GLY A N   1 
ATOM   839  C CA  . GLY A 1 155 ? -7.234  -25.105 10.109  1.00 7.67  ? 134 GLY A CA  1 
ATOM   840  C C   . GLY A 1 155 ? -8.211  -25.632 9.069   1.00 7.33  ? 134 GLY A C   1 
ATOM   841  O O   . GLY A 1 155 ? -8.110  -25.312 7.899   1.00 7.08  ? 134 GLY A O   1 
ATOM   842  N N   . SER A 1 156 ? -9.153  -26.455 9.513   1.00 7.05  ? 135 SER A N   1 
ATOM   843  C CA  . SER A 1 156 ? -10.132 -27.067 8.640   1.00 7.31  ? 135 SER A CA  1 
ATOM   844  C C   . SER A 1 156 ? -11.298 -26.136 8.332   1.00 7.29  ? 135 SER A C   1 
ATOM   845  O O   . SER A 1 156 ? -12.130 -26.463 7.485   1.00 8.01  ? 135 SER A O   1 
ATOM   846  C CB  . SER A 1 156 ? -10.668 -28.352 9.276   1.00 7.41  ? 135 SER A CB  1 
ATOM   847  O OG  . SER A 1 156 ? -11.358 -28.040 10.479  1.00 7.71  ? 135 SER A OG  1 
ATOM   848  N N   . ALA A 1 157 ? -11.367 -24.990 9.010   1.00 7.46  ? 136 ALA A N   1 
ATOM   849  C CA  . ALA A 1 157 ? -12.449 -24.030 8.789   1.00 7.44  ? 136 ALA A CA  1 
ATOM   850  C C   . ALA A 1 157 ? -11.917 -22.632 8.428   1.00 7.55  ? 136 ALA A C   1 
ATOM   851  O O   . ALA A 1 157 ? -11.927 -21.729 9.261   1.00 7.79  ? 136 ALA A O   1 
ATOM   852  C CB  . ALA A 1 157 ? -13.353 -23.973 10.004  1.00 8.09  ? 136 ALA A CB  1 
ATOM   853  N N   . PRO A 1 158 ? -11.435 -22.460 7.184   1.00 7.12  ? 137 PRO A N   1 
ATOM   854  C CA  . PRO A 1 158 ? -10.849 -21.181 6.771   1.00 7.33  ? 137 PRO A CA  1 
ATOM   855  C C   . PRO A 1 158 ? -11.883 -20.049 6.806   1.00 7.58  ? 137 PRO A C   1 
ATOM   856  O O   . PRO A 1 158 ? -13.059 -20.259 6.466   1.00 7.22  ? 137 PRO A O   1 
ATOM   857  C CB  . PRO A 1 158 ? -10.386 -21.448 5.322   1.00 7.16  ? 137 PRO A CB  1 
ATOM   858  C CG  . PRO A 1 158 ? -11.175 -22.698 4.880   1.00 6.57  ? 137 PRO A CG  1 
ATOM   859  C CD  . PRO A 1 158 ? -11.352 -23.484 6.123   1.00 7.29  ? 137 PRO A CD  1 
ATOM   860  N N   . ILE A 1 159 ? -11.434 -18.869 7.218   1.00 7.08  ? 138 ILE A N   1 
ATOM   861  C CA  . ILE A 1 159 ? -12.267 -17.666 7.252   1.00 7.47  ? 138 ILE A CA  1 
ATOM   862  C C   . ILE A 1 159 ? -12.322 -17.054 5.837   1.00 6.76  ? 138 ILE A C   1 
ATOM   863  O O   . ILE A 1 159 ? -13.240 -16.320 5.489   1.00 6.67  ? 138 ILE A O   1 
ATOM   864  C CB  . ILE A 1 159 ? -11.721 -16.647 8.320   1.00 7.69  ? 138 ILE A CB  1 
ATOM   865  C CG1 . ILE A 1 159 ? -12.701 -15.490 8.551   1.00 9.25  ? 138 ILE A CG1 1 
ATOM   866  C CG2 . ILE A 1 159 ? -10.328 -16.116 7.928   1.00 7.51  ? 138 ILE A CG2 1 
ATOM   867  C CD1 . ILE A 1 159 ? -12.164 -14.381 9.510   1.00 12.84 ? 138 ILE A CD1 1 
ATOM   868  N N   . GLY A 1 160 ? -11.331 -17.387 5.020   1.00 6.26  ? 139 GLY A N   1 
ATOM   869  C CA  . GLY A 1 160 ? -11.222 -16.827 3.676   1.00 5.10  ? 139 GLY A CA  1 
ATOM   870  C C   . GLY A 1 160 ? -9.969  -17.349 3.025   1.00 4.85  ? 139 GLY A C   1 
ATOM   871  O O   . GLY A 1 160 ? -9.384  -18.334 3.497   1.00 4.64  ? 139 GLY A O   1 
ATOM   872  N N   . VAL A 1 161 ? -9.566  -16.741 1.933   1.00 3.56  ? 140 VAL A N   1 
ATOM   873  C CA  . VAL A 1 161 ? -8.380  -17.148 1.200   1.00 2.91  ? 140 VAL A CA  1 
ATOM   874  C C   . VAL A 1 161 ? -7.271  -16.089 1.231   1.00 2.30  ? 140 VAL A C   1 
ATOM   875  O O   . VAL A 1 161 ? -7.540  -14.935 1.323   1.00 2.37  ? 140 VAL A O   1 
ATOM   876  C CB  . VAL A 1 161 ? -8.679  -17.596 -0.246  1.00 2.43  ? 140 VAL A CB  1 
ATOM   877  C CG1 . VAL A 1 161 ? -9.672  -18.766 -0.303  1.00 2.33  ? 140 VAL A CG1 1 
ATOM   878  C CG2 . VAL A 1 161 ? -9.097  -16.434 -1.099  1.00 2.00  ? 140 VAL A CG2 1 
ATOM   879  N N   . PHE A 1 162 ? -6.051  -16.558 1.114   1.00 2.76  ? 141 PHE A N   1 
ATOM   880  C CA  . PHE A 1 162 ? -4.916  -15.652 0.954   1.00 2.43  ? 141 PHE A CA  1 
ATOM   881  C C   . PHE A 1 162 ? -4.289  -16.043 -0.386  1.00 2.37  ? 141 PHE A C   1 
ATOM   882  O O   . PHE A 1 162 ? -3.595  -17.066 -0.487  1.00 2.56  ? 141 PHE A O   1 
ATOM   883  C CB  . PHE A 1 162 ? -3.933  -15.768 2.145   1.00 2.00  ? 141 PHE A CB  1 
ATOM   884  C CG  . PHE A 1 162 ? -2.711  -14.877 2.007   1.00 3.19  ? 141 PHE A CG  1 
ATOM   885  C CD1 . PHE A 1 162 ? -2.693  -13.614 2.604   1.00 3.15  ? 141 PHE A CD1 1 
ATOM   886  C CD2 . PHE A 1 162 ? -1.613  -15.281 1.230   1.00 3.23  ? 141 PHE A CD2 1 
ATOM   887  C CE1 . PHE A 1 162 ? -1.596  -12.772 2.447   1.00 3.57  ? 141 PHE A CE1 1 
ATOM   888  C CE2 . PHE A 1 162 ? -0.510  -14.446 1.059   1.00 4.06  ? 141 PHE A CE2 1 
ATOM   889  C CZ  . PHE A 1 162 ? -0.495  -13.188 1.680   1.00 5.16  ? 141 PHE A CZ  1 
ATOM   890  N N   . SER A 1 163 ? -4.596  -15.266 -1.427  1.00 2.99  ? 142 SER A N   1 
ATOM   891  C CA  . SER A 1 163 ? -4.187  -15.639 -2.784  1.00 2.28  ? 142 SER A CA  1 
ATOM   892  C C   . SER A 1 163 ? -2.922  -14.920 -3.247  1.00 2.41  ? 142 SER A C   1 
ATOM   893  O O   . SER A 1 163 ? -2.809  -13.711 -3.163  1.00 2.76  ? 142 SER A O   1 
ATOM   894  C CB  . SER A 1 163 ? -5.330  -15.422 -3.774  1.00 2.00  ? 142 SER A CB  1 
ATOM   895  O OG  . SER A 1 163 ? -4.890  -15.624 -5.110  1.00 2.40  ? 142 SER A OG  1 
ATOM   896  N N   . VAL A 1 164 ? -1.963  -15.699 -3.723  1.00 2.13  ? 143 VAL A N   1 
ATOM   897  C CA  . VAL A 1 164 ? -0.748  -15.147 -4.285  1.00 2.00  ? 143 VAL A CA  1 
ATOM   898  C C   . VAL A 1 164 ? -0.765  -15.196 -5.821  1.00 2.00  ? 143 VAL A C   1 
ATOM   899  O O   . VAL A 1 164 ? 0.271   -15.061 -6.472  1.00 2.00  ? 143 VAL A O   1 
ATOM   900  C CB  . VAL A 1 164 ? 0.475   -15.892 -3.734  1.00 2.00  ? 143 VAL A CB  1 
ATOM   901  C CG1 . VAL A 1 164 ? 0.489   -15.802 -2.205  1.00 2.00  ? 143 VAL A CG1 1 
ATOM   902  C CG2 . VAL A 1 164 ? 0.451   -17.355 -4.195  1.00 2.00  ? 143 VAL A CG2 1 
ATOM   903  N N   . GLY A 1 165 ? -1.941  -15.394 -6.409  1.00 2.00  ? 144 GLY A N   1 
ATOM   904  C CA  . GLY A 1 165 ? -2.007  -15.468 -7.864  1.00 2.22  ? 144 GLY A CA  1 
ATOM   905  C C   . GLY A 1 165 ? -3.383  -15.816 -8.372  1.00 2.00  ? 144 GLY A C   1 
ATOM   906  O O   . GLY A 1 165 ? -4.384  -15.446 -7.776  1.00 2.00  ? 144 GLY A O   1 
ATOM   907  N N   . ALA A 1 166 ? -3.433  -16.520 -9.496  1.00 2.00  ? 145 ALA A N   1 
ATOM   908  C CA  . ALA A 1 166 ? -4.708  -16.849 -10.118 1.00 2.00  ? 145 ALA A CA  1 
ATOM   909  C C   . ALA A 1 166 ? -4.504  -18.151 -10.887 1.00 2.00  ? 145 ALA A C   1 
ATOM   910  O O   . ALA A 1 166 ? -3.360  -18.539 -11.094 1.00 2.00  ? 145 ALA A O   1 
ATOM   911  C CB  . ALA A 1 166 ? -5.130  -15.705 -11.027 1.00 2.00  ? 145 ALA A CB  1 
ATOM   912  N N   . PRO A 1 167 ? -5.595  -18.868 -11.256 1.00 2.26  ? 146 PRO A N   1 
ATOM   913  C CA  . PRO A 1 167 ? -5.428  -20.088 -12.072 1.00 2.50  ? 146 PRO A CA  1 
ATOM   914  C C   . PRO A 1 167 ? -4.621  -19.805 -13.343 1.00 3.18  ? 146 PRO A C   1 
ATOM   915  O O   . PRO A 1 167 ? -4.903  -18.824 -14.040 1.00 3.98  ? 146 PRO A O   1 
ATOM   916  C CB  . PRO A 1 167 ? -6.874  -20.472 -12.425 1.00 2.06  ? 146 PRO A CB  1 
ATOM   917  C CG  . PRO A 1 167 ? -7.669  -19.998 -11.268 1.00 2.20  ? 146 PRO A CG  1 
ATOM   918  C CD  . PRO A 1 167 ? -7.005  -18.684 -10.851 1.00 2.00  ? 146 PRO A CD  1 
ATOM   919  N N   . GLY A 1 168 ? -3.602  -20.628 -13.603 1.00 3.36  ? 147 GLY A N   1 
ATOM   920  C CA  . GLY A 1 168 ? -2.696  -20.431 -14.733 1.00 3.64  ? 147 GLY A CA  1 
ATOM   921  C C   . GLY A 1 168 ? -1.713  -19.283 -14.530 1.00 3.81  ? 147 GLY A C   1 
ATOM   922  O O   . GLY A 1 168 ? -0.859  -19.056 -15.376 1.00 3.72  ? 147 GLY A O   1 
ATOM   923  N N   . ALA A 1 169 ? -1.831  -18.561 -13.413 1.00 3.03  ? 148 ALA A N   1 
ATOM   924  C CA  . ALA A 1 169 ? -0.907  -17.464 -13.096 1.00 3.57  ? 148 ALA A CA  1 
ATOM   925  C C   . ALA A 1 169 ? -0.501  -17.587 -11.639 1.00 3.15  ? 148 ALA A C   1 
ATOM   926  O O   . ALA A 1 169 ? -0.668  -16.648 -10.839 1.00 3.49  ? 148 ALA A O   1 
ATOM   927  C CB  . ALA A 1 169 ? -1.562  -16.108 -13.356 1.00 3.43  ? 148 ALA A CB  1 
ATOM   928  N N   . GLU A 1 170 ? 0.019   -18.759 -11.299 1.00 2.74  ? 149 GLU A N   1 
ATOM   929  C CA  . GLU A 1 170 ? 0.383   -19.081 -9.920  1.00 2.00  ? 149 GLU A CA  1 
ATOM   930  C C   . GLU A 1 170 ? 1.753   -18.514 -9.584  1.00 2.02  ? 149 GLU A C   1 
ATOM   931  O O   . GLU A 1 170 ? 2.569   -18.289 -10.471 1.00 2.00  ? 149 GLU A O   1 
ATOM   932  C CB  . GLU A 1 170 ? 0.363   -20.607 -9.698  1.00 2.62  ? 149 GLU A CB  1 
ATOM   933  C CG  . GLU A 1 170 ? -1.047  -21.249 -9.766  1.00 2.87  ? 149 GLU A CG  1 
ATOM   934  C CD  . GLU A 1 170 ? -1.460  -21.683 -11.175 1.00 4.89  ? 149 GLU A CD  1 
ATOM   935  O OE1 . GLU A 1 170 ? -2.606  -22.147 -11.358 1.00 5.98  ? 149 GLU A OE1 1 
ATOM   936  O OE2 . GLU A 1 170 ? -0.656  -21.555 -12.110 1.00 4.21  ? 149 GLU A OE2 1 
ATOM   937  N N   . ARG A 1 171 ? 1.987   -18.257 -8.303  1.00 2.20  ? 150 ARG A N   1 
ATOM   938  C CA  . ARG A 1 171 ? 3.314   -17.865 -7.842  1.00 2.57  ? 150 ARG A CA  1 
ATOM   939  C C   . ARG A 1 171 ? 3.932   -18.914 -6.950  1.00 3.00  ? 150 ARG A C   1 
ATOM   940  O O   . ARG A 1 171 ? 3.258   -19.527 -6.120  1.00 2.75  ? 150 ARG A O   1 
ATOM   941  C CB  . ARG A 1 171 ? 3.293   -16.516 -7.130  1.00 2.75  ? 150 ARG A CB  1 
ATOM   942  C CG  . ARG A 1 171 ? 3.129   -15.344 -8.086  1.00 3.07  ? 150 ARG A CG  1 
ATOM   943  C CD  . ARG A 1 171 ? 3.036   -13.969 -7.371  1.00 3.54  ? 150 ARG A CD  1 
ATOM   944  N NE  . ARG A 1 171 ? 2.919   -12.947 -8.418  1.00 6.10  ? 150 ARG A NE  1 
ATOM   945  C CZ  . ARG A 1 171 ? 1.781   -12.618 -9.024  1.00 4.75  ? 150 ARG A CZ  1 
ATOM   946  N NH1 . ARG A 1 171 ? 0.623   -13.161 -8.635  1.00 5.08  ? 150 ARG A NH1 1 
ATOM   947  N NH2 . ARG A 1 171 ? 1.791   -11.733 -10.007 1.00 3.78  ? 150 ARG A NH2 1 
ATOM   948  N N   . GLN A 1 172 ? 5.228   -19.124 -7.148  1.00 3.08  ? 151 GLN A N   1 
ATOM   949  C CA  . GLN A 1 172 ? 5.992   -19.996 -6.306  1.00 3.31  ? 151 GLN A CA  1 
ATOM   950  C C   . GLN A 1 172 ? 6.303   -19.221 -5.044  1.00 3.39  ? 151 GLN A C   1 
ATOM   951  O O   . GLN A 1 172 ? 6.898   -18.142 -5.115  1.00 2.98  ? 151 GLN A O   1 
ATOM   952  C CB  . GLN A 1 172 ? 7.286   -20.362 -7.012  1.00 3.27  ? 151 GLN A CB  1 
ATOM   953  C CG  . GLN A 1 172 ? 8.047   -21.512 -6.361  1.00 4.00  ? 151 GLN A CG  1 
ATOM   954  C CD  . GLN A 1 172 ? 9.109   -22.044 -7.291  1.00 6.38  ? 151 GLN A CD  1 
ATOM   955  O OE1 . GLN A 1 172 ? 10.111  -21.370 -7.558  1.00 7.12  ? 151 GLN A OE1 1 
ATOM   956  N NE2 . GLN A 1 172 ? 8.888   -23.248 -7.816  1.00 4.37  ? 151 GLN A NE2 1 
ATOM   957  N N   . ILE A 1 173 ? 5.880   -19.754 -3.894  1.00 3.28  ? 152 ILE A N   1 
ATOM   958  C CA  . ILE A 1 173 ? 6.127   -19.087 -2.619  1.00 2.72  ? 152 ILE A CA  1 
ATOM   959  C C   . ILE A 1 173 ? 7.481   -19.516 -2.087  1.00 3.27  ? 152 ILE A C   1 
ATOM   960  O O   . ILE A 1 173 ? 7.732   -20.697 -1.907  1.00 3.33  ? 152 ILE A O   1 
ATOM   961  C CB  . ILE A 1 173 ? 5.027   -19.361 -1.566  1.00 3.10  ? 152 ILE A CB  1 
ATOM   962  C CG1 . ILE A 1 173 ? 3.647   -18.863 -2.073  1.00 2.00  ? 152 ILE A CG1 1 
ATOM   963  C CG2 . ILE A 1 173 ? 5.418   -18.672 -0.227  1.00 2.24  ? 152 ILE A CG2 1 
ATOM   964  C CD1 . ILE A 1 173 ? 2.513   -19.117 -1.083  1.00 2.84  ? 152 ILE A CD1 1 
ATOM   965  N N   . THR A 1 174 ? 8.336   -18.538 -1.829  1.00 3.32  ? 153 THR A N   1 
ATOM   966  C CA  . THR A 1 174 ? 9.751   -18.786 -1.611  1.00 3.71  ? 153 THR A CA  1 
ATOM   967  C C   . THR A 1 174 ? 10.241  -18.253 -0.264  1.00 3.61  ? 153 THR A C   1 
ATOM   968  O O   . THR A 1 174 ? 9.633   -17.347 0.325   1.00 3.15  ? 153 THR A O   1 
ATOM   969  C CB  . THR A 1 174 ? 10.588  -18.137 -2.736  1.00 3.38  ? 153 THR A CB  1 
ATOM   970  O OG1 . THR A 1 174 ? 10.296  -16.736 -2.783  1.00 4.17  ? 153 THR A OG1 1 
ATOM   971  C CG2 . THR A 1 174 ? 10.296  -18.787 -4.116  1.00 4.13  ? 153 THR A CG2 1 
ATOM   972  N N   . ASN A 1 175 ? 11.354  -18.815 0.204   1.00 3.88  ? 154 ASN A N   1 
ATOM   973  C CA  . ASN A 1 175 ? 11.953  -18.433 1.498   1.00 4.33  ? 154 ASN A CA  1 
ATOM   974  C C   . ASN A 1 175 ? 11.040  -18.711 2.684   1.00 4.31  ? 154 ASN A C   1 
ATOM   975  O O   . ASN A 1 175 ? 10.964  -17.927 3.641   1.00 4.92  ? 154 ASN A O   1 
ATOM   976  C CB  . ASN A 1 175 ? 12.426  -16.981 1.452   1.00 4.16  ? 154 ASN A CB  1 
ATOM   977  C CG  . ASN A 1 175 ? 13.383  -16.750 0.316   1.00 4.34  ? 154 ASN A CG  1 
ATOM   978  O OD1 . ASN A 1 175 ? 14.429  -17.395 0.250   1.00 4.12  ? 154 ASN A OD1 1 
ATOM   979  N ND2 . ASN A 1 175 ? 13.020  -15.871 -0.615  1.00 3.43  ? 154 ASN A ND2 1 
ATOM   980  N N   . VAL A 1 176 ? 10.370  -19.857 2.598   1.00 4.22  ? 155 VAL A N   1 
ATOM   981  C CA  . VAL A 1 176 ? 9.481   -20.360 3.639   1.00 4.10  ? 155 VAL A CA  1 
ATOM   982  C C   . VAL A 1 176 ? 10.315  -21.204 4.594   1.00 4.28  ? 155 VAL A C   1 
ATOM   983  O O   . VAL A 1 176 ? 10.945  -22.198 4.186   1.00 3.89  ? 155 VAL A O   1 
ATOM   984  C CB  . VAL A 1 176 ? 8.332   -21.205 3.025   1.00 4.29  ? 155 VAL A CB  1 
ATOM   985  C CG1 . VAL A 1 176 ? 7.350   -21.721 4.093   1.00 4.06  ? 155 VAL A CG1 1 
ATOM   986  C CG2 . VAL A 1 176 ? 7.604   -20.409 1.981   1.00 4.10  ? 155 VAL A CG2 1 
ATOM   987  N N   . ALA A 1 177 ? 10.341  -20.790 5.860   1.00 4.21  ? 156 ALA A N   1 
ATOM   988  C CA  . ALA A 1 177 ? 10.971  -21.589 6.904   1.00 4.45  ? 156 ALA A CA  1 
ATOM   989  C C   . ALA A 1 177 ? 10.190  -22.870 7.091   1.00 4.30  ? 156 ALA A C   1 
ATOM   990  O O   . ALA A 1 177 ? 8.966   -22.909 6.852   1.00 4.59  ? 156 ALA A O   1 
ATOM   991  C CB  . ALA A 1 177 ? 11.050  -20.819 8.218   1.00 4.18  ? 156 ALA A CB  1 
ATOM   992  N N   . ALA A 1 178 ? 10.899  -23.918 7.507   1.00 4.21  ? 157 ALA A N   1 
ATOM   993  C CA  . ALA A 1 178 ? 10.270  -25.175 7.860   1.00 4.24  ? 157 ALA A CA  1 
ATOM   994  C C   . ALA A 1 178 ? 9.150   -24.937 8.873   1.00 4.33  ? 157 ALA A C   1 
ATOM   995  O O   . ALA A 1 178 ? 9.336   -24.219 9.875   1.00 3.99  ? 157 ALA A O   1 
ATOM   996  C CB  . ALA A 1 178 ? 11.300  -26.162 8.419   1.00 3.98  ? 157 ALA A CB  1 
ATOM   997  N N   . GLY A 1 179 ? 7.986   -25.519 8.601   1.00 4.04  ? 158 GLY A N   1 
ATOM   998  C CA  . GLY A 1 179 ? 6.861   -25.415 9.528   1.00 4.34  ? 158 GLY A CA  1 
ATOM   999  C C   . GLY A 1 179 ? 6.822   -26.601 10.483  1.00 4.86  ? 158 GLY A C   1 
ATOM   1000 O O   . GLY A 1 179 ? 7.372   -27.672 10.171  1.00 4.94  ? 158 GLY A O   1 
ATOM   1001 N N   . ARG A 1 180 ? 6.189   -26.420 11.642  1.00 4.96  ? 159 ARG A N   1 
ATOM   1002 C CA  . ARG A 1 180 ? 5.984   -27.529 12.591  1.00 5.62  ? 159 ARG A CA  1 
ATOM   1003 C C   . ARG A 1 180 ? 5.223   -28.651 11.885  1.00 5.74  ? 159 ARG A C   1 
ATOM   1004 O O   . ARG A 1 180 ? 4.240   -28.399 11.189  1.00 6.12  ? 159 ARG A O   1 
ATOM   1005 C CB  . ARG A 1 180 ? 5.172   -27.067 13.818  1.00 5.83  ? 159 ARG A CB  1 
ATOM   1006 C CG  . ARG A 1 180 ? 5.829   -26.055 14.765  1.00 6.89  ? 159 ARG A CG  1 
ATOM   1007 C CD  . ARG A 1 180 ? 4.756   -25.460 15.728  1.00 9.24  ? 159 ARG A CD  1 
ATOM   1008 N NE  . ARG A 1 180 ? 3.707   -24.704 15.013  1.00 12.02 ? 159 ARG A NE  1 
ATOM   1009 C CZ  . ARG A 1 180 ? 2.391   -24.734 15.290  1.00 13.53 ? 159 ARG A CZ  1 
ATOM   1010 N NH1 . ARG A 1 180 ? 1.908   -25.510 16.264  1.00 12.46 ? 159 ARG A NH1 1 
ATOM   1011 N NH2 . ARG A 1 180 ? 1.536   -23.989 14.570  1.00 11.25 ? 159 ARG A NH2 1 
ATOM   1012 N N   . ILE A 1 181 ? 5.688   -29.885 12.044  1.00 6.00  ? 160 ILE A N   1 
ATOM   1013 C CA  . ILE A 1 181 ? 4.958   -31.045 11.545  1.00 5.73  ? 160 ILE A CA  1 
ATOM   1014 C C   . ILE A 1 181 ? 4.305   -31.720 12.748  1.00 5.79  ? 160 ILE A C   1 
ATOM   1015 O O   . ILE A 1 181 ? 4.951   -32.476 13.473  1.00 5.73  ? 160 ILE A O   1 
ATOM   1016 C CB  . ILE A 1 181 ? 5.887   -32.009 10.748  1.00 6.11  ? 160 ILE A CB  1 
ATOM   1017 C CG1 . ILE A 1 181 ? 6.570   -31.258 9.596   1.00 6.64  ? 160 ILE A CG1 1 
ATOM   1018 C CG2 . ILE A 1 181 ? 5.094   -33.201 10.175  1.00 6.23  ? 160 ILE A CG2 1 
ATOM   1019 C CD1 . ILE A 1 181 ? 7.682   -32.050 8.929   1.00 10.77 ? 160 ILE A CD1 1 
ATOM   1020 N N   . SER A 1 182 ? 3.028   -31.401 12.962  1.00 5.42  ? 161 SER A N   1 
ATOM   1021 C CA  . SER A 1 182 ? 2.260   -31.895 14.103  1.00 5.38  ? 161 SER A CA  1 
ATOM   1022 C C   . SER A 1 182 ? 0.800   -31.808 13.728  1.00 4.95  ? 161 SER A C   1 
ATOM   1023 O O   . SER A 1 182 ? 0.457   -31.082 12.797  1.00 4.01  ? 161 SER A O   1 
ATOM   1024 C CB  . SER A 1 182 ? 2.525   -31.041 15.351  1.00 5.60  ? 161 SER A CB  1 
ATOM   1025 O OG  . SER A 1 182 ? 2.093   -29.702 15.145  1.00 6.64  ? 161 SER A OG  1 
ATOM   1026 N N   . ALA A 1 183 ? -0.058  -32.544 14.447  1.00 4.61  ? 162 ALA A N   1 
ATOM   1027 C CA  . ALA A 1 183 ? -1.525  -32.486 14.237  1.00 4.49  ? 162 ALA A CA  1 
ATOM   1028 C C   . ALA A 1 183 ? -2.112  -31.082 14.396  1.00 4.23  ? 162 ALA A C   1 
ATOM   1029 O O   . ALA A 1 183 ? -3.088  -30.734 13.730  1.00 3.62  ? 162 ALA A O   1 
ATOM   1030 C CB  . ALA A 1 183 ? -2.241  -33.461 15.188  1.00 4.07  ? 162 ALA A CB  1 
ATOM   1031 N N   . ALA A 1 184 ? -1.520  -30.297 15.295  1.00 4.50  ? 163 ALA A N   1 
ATOM   1032 C CA  . ALA A 1 184 ? -1.971  -28.924 15.578  1.00 4.43  ? 163 ALA A CA  1 
ATOM   1033 C C   . ALA A 1 184 ? -1.464  -27.905 14.566  1.00 4.63  ? 163 ALA A C   1 
ATOM   1034 O O   . ALA A 1 184 ? -1.969  -26.775 14.523  1.00 5.03  ? 163 ALA A O   1 
ATOM   1035 C CB  . ALA A 1 184 ? -1.520  -28.500 16.991  1.00 4.88  ? 163 ALA A CB  1 
ATOM   1036 N N   . SER A 1 185 ? -0.478  -28.280 13.759  1.00 4.14  ? 164 SER A N   1 
ATOM   1037 C CA  . SER A 1 185 ? 0.247   -27.276 12.973  1.00 4.58  ? 164 SER A CA  1 
ATOM   1038 C C   . SER A 1 185 ? -0.555  -26.650 11.827  1.00 4.37  ? 164 SER A C   1 
ATOM   1039 O O   . SER A 1 185 ? -1.067  -27.350 10.951  1.00 4.02  ? 164 SER A O   1 
ATOM   1040 C CB  . SER A 1 185 ? 1.567   -27.824 12.448  1.00 4.56  ? 164 SER A CB  1 
ATOM   1041 O OG  . SER A 1 185 ? 2.234   -26.841 11.662  1.00 5.69  ? 164 SER A OG  1 
ATOM   1042 N N   . THR A 1 186 ? -0.660  -25.321 11.863  1.00 4.37  ? 165 THR A N   1 
ATOM   1043 C CA  . THR A 1 186 ? -1.157  -24.557 10.717  1.00 4.38  ? 165 THR A CA  1 
ATOM   1044 C C   . THR A 1 186 ? -0.016  -23.778 10.056  1.00 4.65  ? 165 THR A C   1 
ATOM   1045 O O   . THR A 1 186 ? -0.249  -22.792 9.362   1.00 4.58  ? 165 THR A O   1 
ATOM   1046 C CB  . THR A 1 186 ? -2.295  -23.590 11.095  1.00 4.43  ? 165 THR A CB  1 
ATOM   1047 O OG1 . THR A 1 186 ? -1.865  -22.736 12.165  1.00 3.78  ? 165 THR A OG1 1 
ATOM   1048 C CG2 . THR A 1 186 ? -3.538  -24.371 11.502  1.00 4.10  ? 165 THR A CG2 1 
ATOM   1049 N N   . ASP A 1 187 ? 1.222   -24.216 10.287  1.00 4.61  ? 166 ASP A N   1 
ATOM   1050 C CA  . ASP A 1 187 ? 2.361   -23.657 9.548   1.00 3.94  ? 166 ASP A CA  1 
ATOM   1051 C C   . ASP A 1 187 ? 2.371   -24.224 8.125   1.00 4.03  ? 166 ASP A C   1 
ATOM   1052 O O   . ASP A 1 187 ? 2.046   -25.389 7.930   1.00 3.44  ? 166 ASP A O   1 
ATOM   1053 C CB  . ASP A 1 187 ? 3.691   -24.059 10.188  1.00 3.18  ? 166 ASP A CB  1 
ATOM   1054 C CG  . ASP A 1 187 ? 3.870   -23.551 11.620  1.00 4.69  ? 166 ASP A CG  1 
ATOM   1055 O OD1 . ASP A 1 187 ? 3.104   -22.670 12.086  1.00 3.72  ? 166 ASP A OD1 1 
ATOM   1056 O OD2 . ASP A 1 187 ? 4.822   -24.040 12.275  1.00 3.91  ? 166 ASP A OD2 1 
ATOM   1057 N N   . ALA A 1 188 ? 2.813   -23.430 7.148   1.00 3.82  ? 167 ALA A N   1 
ATOM   1058 C CA  . ALA A 1 188 ? 3.042   -23.964 5.814   1.00 3.69  ? 167 ALA A CA  1 
ATOM   1059 C C   . ALA A 1 188 ? 4.236   -24.907 5.881   1.00 4.53  ? 167 ALA A C   1 
ATOM   1060 O O   . ALA A 1 188 ? 5.097   -24.758 6.760   1.00 4.48  ? 167 ALA A O   1 
ATOM   1061 C CB  . ALA A 1 188 ? 3.318   -22.860 4.847   1.00 3.34  ? 167 ALA A CB  1 
ATOM   1062 N N   . VAL A 1 189 ? 4.290   -25.875 4.972   1.00 5.20  ? 168 VAL A N   1 
ATOM   1063 C CA  . VAL A 1 189 ? 5.486   -26.714 4.864   1.00 6.16  ? 168 VAL A CA  1 
ATOM   1064 C C   . VAL A 1 189 ? 6.308   -26.393 3.623   1.00 6.34  ? 168 VAL A C   1 
ATOM   1065 O O   . VAL A 1 189 ? 5.765   -26.009 2.574   1.00 7.36  ? 168 VAL A O   1 
ATOM   1066 C CB  . VAL A 1 189 ? 5.177   -28.234 4.943   1.00 6.89  ? 168 VAL A CB  1 
ATOM   1067 C CG1 . VAL A 1 189 ? 4.194   -28.519 6.063   1.00 8.63  ? 168 VAL A CG1 1 
ATOM   1068 C CG2 . VAL A 1 189 ? 4.646   -28.749 3.654   1.00 7.04  ? 168 VAL A CG2 1 
ATOM   1069 N N   . ASN A 1 190 ? 7.617   -26.540 3.725   1.00 5.94  ? 169 ASN A N   1 
ATOM   1070 C CA  . ASN A 1 190 ? 8.428   -26.276 2.552   1.00 5.79  ? 169 ASN A CA  1 
ATOM   1071 C C   . ASN A 1 190 ? 8.849   -27.540 1.823   1.00 5.80  ? 169 ASN A C   1 
ATOM   1072 O O   . ASN A 1 190 ? 8.559   -28.650 2.273   1.00 5.62  ? 169 ASN A O   1 
ATOM   1073 C CB  . ASN A 1 190 ? 9.586   -25.320 2.853   1.00 5.45  ? 169 ASN A CB  1 
ATOM   1074 C CG  . ASN A 1 190 ? 10.686  -25.932 3.712   1.00 3.79  ? 169 ASN A CG  1 
ATOM   1075 O OD1 . ASN A 1 190 ? 10.954  -27.134 3.690   1.00 2.76  ? 169 ASN A OD1 1 
ATOM   1076 N ND2 . ASN A 1 190 ? 11.341  -25.072 4.478   1.00 4.17  ? 169 ASN A ND2 1 
ATOM   1077 N N   . GLY A 1 191 ? 9.506   -27.366 0.686   1.00 5.98  ? 170 GLY A N   1 
ATOM   1078 C CA  . GLY A 1 191 ? 9.839   -28.502 -0.172  1.00 6.22  ? 170 GLY A CA  1 
ATOM   1079 C C   . GLY A 1 191 ? 10.808  -29.481 0.456   1.00 6.15  ? 170 GLY A C   1 
ATOM   1080 O O   . GLY A 1 191 ? 10.729  -30.678 0.185   1.00 5.93  ? 170 GLY A O   1 
ATOM   1081 N N   . SER A 1 192 ? 11.726  -28.975 1.293   1.00 6.54  ? 171 SER A N   1 
ATOM   1082 C CA  . SER A 1 192 ? 12.694  -29.841 1.982   1.00 5.80  ? 171 SER A CA  1 
ATOM   1083 C C   . SER A 1 192 ? 12.013  -30.814 2.936   1.00 6.34  ? 171 SER A C   1 
ATOM   1084 O O   . SER A 1 192 ? 12.550  -31.878 3.238   1.00 5.96  ? 171 SER A O   1 
ATOM   1085 C CB  . SER A 1 192 ? 13.750  -29.025 2.733   1.00 5.64  ? 171 SER A CB  1 
ATOM   1086 O OG  . SER A 1 192 ? 13.243  -28.481 3.941   1.00 4.38  ? 171 SER A OG  1 
ATOM   1087 N N   . GLN A 1 193 ? 10.832  -30.442 3.407   1.00 6.54  ? 172 GLN A N   1 
ATOM   1088 C CA  . GLN A 1 193 ? 10.111  -31.243 4.380   1.00 6.82  ? 172 GLN A CA  1 
ATOM   1089 C C   . GLN A 1 193 ? 9.388   -32.380 3.671   1.00 7.76  ? 172 GLN A C   1 
ATOM   1090 O O   . GLN A 1 193 ? 9.408   -33.509 4.152   1.00 7.03  ? 172 GLN A O   1 
ATOM   1091 C CB  . GLN A 1 193 ? 9.146   -30.370 5.190   1.00 7.11  ? 172 GLN A CB  1 
ATOM   1092 C CG  . GLN A 1 193 ? 9.853   -29.377 6.118   1.00 5.68  ? 172 GLN A CG  1 
ATOM   1093 C CD  . GLN A 1 193 ? 8.869   -28.559 6.950   1.00 7.39  ? 172 GLN A CD  1 
ATOM   1094 O OE1 . GLN A 1 193 ? 8.203   -27.669 6.439   1.00 7.01  ? 172 GLN A OE1 1 
ATOM   1095 N NE2 . GLN A 1 193 ? 8.788   -28.855 8.237   1.00 7.62  ? 172 GLN A NE2 1 
ATOM   1096 N N   . LEU A 1 194 ? 8.859   -32.086 2.495   1.00 8.23  ? 173 LEU A N   1 
ATOM   1097 C CA  . LEU A 1 194 ? 8.235   -33.086 1.705   1.00 9.45  ? 173 LEU A CA  1 
ATOM   1098 C C   . LEU A 1 194 ? 9.298   -34.020 1.127   1.00 10.17 ? 173 LEU A C   1 
ATOM   1099 O O   . LEU A 1 194 ? 9.130   -35.174 1.103   1.00 9.70  ? 173 LEU A O   1 
ATOM   1100 C CB  . LEU A 1 194 ? 7.359   -32.514 0.627   1.00 9.52  ? 173 LEU A CB  1 
ATOM   1101 C CG  . LEU A 1 194 ? 6.443   -33.452 -0.089  1.00 9.94  ? 173 LEU A CG  1 
ATOM   1102 C CD1 . LEU A 1 194 ? 5.437   -34.257 0.805   1.00 9.88  ? 173 LEU A CD1 1 
ATOM   1103 C CD2 . LEU A 1 194 ? 5.837   -32.847 -1.309  1.00 9.66  ? 173 LEU A CD2 1 
ATOM   1104 N N   . TYR A 1 195 ? 10.420  -33.437 0.749   1.00 10.83 ? 174 TYR A N   1 
ATOM   1105 C CA  . TYR A 1 195 ? 11.577  -34.226 0.310   1.00 12.13 ? 174 TYR A CA  1 
ATOM   1106 C C   . TYR A 1 195 ? 11.981  -35.253 1.372   1.00 12.56 ? 174 TYR A C   1 
ATOM   1107 O O   . TYR A 1 195 ? 12.191  -36.429 1.060   1.00 11.51 ? 174 TYR A O   1 
ATOM   1108 C CB  . TYR A 1 195 ? 12.785  -33.341 -0.039  1.00 12.08 ? 174 TYR A CB  1 
ATOM   1109 C CG  . TYR A 1 195 ? 13.979  -34.154 -0.512  1.00 13.05 ? 174 TYR A CG  1 
ATOM   1110 C CD1 . TYR A 1 195 ? 14.044  -34.629 -1.819  1.00 14.33 ? 174 TYR A CD1 1 
ATOM   1111 C CD2 . TYR A 1 195 ? 15.025  -34.471 0.359   1.00 14.52 ? 174 TYR A CD2 1 
ATOM   1112 C CE1 . TYR A 1 195 ? 15.124  -35.386 -2.256  1.00 16.22 ? 174 TYR A CE1 1 
ATOM   1113 C CE2 . TYR A 1 195 ? 16.113  -35.237 -0.067  1.00 15.30 ? 174 TYR A CE2 1 
ATOM   1114 C CZ  . TYR A 1 195 ? 16.150  -35.685 -1.375  1.00 16.77 ? 174 TYR A CZ  1 
ATOM   1115 O OH  . TYR A 1 195 ? 17.212  -36.436 -1.812  1.00 18.53 ? 174 TYR A OH  1 
ATOM   1116 N N   . ALA A 1 196 ? 12.071  -34.786 2.617   1.00 13.54 ? 175 ALA A N   1 
ATOM   1117 C CA  . ALA A 1 196 ? 12.525  -35.605 3.733   1.00 15.45 ? 175 ALA A CA  1 
ATOM   1118 C C   . ALA A 1 196 ? 11.570  -36.749 4.033   1.00 17.04 ? 175 ALA A C   1 
ATOM   1119 O O   . ALA A 1 196 ? 12.005  -37.878 4.263   1.00 17.23 ? 175 ALA A O   1 
ATOM   1120 C CB  . ALA A 1 196 ? 12.748  -34.742 4.975   1.00 15.42 ? 175 ALA A CB  1 
ATOM   1121 N N   . THR A 1 197 ? 10.267  -36.466 4.004   1.00 18.57 ? 176 THR A N   1 
ATOM   1122 C CA  . THR A 1 197 ? 9.255   -37.488 4.299   1.00 20.08 ? 176 THR A CA  1 
ATOM   1123 C C   . THR A 1 197 ? 9.143   -38.533 3.179   1.00 20.79 ? 176 THR A C   1 
ATOM   1124 O O   . THR A 1 197 ? 8.534   -39.593 3.359   1.00 20.81 ? 176 THR A O   1 
ATOM   1125 C CB  . THR A 1 197 ? 7.873   -36.862 4.621   1.00 20.07 ? 176 THR A CB  1 
ATOM   1126 O OG1 . THR A 1 197 ? 7.410   -36.114 3.493   1.00 20.52 ? 176 THR A OG1 1 
ATOM   1127 C CG2 . THR A 1 197 ? 7.972   -35.938 5.821   1.00 20.95 ? 176 THR A CG2 1 
ATOM   1128 N N   . ASN A 1 198 ? 9.764   -38.233 2.040   1.00 21.62 ? 177 ASN A N   1 
ATOM   1129 C CA  . ASN A 1 198 ? 9.821   -39.149 0.909   1.00 22.62 ? 177 ASN A CA  1 
ATOM   1130 C C   . ASN A 1 198 ? 11.234  -39.622 0.562   1.00 22.69 ? 177 ASN A C   1 
ATOM   1131 O O   . ASN A 1 198 ? 11.422  -40.420 -0.365  1.00 22.70 ? 177 ASN A O   1 
ATOM   1132 C CB  . ASN A 1 198 ? 9.152   -38.508 -0.309  1.00 22.92 ? 177 ASN A CB  1 
ATOM   1133 C CG  . ASN A 1 198 ? 7.688   -38.225 -0.073  1.00 24.03 ? 177 ASN A CG  1 
ATOM   1134 O OD1 . ASN A 1 198 ? 7.275   -37.070 0.070   1.00 24.56 ? 177 ASN A OD1 1 
ATOM   1135 N ND2 . ASN A 1 198 ? 6.891   -39.288 0.003   1.00 24.97 ? 177 ASN A ND2 1 
HETATM 1136 I I   . IOD B 2 .   ? -0.970  54.008  9.611   0.80 37.81 ? 180 IOD A I   1 
HETATM 1137 I I   . IOD C 2 .   ? 0.816   43.696  0.694   0.41 48.03 ? 181 IOD A I   1 
HETATM 1138 I I   . IOD D 2 .   ? 9.603   4.412   -9.679  0.69 52.67 ? 182 IOD A I   1 
HETATM 1139 I I   . IOD E 2 .   ? -6.432  2.796   -12.722 0.45 32.61 ? 183 IOD A I   1 
HETATM 1140 I I   . IOD F 2 .   ? -16.239 -7.036  -7.471  0.96 38.66 ? 184 IOD A I   1 
HETATM 1141 I I   . IOD G 2 .   ? -0.407  -9.264  -14.498 0.94 55.35 ? 185 IOD A I   1 
HETATM 1142 I I   . IOD H 2 .   ? -12.162 -15.734 -10.316 0.31 35.61 ? 186 IOD A I   1 
HETATM 1143 I I   . IOD I 2 .   ? 7.506   -29.974 14.987  0.19 11.20 ? 187 IOD A I   1 
HETATM 1144 I I   . IOD J 2 .   ? 4.293   -37.624 2.309   0.23 27.70 ? 188 IOD A I   1 
HETATM 1145 O O   . HOH K 3 .   ? -3.673  -21.336 13.292  1.00 2.00  ? 189 HOH A O   1 
HETATM 1146 O O   . HOH K 3 .   ? 7.606   9.598   -5.795  1.00 5.10  ? 190 HOH A O   1 
HETATM 1147 O O   . HOH K 3 .   ? 5.734   7.973   -4.428  1.00 2.47  ? 191 HOH A O   1 
HETATM 1148 O O   . HOH K 3 .   ? -8.023  -5.169  -10.196 1.00 2.92  ? 192 HOH A O   1 
HETATM 1149 O O   . HOH K 3 .   ? 0.778   -34.093 16.760  1.00 7.35  ? 193 HOH A O   1 
HETATM 1150 O O   . HOH K 3 .   ? 5.585   8.506   -1.198  1.00 2.00  ? 194 HOH A O   1 
HETATM 1151 O O   . HOH K 3 .   ? 2.970   1.746   -6.048  1.00 4.59  ? 195 HOH A O   1 
HETATM 1152 O O   . HOH K 3 .   ? -1.232  -13.897 -10.582 1.00 4.40  ? 196 HOH A O   1 
HETATM 1153 O O   . HOH K 3 .   ? 12.604  -20.607 -1.549  1.00 2.00  ? 197 HOH A O   1 
HETATM 1154 O O   . HOH K 3 .   ? -3.723  -4.793  -17.720 1.00 5.12  ? 198 HOH A O   1 
HETATM 1155 O O   . HOH K 3 .   ? -0.193  -31.377 17.879  1.00 5.55  ? 199 HOH A O   1 
HETATM 1156 O O   . HOH K 3 .   ? 8.804   16.110  2.804   1.00 4.02  ? 200 HOH A O   1 
HETATM 1157 O O   . HOH K 3 .   ? 1.558   36.203  10.947  1.00 2.96  ? 201 HOH A O   1 
HETATM 1158 O O   . HOH K 3 .   ? -14.545 -15.732 3.138   1.00 5.33  ? 202 HOH A O   1 
HETATM 1159 O O   . HOH K 3 .   ? -9.235  -25.980 5.239   1.00 2.00  ? 203 HOH A O   1 
HETATM 1160 O O   . HOH K 3 .   ? 2.866   11.112  -10.290 1.00 4.61  ? 204 HOH A O   1 
HETATM 1161 O O   . HOH K 3 .   ? 12.109  2.403   -3.597  1.00 2.00  ? 205 HOH A O   1 
HETATM 1162 O O   . HOH K 3 .   ? 1.258   15.293  -10.806 1.00 2.06  ? 206 HOH A O   1 
HETATM 1163 O O   . HOH K 3 .   ? -1.594  -12.725 -13.728 1.00 12.61 ? 207 HOH A O   1 
HETATM 1164 O O   . HOH K 3 .   ? 7.413   24.022  7.014   1.00 2.89  ? 208 HOH A O   1 
HETATM 1165 O O   . HOH K 3 .   ? 4.286   30.790  8.633   1.00 3.68  ? 209 HOH A O   1 
HETATM 1166 O O   . HOH K 3 .   ? 10.273  33.450  1.221   1.00 21.99 ? 210 HOH A O   1 
HETATM 1167 O O   . HOH K 3 .   ? -5.691  39.302  4.306   1.00 6.72  ? 211 HOH A O   1 
HETATM 1168 O O   . HOH K 3 .   ? 3.176   13.708  -9.635  1.00 4.41  ? 212 HOH A O   1 
HETATM 1169 O O   . HOH K 3 .   ? 2.854   -2.008  -15.892 1.00 10.70 ? 213 HOH A O   1 
HETATM 1170 O O   . HOH K 3 .   ? 0.909   40.689  10.170  1.00 4.63  ? 214 HOH A O   1 
HETATM 1171 O O   . HOH K 3 .   ? -8.227  -17.505 -7.141  1.00 4.54  ? 215 HOH A O   1 
HETATM 1172 O O   . HOH K 3 .   ? -2.446  27.911  9.038   1.00 4.67  ? 216 HOH A O   1 
HETATM 1173 O O   . HOH K 3 .   ? -10.010 -5.298  -12.019 1.00 6.77  ? 217 HOH A O   1 
HETATM 1174 O O   . HOH K 3 .   ? 0.755   47.437  8.332   1.00 12.88 ? 218 HOH A O   1 
HETATM 1175 O O   . HOH K 3 .   ? -6.878  -17.136 -14.423 1.00 12.37 ? 219 HOH A O   1 
HETATM 1176 O O   . HOH K 3 .   ? 4.432   2.148   -9.950  1.00 8.25  ? 220 HOH A O   1 
HETATM 1177 O O   . HOH K 3 .   ? 6.751   19.912  6.438   1.00 10.96 ? 221 HOH A O   1 
HETATM 1178 O O   . HOH K 3 .   ? 4.375   -21.448 14.074  1.00 12.63 ? 222 HOH A O   1 
HETATM 1179 O O   . HOH K 3 .   ? -8.432  -18.018 -4.416  1.00 3.02  ? 223 HOH A O   1 
HETATM 1180 O O   . HOH K 3 .   ? -3.256  32.347  0.355   0.33 2.00  ? 224 HOH A O   1 
HETATM 1181 O O   . HOH K 3 .   ? 9.744   11.696  4.124   1.00 7.32  ? 225 HOH A O   1 
HETATM 1182 O O   . HOH K 3 .   ? 10.580  8.571   6.604   1.00 20.20 ? 226 HOH A O   1 
HETATM 1183 O O   . HOH K 3 .   ? 3.470   24.738  9.877   1.00 11.10 ? 227 HOH A O   1 
HETATM 1184 O O   . HOH K 3 .   ? 0.691   3.242   -5.327  1.00 6.64  ? 228 HOH A O   1 
HETATM 1185 O O   . HOH K 3 .   ? 3.701   -28.540 17.247  1.00 12.81 ? 229 HOH A O   1 
HETATM 1186 O O   . HOH K 3 .   ? -17.480 -13.982 -0.026  1.00 7.69  ? 230 HOH A O   1 
HETATM 1187 O O   . HOH K 3 .   ? 2.149   44.913  9.223   1.00 10.77 ? 231 HOH A O   1 
HETATM 1188 O O   . HOH K 3 .   ? -14.720 -1.763  -2.447  1.00 6.02  ? 232 HOH A O   1 
HETATM 1189 O O   . HOH K 3 .   ? 0.993   17.994  -10.781 1.00 11.45 ? 233 HOH A O   1 
HETATM 1190 O O   . HOH K 3 .   ? 4.717   9.457   -11.167 1.00 7.62  ? 234 HOH A O   1 
HETATM 1191 O O   . HOH K 3 .   ? -9.148  -1.304  -11.214 1.00 5.63  ? 235 HOH A O   1 
HETATM 1192 O O   . HOH K 3 .   ? 15.196  -32.320 3.416   1.00 11.56 ? 236 HOH A O   1 
HETATM 1193 O O   . HOH K 3 .   ? -9.612  -20.467 -4.197  1.00 15.04 ? 237 HOH A O   1 
HETATM 1194 O O   . HOH K 3 .   ? -17.481 -8.776  -3.207  1.00 13.95 ? 238 HOH A O   1 
HETATM 1195 O O   . HOH K 3 .   ? 10.827  27.423  0.744   1.00 14.15 ? 239 HOH A O   1 
HETATM 1196 O O   . HOH K 3 .   ? 1.944   41.213  3.318   1.00 9.88  ? 240 HOH A O   1 
HETATM 1197 O O   . HOH K 3 .   ? 0.712   10.479  -11.927 1.00 8.99  ? 241 HOH A O   1 
HETATM 1198 O O   . HOH K 3 .   ? 6.767   18.824  -8.617  1.00 7.54  ? 242 HOH A O   1 
HETATM 1199 O O   . HOH K 3 .   ? -4.164  -13.140 -13.377 1.00 10.79 ? 243 HOH A O   1 
HETATM 1200 O O   . HOH K 3 .   ? 6.667   32.983  6.695   1.00 15.42 ? 244 HOH A O   1 
HETATM 1201 O O   . HOH K 3 .   ? 7.006   31.451  -4.951  1.00 14.30 ? 245 HOH A O   1 
HETATM 1202 O O   . HOH K 3 .   ? -4.301  -26.030 15.497  1.00 8.43  ? 246 HOH A O   1 
HETATM 1203 O O   . HOH K 3 .   ? -15.540 -16.121 6.869   1.00 15.19 ? 247 HOH A O   1 
HETATM 1204 O O   . HOH K 3 .   ? -8.700  -5.170  -14.496 1.00 11.14 ? 248 HOH A O   1 
HETATM 1205 O O   . HOH K 3 .   ? -1.190  -19.882 -17.842 1.00 18.57 ? 249 HOH A O   1 
HETATM 1206 O O   . HOH K 3 .   ? 8.176   10.027  -9.250  1.00 5.29  ? 250 HOH A O   1 
HETATM 1207 O O   . HOH K 3 .   ? 6.998   2.979   -10.386 1.00 11.04 ? 251 HOH A O   1 
HETATM 1208 O O   . HOH K 3 .   ? -15.664 -17.705 -5.168  1.00 14.74 ? 252 HOH A O   1 
HETATM 1209 O O   . HOH K 3 .   ? -2.260  -6.914  -18.641 1.00 21.76 ? 253 HOH A O   1 
HETATM 1210 O O   . HOH K 3 .   ? 0.944   -22.791 -13.488 1.00 16.30 ? 254 HOH A O   1 
HETATM 1211 O O   . HOH K 3 .   ? 3.389   43.197  2.214   1.00 10.30 ? 255 HOH A O   1 
HETATM 1212 O O   . HOH K 3 .   ? 5.818   0.670   -14.248 1.00 24.53 ? 256 HOH A O   1 
HETATM 1213 O O   . HOH K 3 .   ? -3.595  11.016  -7.510  1.00 6.11  ? 257 HOH A O   1 
HETATM 1214 O O   . HOH K 3 .   ? -8.284  45.614  6.427   1.00 11.89 ? 258 HOH A O   1 
HETATM 1215 O O   . HOH K 3 .   ? -10.048 -18.852 -8.791  1.00 9.19  ? 259 HOH A O   1 
HETATM 1216 O O   . HOH K 3 .   ? -8.652  -9.792  4.643   1.00 2.00  ? 260 HOH A O   1 
HETATM 1217 O O   . HOH K 3 .   ? 2.721   26.103  12.111  1.00 11.17 ? 261 HOH A O   1 
HETATM 1218 O O   . HOH K 3 .   ? 6.275   37.149  9.657   1.00 12.66 ? 262 HOH A O   1 
HETATM 1219 O O   . HOH K 3 .   ? -14.608 -15.096 -6.510  1.00 17.26 ? 263 HOH A O   1 
HETATM 1220 O O   . HOH K 3 .   ? -2.314  47.243  10.794  1.00 17.34 ? 264 HOH A O   1 
HETATM 1221 O O   . HOH K 3 .   ? 6.052   26.170  6.061   1.00 2.00  ? 265 HOH A O   1 
HETATM 1222 O O   . HOH K 3 .   ? 5.878   23.451  9.165   1.00 10.66 ? 266 HOH A O   1 
HETATM 1223 O O   . HOH K 3 .   ? 10.508  24.605  0.814   1.00 12.55 ? 267 HOH A O   1 
HETATM 1224 O O   . HOH K 3 .   ? 10.383  23.421  -3.458  1.00 13.76 ? 268 HOH A O   1 
HETATM 1225 O O   . HOH K 3 .   ? 12.421  21.942  -4.436  1.00 27.47 ? 269 HOH A O   1 
HETATM 1226 O O   . HOH K 3 .   ? 8.906   33.867  -0.879  1.00 15.27 ? 270 HOH A O   1 
HETATM 1227 O O   . HOH K 3 .   ? 12.444  39.907  -0.928  1.00 19.99 ? 271 HOH A O   1 
HETATM 1228 O O   . HOH K 3 .   ? 7.882   44.562  2.812   1.00 15.46 ? 272 HOH A O   1 
HETATM 1229 O O   . HOH K 3 .   ? 9.947   29.497  -4.325  1.00 19.68 ? 273 HOH A O   1 
HETATM 1230 O O   . HOH K 3 .   ? 5.069   25.365  -6.559  1.00 20.69 ? 274 HOH A O   1 
HETATM 1231 O O   . HOH K 3 .   ? 10.115  18.639  3.233   1.00 43.05 ? 275 HOH A O   1 
HETATM 1232 O O   . HOH K 3 .   ? 12.022  11.341  -9.116  1.00 13.78 ? 276 HOH A O   1 
HETATM 1233 O O   . HOH K 3 .   ? 6.716   15.996  -8.709  1.00 9.61  ? 277 HOH A O   1 
HETATM 1234 O O   . HOH K 3 .   ? 4.898   20.054  -10.095 1.00 8.74  ? 278 HOH A O   1 
HETATM 1235 O O   . HOH K 3 .   ? 2.385   20.079  -9.643  1.00 15.29 ? 279 HOH A O   1 
HETATM 1236 O O   . HOH K 3 .   ? -2.900  16.520  -8.487  1.00 18.00 ? 280 HOH A O   1 
HETATM 1237 O O   . HOH K 3 .   ? -0.891  9.343   -10.026 1.00 8.11  ? 281 HOH A O   1 
HETATM 1238 O O   . HOH K 3 .   ? 9.256   -1.077  -14.974 1.00 24.79 ? 282 HOH A O   1 
HETATM 1239 O O   . HOH K 3 .   ? -0.231  0.367   -18.588 1.00 30.73 ? 283 HOH A O   1 
HETATM 1240 O O   . HOH K 3 .   ? -8.858  3.110   -11.029 1.00 15.54 ? 284 HOH A O   1 
HETATM 1241 O O   . HOH K 3 .   ? -9.427  2.903   -8.484  1.00 12.91 ? 285 HOH A O   1 
HETATM 1242 O O   . HOH K 3 .   ? -11.510 -12.440 -7.856  1.00 13.70 ? 286 HOH A O   1 
HETATM 1243 O O   . HOH K 3 .   ? -16.642 -10.673 -8.314  1.00 30.20 ? 287 HOH A O   1 
HETATM 1244 O O   . HOH K 3 .   ? -14.290 -18.051 1.422   1.00 17.32 ? 288 HOH A O   1 
HETATM 1245 O O   . HOH K 3 .   ? -16.808 -8.156  9.483   1.00 23.01 ? 289 HOH A O   1 
HETATM 1246 O O   . HOH K 3 .   ? -9.704  -16.779 -10.615 1.00 8.97  ? 290 HOH A O   1 
HETATM 1247 O O   . HOH K 3 .   ? -13.032 -22.082 -4.514  1.00 27.26 ? 291 HOH A O   1 
HETATM 1248 O O   . HOH K 3 .   ? -5.320  -30.495 15.068  1.00 13.42 ? 292 HOH A O   1 
HETATM 1249 O O   . HOH K 3 .   ? -6.201  -33.027 15.026  1.00 16.63 ? 293 HOH A O   1 
HETATM 1250 O O   . HOH K 3 .   ? -6.804  -25.976 13.975  1.00 10.88 ? 294 HOH A O   1 
HETATM 1251 O O   . HOH K 3 .   ? -9.636  -27.113 12.332  1.00 26.83 ? 295 HOH A O   1 
HETATM 1252 O O   . HOH K 3 .   ? -3.332  -23.797 -13.757 1.00 17.14 ? 296 HOH A O   1 
HETATM 1253 O O   . HOH K 3 .   ? -0.527  -23.586 -15.998 1.00 23.65 ? 297 HOH A O   1 
HETATM 1254 O O   . HOH K 3 .   ? -1.195  -13.678 -16.429 1.00 13.12 ? 298 HOH A O   1 
HETATM 1255 O O   . HOH K 3 .   ? 5.556   -22.644 -4.091  1.00 5.51  ? 299 HOH A O   1 
HETATM 1256 O O   . HOH K 3 .   ? 14.503  -18.801 -2.271  1.00 13.25 ? 300 HOH A O   1 
HETATM 1257 O O   . HOH K 3 .   ? 2.931   -25.064 1.958   0.33 7.22  ? 301 HOH A O   1 
HETATM 1258 O O   . HOH K 3 .   ? 18.899  -37.811 -0.381  1.00 26.51 ? 302 HOH A O   1 
HETATM 1259 O O   . HOH K 3 .   ? -3.098  -22.716 15.568  1.00 10.56 ? 303 HOH A O   1 
HETATM 1260 O O   . HOH K 3 .   ? -9.097  48.192  5.217   1.00 29.06 ? 304 HOH A O   1 
HETATM 1261 O O   . HOH K 3 .   ? -4.781  42.100  11.979  1.00 19.93 ? 305 HOH A O   1 
HETATM 1262 O O   . HOH K 3 .   ? 10.545  35.521  3.721   1.00 26.73 ? 306 HOH A O   1 
HETATM 1263 O O   . HOH K 3 .   ? 7.108   37.302  7.061   1.00 25.52 ? 307 HOH A O   1 
HETATM 1264 O O   . HOH K 3 .   ? 9.998   36.456  -2.903  1.00 26.11 ? 308 HOH A O   1 
HETATM 1265 O O   . HOH K 3 .   ? 9.808   32.640  -3.624  1.00 34.71 ? 309 HOH A O   1 
HETATM 1266 O O   . HOH K 3 .   ? 10.282  37.146  -6.146  1.00 24.54 ? 310 HOH A O   1 
HETATM 1267 O O   . HOH K 3 .   ? 10.758  6.701   -10.811 1.00 13.88 ? 311 HOH A O   1 
HETATM 1268 O O   . HOH K 3 .   ? 16.774  0.711   -8.684  1.00 30.00 ? 312 HOH A O   1 
HETATM 1269 O O   . HOH K 3 .   ? 15.718  0.724   -11.015 1.00 26.18 ? 313 HOH A O   1 
HETATM 1270 O O   . HOH K 3 .   ? 9.088   19.333  -9.658  1.00 20.30 ? 314 HOH A O   1 
HETATM 1271 O O   . HOH K 3 .   ? 5.221   22.652  -8.793  1.00 23.39 ? 315 HOH A O   1 
HETATM 1272 O O   . HOH K 3 .   ? 9.322   14.968  -9.210  1.00 25.39 ? 316 HOH A O   1 
HETATM 1273 O O   . HOH K 3 .   ? -3.004  15.248  -11.675 1.00 22.71 ? 317 HOH A O   1 
HETATM 1274 O O   . HOH K 3 .   ? 2.616   8.590   -13.217 1.00 20.77 ? 318 HOH A O   1 
HETATM 1275 O O   . HOH K 3 .   ? 2.550   5.984   -13.317 1.00 28.14 ? 319 HOH A O   1 
HETATM 1276 O O   . HOH K 3 .   ? 13.565  8.168   4.636   1.00 22.43 ? 320 HOH A O   1 
HETATM 1277 O O   . HOH K 3 .   ? -18.248 -4.263  -0.914  1.00 25.82 ? 321 HOH A O   1 
HETATM 1278 O O   . HOH K 3 .   ? -17.292 -2.290  -2.190  1.00 23.07 ? 322 HOH A O   1 
HETATM 1279 O O   . HOH K 3 .   ? -19.051 -7.473  -0.784  1.00 38.38 ? 323 HOH A O   1 
HETATM 1280 O O   . HOH K 3 .   ? -20.117 -9.823  4.284   1.00 37.10 ? 324 HOH A O   1 
HETATM 1281 O O   . HOH K 3 .   ? -19.402 -5.883  -5.498  1.00 28.70 ? 325 HOH A O   1 
HETATM 1282 O O   . HOH K 3 .   ? -19.651 -5.095  -3.311  1.00 32.90 ? 326 HOH A O   1 
HETATM 1283 O O   . HOH K 3 .   ? -18.907 -13.691 4.333   1.00 22.93 ? 327 HOH A O   1 
HETATM 1284 O O   . HOH K 3 .   ? -17.540 -16.651 -3.117  1.00 22.71 ? 328 HOH A O   1 
HETATM 1285 O O   . HOH K 3 .   ? -11.067 -35.824 10.291  1.00 26.46 ? 329 HOH A O   1 
HETATM 1286 O O   . HOH K 3 .   ? -14.249 -28.257 7.820   1.00 28.79 ? 330 HOH A O   1 
HETATM 1287 O O   . HOH K 3 .   ? 0.065   -15.717 -17.273 1.00 26.60 ? 331 HOH A O   1 
HETATM 1288 O O   . HOH K 3 .   ? 3.283   -21.742 16.879  1.00 31.84 ? 332 HOH A O   1 
HETATM 1289 O O   . HOH K 3 .   ? 4.299   24.643  13.777  1.00 21.48 ? 333 HOH A O   1 
HETATM 1290 O O   . HOH K 3 .   ? 1.318   3.747   -11.445 1.00 8.58  ? 334 HOH A O   1 
HETATM 1291 O O   . HOH K 3 .   ? 2.126   51.136  9.010   1.00 32.01 ? 335 HOH A O   1 
HETATM 1292 O O   . HOH K 3 .   ? 2.858   45.989  6.813   1.00 27.53 ? 336 HOH A O   1 
HETATM 1293 O O   . HOH K 3 .   ? 4.543   44.809  3.814   1.00 28.11 ? 337 HOH A O   1 
HETATM 1294 O O   . HOH K 3 .   ? -0.956  34.265  10.653  1.00 29.25 ? 338 HOH A O   1 
HETATM 1295 O O   . HOH K 3 .   ? 11.341  18.945  -8.327  1.00 29.28 ? 339 HOH A O   1 
HETATM 1296 O O   . HOH K 3 .   ? 13.132  17.645  -9.758  1.00 24.44 ? 340 HOH A O   1 
HETATM 1297 O O   . HOH K 3 .   ? 10.943  25.115  -5.852  1.00 30.59 ? 341 HOH A O   1 
HETATM 1298 O O   . HOH K 3 .   ? 8.681   25.875  -7.874  1.00 21.70 ? 342 HOH A O   1 
HETATM 1299 O O   . HOH K 3 .   ? 7.187   45.575  -1.332  1.00 34.95 ? 343 HOH A O   1 
HETATM 1300 O O   . HOH K 3 .   ? 5.649   27.808  -6.440  1.00 30.50 ? 344 HOH A O   1 
HETATM 1301 O O   . HOH K 3 .   ? 10.365  20.401  5.704   1.00 34.09 ? 345 HOH A O   1 
HETATM 1302 O O   . HOH K 3 .   ? 14.419  2.951   -12.283 1.00 33.37 ? 346 HOH A O   1 
HETATM 1303 O O   . HOH K 3 .   ? 11.748  23.581  -8.068  1.00 24.43 ? 347 HOH A O   1 
HETATM 1304 O O   . HOH K 3 .   ? 16.574  -34.489 3.671   1.00 20.45 ? 348 HOH A O   1 
HETATM 1305 O O   . HOH K 3 .   ? 16.146  -36.997 3.234   1.00 27.60 ? 349 HOH A O   1 
HETATM 1306 O O   . HOH K 3 .   ? 4.728   0.527   -17.622 1.00 36.99 ? 350 HOH A O   1 
HETATM 1307 O O   . HOH K 3 .   ? -18.667 -10.136 -0.624  1.00 35.61 ? 351 HOH A O   1 
HETATM 1308 O O   . HOH K 3 .   ? 5.984   -1.922  -14.961 1.00 16.03 ? 352 HOH A O   1 
HETATM 1309 O O   . HOH K 3 .   ? 12.624  14.883  -8.157  1.00 14.56 ? 353 HOH A O   1 
# 
